data_1QZW
#
_entry.id   1QZW
#
_cell.length_a   137.763
_cell.length_b   137.763
_cell.length_c   307.894
_cell.angle_alpha   90.00
_cell.angle_beta   90.00
_cell.angle_gamma   120.00
#
_symmetry.space_group_name_H-M   'P 31'
#
loop_
_entity.id
_entity.type
_entity.pdbx_description
1 polymer '7S RNA'
2 polymer 'Signal recognition 54 kDa protein'
#
loop_
_entity_poly.entity_id
_entity_poly.type
_entity_poly.pdbx_seq_one_letter_code
_entity_poly.pdbx_strand_id
1 'polyribonucleotide' (GTP)GCCGGGGGAACCGGCCAGGCCCGGAAGGGAGCAACCGUGCCCGGU(CCC) B,D,F,H
2 'polypeptide(L)'
;MGHHHHHHMLENIRDAVRKFLTGSTPYEKAVDEFIKDLQKSLISSDVNVKLVFSLTAKIKERLNKEKPPSVLERKEWFIS
IVYDELSKLFGGDKEPNVNPTKLPFIIMLVGVQGSGKTTTAGKLAYFYKKRGYKVGLVAADVYRPAAYDQLLQLGNQIGV
QVYGEPNNQNPIEIAKKGVDIFVKNKMDIIIVDTAGRHGYGEETKLLEEMKEMYDVLKPDDVILVIDASIGQKAYDLASR
FHQASPIGSVIITKMDGTAKGGGALSAVVATGATIKFIGTGEKIDELETFNAKRFVSRILGMGDIESILEKVKGLEEYDK
IQKKMEDVMEGKGKLTLRDVYAQIIALRKMGPLSKVLQHIPGLGIMLPTPSEDQLKIGEEKIRRWLAALNSMTYKELENP
NIIDKSRMRRIAEGSGLEVEEVRELLEWYNNMNRLLKMVK
;
A,C,E,G
#
loop_
_chem_comp.id
_chem_comp.type
_chem_comp.name
_chem_comp.formula
A RNA linking ADENOSINE-5'-MONOPHOSPHATE 'C10 H14 N5 O7 P'
C RNA linking CYTIDINE-5'-MONOPHOSPHATE 'C9 H14 N3 O8 P'
CCC RNA linking 'CYTIDINE-5'-PHOSPHATE-2',3'-CYCLIC PHOSPHATE' 'C9 H13 N3 O10 P2'
G RNA linking GUANOSINE-5'-MONOPHOSPHATE 'C10 H14 N5 O8 P'
GTP non-polymer GUANOSINE-5'-TRIPHOSPHATE 'C10 H16 N5 O14 P3'
U RNA linking URIDINE-5'-MONOPHOSPHATE 'C9 H13 N2 O9 P'
#
# COMPACT_ATOMS: atom_id res chain seq x y z
PG GTP A 1 2.77 -6.82 -73.61
O1G GTP A 1 1.28 -7.36 -73.40
O2G GTP A 1 2.92 -7.07 -75.06
O3G GTP A 1 3.44 -7.42 -72.41
O3B GTP A 1 2.50 -5.33 -73.37
PB GTP A 1 2.46 -4.73 -71.97
O1B GTP A 1 3.86 -4.64 -71.56
O2B GTP A 1 1.99 -3.30 -71.88
O3A GTP A 1 2.13 -5.62 -71.05
PA GTP A 1 0.64 -5.46 -70.64
O1A GTP A 1 -0.05 -5.55 -72.01
O2A GTP A 1 0.50 -4.12 -69.87
O5' GTP A 1 0.18 -6.66 -69.67
C5' GTP A 1 0.69 -8.00 -69.84
C4' GTP A 1 1.84 -8.29 -68.87
O4' GTP A 1 2.99 -7.42 -69.14
C3' GTP A 1 1.58 -8.11 -67.38
O3' GTP A 1 0.92 -6.83 -67.27
C2' GTP A 1 3.01 -7.97 -66.85
O2' GTP A 1 3.75 -9.16 -66.65
C1' GTP A 1 3.65 -7.09 -67.92
N9 GTP A 1 3.38 -5.70 -67.56
C8 GTP A 1 2.96 -4.66 -68.36
N7 GTP A 1 2.68 -3.57 -67.71
C5 GTP A 1 2.97 -3.87 -66.38
C6 GTP A 1 2.86 -3.08 -65.17
O6 GTP A 1 2.46 -1.89 -65.04
N1 GTP A 1 3.28 -3.79 -64.04
C2 GTP A 1 3.72 -5.10 -64.05
N2 GTP A 1 4.07 -5.62 -62.88
N3 GTP A 1 3.83 -5.84 -65.15
C4 GTP A 1 3.43 -5.17 -66.28
PC CCC A 47 8.88 -5.90 -49.50
O1C CCC A 47 10.24 -5.74 -50.13
O2C CCC A 47 8.25 -7.25 -49.38
P CCC A 47 7.79 -3.60 -53.45
OP1 CCC A 47 8.38 -3.60 -54.83
OP2 CCC A 47 7.67 -4.89 -52.72
O5' CCC A 47 8.68 -2.57 -52.61
C5' CCC A 47 8.17 -1.92 -51.45
C4' CCC A 47 8.50 -2.75 -50.24
O4' CCC A 47 8.61 -1.89 -49.07
C3' CCC A 47 7.44 -3.79 -49.85
O3' CCC A 47 7.86 -5.03 -50.38
C2' CCC A 47 7.73 -4.01 -48.36
O2' CCC A 47 8.74 -5.03 -48.15
C1' CCC A 47 8.17 -2.60 -47.92
N1 CCC A 47 7.20 -1.76 -47.15
C2 CCC A 47 7.51 -0.37 -46.93
O2 CCC A 47 8.54 0.12 -47.42
N3 CCC A 47 6.65 0.38 -46.20
C4 CCC A 47 5.54 -0.17 -45.69
N4 CCC A 47 4.72 0.62 -44.96
C5 CCC A 47 5.20 -1.55 -45.90
C6 CCC A 47 6.05 -2.29 -46.63
PG GTP B 1 1.38 38.40 63.18
O1G GTP B 1 2.70 37.55 63.45
O2G GTP B 1 1.27 39.11 64.48
O3G GTP B 1 0.52 37.36 62.53
O3B GTP B 1 1.95 39.36 62.13
PB GTP B 1 2.03 38.97 60.65
O1B GTP B 1 0.65 39.10 60.16
O2B GTP B 1 2.79 39.92 59.76
O3A GTP B 1 2.09 37.67 60.48
PA GTP B 1 3.56 37.23 60.17
O1A GTP B 1 4.30 37.84 61.37
O2A GTP B 1 3.94 37.78 58.77
O5' GTP B 1 3.69 35.63 60.15
C5' GTP B 1 2.91 34.80 61.04
C4' GTP B 1 1.66 34.23 60.35
O4' GTP B 1 0.75 35.32 59.96
C3' GTP B 1 1.86 33.42 59.07
O3' GTP B 1 2.76 34.21 58.27
C2' GTP B 1 0.46 33.52 58.45
O2' GTP B 1 -0.53 32.63 58.95
C1' GTP B 1 0.10 34.98 58.73
N9 GTP B 1 0.64 35.79 57.63
C8 GTP B 1 1.32 36.98 57.70
N7 GTP B 1 1.80 37.37 56.54
C5 GTP B 1 1.36 36.40 55.64
C6 GTP B 1 1.55 36.27 54.21
O6 GTP B 1 2.19 37.02 53.43
N1 GTP B 1 0.93 35.13 53.70
C2 GTP B 1 0.21 34.23 54.45
N2 GTP B 1 -0.32 33.18 53.79
N3 GTP B 1 0.02 34.33 55.77
C4 GTP B 1 0.62 35.43 56.28
PC CCC B 47 -5.93 25.99 42.90
O1C CCC B 47 -7.18 26.77 43.20
O2C CCC B 47 -5.63 24.73 43.66
P CCC B 47 -4.13 29.90 44.77
OP1 CCC B 47 -4.60 30.85 45.82
OP2 CCC B 47 -4.33 28.44 44.96
O5' CCC B 47 -4.83 30.38 43.41
C5' CCC B 47 -4.26 30.07 42.14
C4' CCC B 47 -4.84 28.77 41.64
O4' CCC B 47 -4.84 28.77 40.19
C3' CCC B 47 -4.06 27.52 42.04
O3' CCC B 47 -4.70 26.96 43.16
C2' CCC B 47 -4.49 26.52 40.95
O2' CCC B 47 -5.70 25.82 41.32
C1' CCC B 47 -4.63 27.44 39.72
N1 CCC B 47 -3.57 27.43 38.68
C2 CCC B 47 -3.57 28.43 37.65
O2 CCC B 47 -4.45 29.32 37.67
N3 CCC B 47 -2.62 28.39 36.69
C4 CCC B 47 -1.69 27.43 36.69
N4 CCC B 47 -0.78 27.43 35.72
C5 CCC B 47 -1.65 26.41 37.72
C6 CCC B 47 -2.59 26.46 38.68
PG GTP C 1 55.69 -10.54 47.69
O1G GTP C 1 54.95 -9.40 48.51
O2G GTP C 1 56.91 -10.71 48.54
O3G GTP C 1 55.50 -10.04 46.29
O3B GTP C 1 54.72 -11.68 47.98
PB GTP C 1 53.44 -11.89 47.16
O1B GTP C 1 53.90 -12.48 45.90
O2B GTP C 1 52.47 -12.92 47.67
O3A GTP C 1 53.02 -10.77 46.60
PA GTP C 1 51.82 -10.18 47.40
O1A GTP C 1 52.42 -10.11 48.82
O2A GTP C 1 50.61 -11.12 47.22
O5' GTP C 1 51.43 -8.72 46.87
C5' GTP C 1 52.42 -7.79 46.38
C4' GTP C 1 52.54 -7.81 44.85
O4' GTP C 1 52.98 -9.13 44.38
C3' GTP C 1 51.27 -7.54 44.04
O3' GTP C 1 50.26 -8.36 44.64
C2' GTP C 1 51.64 -8.15 42.69
O2' GTP C 1 52.46 -7.38 41.83
C1' GTP C 1 52.36 -9.44 43.12
N9 GTP C 1 51.33 -10.48 43.31
C8 GTP C 1 51.19 -11.37 44.35
N7 GTP C 1 50.09 -12.07 44.29
C5 GTP C 1 49.46 -11.63 43.11
C6 GTP C 1 48.20 -12.02 42.50
O6 GTP C 1 47.36 -12.86 42.90
N1 GTP C 1 47.98 -11.31 41.31
C2 GTP C 1 48.82 -10.37 40.78
N2 GTP C 1 48.43 -9.80 39.62
N3 GTP C 1 49.97 -10.01 41.33
C4 GTP C 1 50.23 -10.66 42.49
PC CCC C 47 41.98 -8.70 27.02
O1C CCC C 47 43.11 -9.55 26.51
O2C CCC C 47 42.15 -7.21 27.13
P CCC C 47 43.08 -11.11 30.89
OP1 CCC C 47 44.36 -11.66 31.42
OP2 CCC C 47 43.07 -9.76 30.25
O5' CCC C 47 42.54 -12.21 29.86
C5' CCC C 47 41.15 -12.29 29.54
C4' CCC C 47 40.87 -11.45 28.34
O4' CCC C 47 39.74 -12.00 27.61
C3' CCC C 47 40.47 -10.00 28.63
O3' CCC C 47 41.62 -9.20 28.49
C2' CCC C 47 39.69 -9.61 27.37
O2' CCC C 47 40.57 -9.09 26.34
C1' CCC C 47 39.00 -10.93 27.01
N1 CCC C 47 37.55 -11.09 27.30
C2 CCC C 47 36.95 -12.39 27.18
O2 CCC C 47 37.64 -13.37 26.86
N3 CCC C 47 35.61 -12.52 27.42
C4 CCC C 47 34.88 -11.46 27.76
N4 CCC C 47 33.57 -11.64 27.97
C5 CCC C 47 35.46 -10.14 27.90
C6 CCC C 47 36.78 -10.02 27.67
PG GTP D 1 -60.01 -22.05 -37.22
O1G GTP D 1 -59.06 -21.77 -38.48
O2G GTP D 1 -61.27 -22.36 -37.94
O3G GTP D 1 -59.60 -20.92 -36.34
O3B GTP D 1 -59.36 -23.35 -36.76
PB GTP D 1 -58.13 -23.36 -35.85
O1B GTP D 1 -58.63 -23.02 -34.52
O2B GTP D 1 -57.48 -24.70 -35.63
O3A GTP D 1 -57.40 -22.26 -35.99
PA GTP D 1 -56.15 -22.53 -36.88
O1A GTP D 1 -56.82 -23.12 -38.13
O2A GTP D 1 -55.21 -23.47 -36.09
O5' GTP D 1 -55.38 -21.17 -37.20
C5' GTP D 1 -56.09 -19.92 -37.40
C4' GTP D 1 -56.09 -19.06 -36.13
O4' GTP D 1 -56.81 -19.74 -35.05
C3' GTP D 1 -54.75 -18.69 -35.52
O3' GTP D 1 -54.01 -19.93 -35.48
C2' GTP D 1 -55.16 -18.35 -34.08
O2' GTP D 1 -55.70 -17.05 -33.87
C1' GTP D 1 -56.20 -19.43 -33.79
N9 GTP D 1 -55.47 -20.60 -33.29
C8 GTP D 1 -55.64 -21.92 -33.63
N7 GTP D 1 -54.74 -22.71 -33.10
C5 GTP D 1 -53.94 -21.86 -32.32
C6 GTP D 1 -52.78 -22.14 -31.49
O6 GTP D 1 -52.20 -23.22 -31.28
N1 GTP D 1 -52.30 -20.97 -30.88
C2 GTP D 1 -52.86 -19.71 -31.04
N2 GTP D 1 -52.25 -18.71 -30.37
N3 GTP D 1 -53.92 -19.45 -31.79
C4 GTP D 1 -54.41 -20.56 -32.40
PC CCC D 47 -44.89 -12.35 -20.02
O1C CCC D 47 -46.15 -12.48 -19.22
O2C CCC D 47 -44.70 -11.20 -20.95
P CCC D 47 -46.82 -16.17 -21.96
OP1 CCC D 47 -48.23 -16.59 -22.21
OP2 CCC D 47 -46.44 -14.74 -22.19
O5' CCC D 47 -46.49 -16.59 -20.46
C5' CCC D 47 -45.15 -16.82 -20.04
C4' CCC D 47 -44.58 -15.54 -19.49
O4' CCC D 47 -43.57 -15.84 -18.48
C3' CCC D 47 -43.86 -14.65 -20.50
O3' CCC D 47 -44.77 -13.66 -20.91
C2' CCC D 47 -42.93 -13.82 -19.61
O2' CCC D 47 -43.58 -12.64 -19.11
C1' CCC D 47 -42.55 -14.84 -18.51
N1 CCC D 47 -41.21 -15.48 -18.55
C2 CCC D 47 -40.95 -16.59 -17.68
O2 CCC D 47 -41.84 -17.03 -16.93
N3 CCC D 47 -39.70 -17.15 -17.69
C4 CCC D 47 -38.76 -16.67 -18.50
N4 CCC D 47 -37.55 -17.25 -18.46
C5 CCC D 47 -39.00 -15.57 -19.40
C6 CCC D 47 -40.23 -15.02 -19.39
N MET E 9 -44.79 12.54 -18.65
CA MET E 9 -44.37 13.91 -18.23
C MET E 9 -44.31 14.84 -19.44
N LEU E 10 -43.14 15.45 -19.65
CA LEU E 10 -42.95 16.36 -20.77
C LEU E 10 -43.32 15.63 -22.06
N GLU E 11 -42.57 14.57 -22.34
CA GLU E 11 -42.75 13.75 -23.53
C GLU E 11 -44.12 14.01 -24.10
N ASN E 12 -45.14 13.58 -23.38
CA ASN E 12 -46.50 13.80 -23.82
C ASN E 12 -46.85 15.30 -23.70
N ILE E 13 -46.28 16.07 -24.63
CA ILE E 13 -46.45 17.50 -24.77
C ILE E 13 -45.89 17.64 -26.16
N ARG E 14 -44.83 16.87 -26.36
CA ARG E 14 -44.12 16.79 -27.63
C ARG E 14 -45.16 16.29 -28.63
N ASP E 15 -46.37 16.13 -28.12
CA ASP E 15 -47.49 15.65 -28.90
C ASP E 15 -48.29 16.88 -29.21
N ALA E 16 -48.34 17.78 -28.24
CA ALA E 16 -49.03 19.03 -28.42
C ALA E 16 -48.51 19.50 -29.76
N VAL E 17 -47.31 19.04 -30.07
CA VAL E 17 -46.65 19.35 -31.32
C VAL E 17 -47.60 19.10 -32.48
N ARG E 18 -47.87 17.83 -32.78
CA ARG E 18 -48.78 17.53 -33.89
C ARG E 18 -50.20 17.75 -33.42
N LYS E 19 -50.41 17.66 -32.11
CA LYS E 19 -51.73 17.89 -31.54
C LYS E 19 -52.12 19.26 -32.03
N PHE E 20 -51.10 19.98 -32.47
CA PHE E 20 -51.20 21.31 -32.99
C PHE E 20 -51.43 21.29 -34.49
N LEU E 21 -50.83 20.32 -35.16
CA LEU E 21 -50.98 20.19 -36.61
C LEU E 21 -52.40 19.77 -36.93
N THR E 22 -53.33 20.65 -36.57
CA THR E 22 -54.75 20.43 -36.77
C THR E 22 -55.43 21.71 -37.26
N GLY E 23 -55.71 21.75 -38.57
CA GLY E 23 -56.37 22.92 -39.14
C GLY E 23 -57.74 23.14 -38.50
N SER E 24 -58.39 22.03 -38.12
CA SER E 24 -59.70 22.03 -37.48
C SER E 24 -59.76 23.17 -36.44
N THR E 25 -59.03 22.98 -35.34
CA THR E 25 -58.98 23.98 -34.30
C THR E 25 -58.33 25.26 -34.82
N PRO E 26 -58.84 26.41 -34.34
CA PRO E 26 -58.46 27.78 -34.66
C PRO E 26 -57.00 28.15 -34.54
N TYR E 27 -56.78 29.27 -33.86
CA TYR E 27 -55.47 29.81 -33.65
C TYR E 27 -55.33 30.40 -32.26
N GLU E 28 -54.51 31.43 -32.13
CA GLU E 28 -54.19 32.12 -30.87
C GLU E 28 -54.53 31.33 -29.60
N LYS E 29 -55.82 31.10 -29.37
CA LYS E 29 -56.23 30.33 -28.20
C LYS E 29 -55.37 29.07 -28.29
N ALA E 30 -55.51 28.39 -29.42
CA ALA E 30 -54.76 27.17 -29.70
C ALA E 30 -53.40 27.38 -29.04
N VAL E 31 -52.82 28.51 -29.35
CA VAL E 31 -51.52 28.89 -28.84
C VAL E 31 -51.43 28.86 -27.33
N ASP E 32 -51.78 29.99 -26.71
CA ASP E 32 -51.72 30.13 -25.27
C ASP E 32 -51.95 28.81 -24.55
N GLU E 33 -53.04 28.13 -24.88
CA GLU E 33 -53.28 26.84 -24.23
C GLU E 33 -51.96 26.16 -24.33
N PHE E 34 -51.73 25.62 -25.51
CA PHE E 34 -50.49 24.94 -25.81
C PHE E 34 -49.43 25.52 -24.92
N ILE E 35 -49.29 26.84 -24.99
CA ILE E 35 -48.31 27.52 -24.18
C ILE E 35 -48.46 26.93 -22.79
N LYS E 36 -49.50 27.37 -22.10
CA LYS E 36 -49.79 26.90 -20.76
C LYS E 36 -49.65 25.40 -20.72
N ASP E 37 -50.32 24.74 -21.65
CA ASP E 37 -50.28 23.29 -21.74
C ASP E 37 -48.82 22.87 -21.63
N LEU E 38 -48.04 23.15 -22.66
CA LEU E 38 -46.64 22.81 -22.61
C LEU E 38 -46.22 23.37 -21.25
N GLN E 39 -46.40 24.67 -21.08
CA GLN E 39 -46.05 25.37 -19.86
C GLN E 39 -46.32 24.56 -18.62
N LYS E 40 -47.44 23.85 -18.64
CA LYS E 40 -47.80 23.04 -17.50
C LYS E 40 -46.80 21.88 -17.39
N SER E 41 -46.90 20.95 -18.35
CA SER E 41 -46.07 19.74 -18.45
C SER E 41 -44.67 19.86 -17.89
N LEU E 42 -44.20 21.11 -17.78
CA LEU E 42 -42.87 21.43 -17.31
C LEU E 42 -42.68 21.38 -15.80
N ILE E 43 -43.11 22.45 -15.17
CA ILE E 43 -42.98 22.55 -13.73
C ILE E 43 -43.46 21.24 -13.13
N SER E 44 -44.60 20.77 -13.62
CA SER E 44 -45.15 19.50 -13.13
C SER E 44 -44.03 18.48 -13.18
N SER E 45 -43.20 18.59 -14.20
CA SER E 45 -42.05 17.72 -14.36
C SER E 45 -40.86 18.50 -13.80
N ASP E 46 -40.89 18.70 -12.48
CA ASP E 46 -39.84 19.43 -11.80
C ASP E 46 -39.87 20.85 -12.34
N VAL E 47 -38.86 21.16 -13.13
CA VAL E 47 -38.73 22.47 -13.74
C VAL E 47 -38.94 23.64 -12.81
N ASN E 48 -37.99 24.56 -12.75
CA ASN E 48 -38.19 25.71 -11.89
C ASN E 48 -39.13 26.61 -12.66
N VAL E 49 -39.62 27.65 -12.03
CA VAL E 49 -40.54 28.54 -12.70
C VAL E 49 -40.14 30.00 -12.75
N LYS E 50 -39.60 30.51 -11.64
CA LYS E 50 -39.16 31.91 -11.55
C LYS E 50 -38.87 32.30 -12.98
N LEU E 51 -37.96 31.52 -13.54
CA LEU E 51 -37.51 31.62 -14.91
C LEU E 51 -38.73 31.74 -15.80
N VAL E 52 -39.31 30.58 -16.11
CA VAL E 52 -40.49 30.44 -16.95
C VAL E 52 -41.10 31.74 -17.41
N PHE E 53 -41.63 32.49 -16.44
CA PHE E 53 -42.22 33.79 -16.66
C PHE E 53 -41.43 34.39 -17.81
N SER E 54 -40.11 34.43 -17.61
CA SER E 54 -39.18 34.94 -18.61
C SER E 54 -39.46 34.29 -19.95
N LEU E 55 -39.28 32.98 -20.04
CA LEU E 55 -39.53 32.30 -21.30
C LEU E 55 -40.91 32.72 -21.81
N THR E 56 -41.92 32.11 -21.22
CA THR E 56 -43.30 32.40 -21.56
C THR E 56 -43.38 33.84 -22.03
N ALA E 57 -42.66 34.70 -21.32
CA ALA E 57 -42.62 36.11 -21.65
C ALA E 57 -42.00 36.26 -23.02
N LYS E 58 -40.67 36.30 -23.07
CA LYS E 58 -39.91 36.45 -24.32
C LYS E 58 -40.74 35.92 -25.46
N ILE E 59 -41.30 34.75 -25.22
CA ILE E 59 -42.17 34.09 -26.15
C ILE E 59 -43.08 35.21 -26.65
N LYS E 60 -44.03 35.59 -25.80
CA LYS E 60 -44.97 36.67 -26.09
C LYS E 60 -44.25 37.81 -26.80
N GLU E 61 -43.33 38.44 -26.07
CA GLU E 61 -42.54 39.55 -26.58
C GLU E 61 -42.56 39.54 -28.08
N ARG E 62 -41.84 38.57 -28.63
CA ARG E 62 -41.73 38.39 -30.05
C ARG E 62 -43.04 38.68 -30.79
N LEU E 63 -44.02 37.79 -30.64
CA LEU E 63 -45.33 37.97 -31.29
C LEU E 63 -45.62 39.41 -31.69
N ASN E 64 -45.88 40.23 -30.68
CA ASN E 64 -46.20 41.64 -30.85
C ASN E 64 -44.96 42.42 -31.31
N LYS E 65 -44.23 41.83 -32.25
CA LYS E 65 -43.00 42.42 -32.81
C LYS E 65 -42.55 41.62 -34.00
N GLU E 66 -43.44 40.79 -34.56
CA GLU E 66 -43.05 39.97 -35.70
C GLU E 66 -44.20 39.30 -36.39
N LYS E 67 -43.83 38.53 -37.39
CA LYS E 67 -44.76 37.77 -38.21
C LYS E 67 -43.92 36.85 -39.07
N PRO E 68 -44.49 35.72 -39.46
CA PRO E 68 -43.76 34.79 -40.31
C PRO E 68 -43.55 35.39 -41.67
N PRO E 69 -42.29 35.45 -42.12
CA PRO E 69 -42.12 36.03 -43.45
C PRO E 69 -43.22 35.40 -44.27
N SER E 70 -43.88 36.21 -45.08
CA SER E 70 -44.97 35.71 -45.90
C SER E 70 -44.55 34.37 -46.49
N VAL E 71 -45.41 33.83 -47.31
CA VAL E 71 -45.10 32.56 -47.95
C VAL E 71 -44.78 31.53 -46.90
N LEU E 72 -45.66 31.42 -45.92
CA LEU E 72 -45.48 30.43 -44.89
C LEU E 72 -46.40 30.52 -43.70
N GLU E 73 -47.28 29.51 -43.59
CA GLU E 73 -48.25 29.39 -42.52
C GLU E 73 -47.64 29.75 -41.17
N ARG E 74 -48.32 30.65 -40.47
CA ARG E 74 -47.92 31.15 -39.16
C ARG E 74 -47.67 29.98 -38.22
N LYS E 75 -48.77 29.30 -37.87
CA LYS E 75 -48.75 28.16 -36.98
C LYS E 75 -47.32 27.63 -36.91
N GLU E 76 -46.82 27.22 -38.06
CA GLU E 76 -45.46 26.70 -38.15
C GLU E 76 -44.53 27.69 -37.42
N TRP E 77 -44.17 28.80 -38.08
CA TRP E 77 -43.29 29.84 -37.51
C TRP E 77 -43.28 29.81 -35.99
N PHE E 78 -44.46 30.01 -35.44
CA PHE E 78 -44.69 29.98 -34.02
C PHE E 78 -43.58 29.12 -33.42
N ILE E 79 -43.54 27.89 -33.91
CA ILE E 79 -42.58 26.93 -33.46
C ILE E 79 -41.16 27.38 -33.49
N SER E 80 -40.64 27.53 -34.69
CA SER E 80 -39.27 27.97 -34.86
C SER E 80 -38.99 28.77 -33.63
N ILE E 81 -39.92 29.68 -33.34
CA ILE E 81 -39.84 30.54 -32.20
C ILE E 81 -39.88 29.75 -30.92
N VAL E 82 -40.94 28.96 -30.78
CA VAL E 82 -41.08 28.13 -29.61
C VAL E 82 -39.75 27.44 -29.50
N TYR E 83 -39.52 26.51 -30.42
CA TYR E 83 -38.28 25.77 -30.45
C TYR E 83 -37.20 26.73 -30.08
N ASP E 84 -37.02 27.70 -30.96
CA ASP E 84 -36.03 28.73 -30.81
C ASP E 84 -35.71 28.87 -29.34
N GLU E 85 -36.64 29.42 -28.58
CA GLU E 85 -36.45 29.66 -27.16
C GLU E 85 -36.31 28.44 -26.26
N LEU E 86 -36.78 27.30 -26.72
CA LEU E 86 -36.65 26.10 -25.92
C LEU E 86 -35.15 25.99 -25.75
N SER E 87 -34.45 26.15 -26.87
CA SER E 87 -33.01 26.10 -26.90
C SER E 87 -32.57 26.97 -25.72
N LYS E 88 -32.50 28.28 -25.97
CA LYS E 88 -32.11 29.26 -24.96
C LYS E 88 -32.62 28.86 -23.59
N LEU E 89 -33.89 28.48 -23.52
CA LEU E 89 -34.47 28.08 -22.27
C LEU E 89 -33.50 27.12 -21.63
N PHE E 90 -33.12 26.11 -22.38
CA PHE E 90 -32.17 25.14 -21.89
C PHE E 90 -30.81 25.57 -22.31
N GLY E 91 -29.93 24.59 -22.50
CA GLY E 91 -28.56 24.85 -22.91
C GLY E 91 -28.50 25.65 -24.19
N GLY E 92 -28.93 26.91 -24.08
CA GLY E 92 -28.98 27.85 -25.18
C GLY E 92 -28.16 27.39 -26.36
N ASP E 93 -26.98 27.98 -26.52
CA ASP E 93 -26.13 27.57 -27.61
C ASP E 93 -24.65 27.84 -27.48
N LYS E 94 -23.97 26.71 -27.48
CA LYS E 94 -22.54 26.58 -27.40
C LYS E 94 -22.49 25.10 -27.65
N GLU E 95 -21.75 24.70 -28.67
CA GLU E 95 -21.66 23.29 -28.95
C GLU E 95 -20.55 22.66 -28.13
N PRO E 96 -20.90 22.06 -26.98
CA PRO E 96 -19.91 21.41 -26.11
C PRO E 96 -18.80 20.70 -26.89
N ASN E 97 -17.56 20.90 -26.43
CA ASN E 97 -16.38 20.32 -27.07
C ASN E 97 -15.86 19.17 -26.20
N VAL E 98 -16.44 17.98 -26.37
CA VAL E 98 -16.08 16.82 -25.57
C VAL E 98 -14.88 16.02 -26.05
N ASN E 99 -14.31 16.42 -27.17
CA ASN E 99 -13.18 15.67 -27.70
C ASN E 99 -11.81 16.26 -27.36
N PRO E 100 -10.74 15.46 -27.56
CA PRO E 100 -9.32 15.77 -27.32
C PRO E 100 -8.75 17.16 -27.59
N THR E 101 -8.15 17.73 -26.55
CA THR E 101 -7.49 19.04 -26.58
C THR E 101 -6.09 18.68 -27.04
N LYS E 102 -5.68 17.52 -26.57
CA LYS E 102 -4.39 16.93 -26.85
C LYS E 102 -4.65 15.55 -26.32
N LEU E 103 -3.56 14.86 -26.07
CA LEU E 103 -3.66 13.53 -25.52
C LEU E 103 -2.36 13.31 -24.81
N PRO E 104 -2.41 12.51 -23.74
CA PRO E 104 -3.65 11.87 -23.31
C PRO E 104 -4.52 12.87 -22.57
N PHE E 105 -5.28 12.38 -21.58
CA PHE E 105 -6.16 13.26 -20.83
C PHE E 105 -6.47 12.96 -19.38
N ILE E 106 -6.99 13.99 -18.72
CA ILE E 106 -7.34 13.95 -17.30
C ILE E 106 -8.82 14.20 -17.02
N ILE E 107 -9.61 13.13 -16.88
CA ILE E 107 -11.02 13.32 -16.58
C ILE E 107 -11.24 13.28 -15.07
N MET E 108 -11.29 14.47 -14.47
CA MET E 108 -11.52 14.56 -13.04
C MET E 108 -13.01 14.47 -12.88
N LEU E 109 -13.41 13.39 -12.25
CA LEU E 109 -14.81 13.21 -12.07
C LEU E 109 -15.25 13.48 -10.66
N VAL E 110 -15.66 14.70 -10.45
CA VAL E 110 -16.12 15.12 -9.15
C VAL E 110 -17.62 14.82 -9.04
N GLY E 111 -17.97 14.04 -8.03
CA GLY E 111 -19.36 13.69 -7.83
C GLY E 111 -19.78 13.98 -6.42
N VAL E 112 -21.00 14.48 -6.26
CA VAL E 112 -21.57 14.77 -4.96
C VAL E 112 -21.57 13.43 -4.27
N GLN E 113 -22.64 13.12 -3.55
CA GLN E 113 -22.68 11.80 -2.97
C GLN E 113 -22.75 11.01 -4.26
N GLY E 114 -22.62 9.69 -4.18
CA GLY E 114 -22.71 8.88 -5.37
C GLY E 114 -23.92 9.24 -6.21
N SER E 115 -24.34 8.31 -7.07
CA SER E 115 -25.50 8.47 -7.99
C SER E 115 -24.95 8.78 -9.39
N GLY E 116 -24.74 7.72 -10.17
CA GLY E 116 -24.17 7.88 -11.50
C GLY E 116 -22.70 7.89 -11.13
N LYS E 117 -22.47 8.46 -9.94
CA LYS E 117 -21.18 8.59 -9.30
C LYS E 117 -20.22 7.82 -10.15
N THR E 118 -20.20 6.53 -9.90
CA THR E 118 -19.35 5.63 -10.63
C THR E 118 -19.93 5.45 -12.01
N THR E 119 -20.87 4.51 -12.07
CA THR E 119 -21.59 4.16 -13.26
C THR E 119 -21.10 5.08 -14.32
N THR E 120 -21.92 6.07 -14.60
CA THR E 120 -21.61 7.10 -15.56
C THR E 120 -20.35 6.71 -16.28
N ALA E 121 -19.23 7.06 -15.65
CA ALA E 121 -17.91 6.74 -16.17
C ALA E 121 -17.97 5.72 -17.30
N GLY E 122 -18.52 4.57 -16.98
CA GLY E 122 -18.62 3.52 -17.96
C GLY E 122 -18.90 4.00 -19.37
N LYS E 123 -20.18 3.97 -19.73
CA LYS E 123 -20.57 4.37 -21.06
C LYS E 123 -19.68 5.50 -21.50
N LEU E 124 -19.37 6.39 -20.57
CA LEU E 124 -18.53 7.49 -20.90
C LEU E 124 -17.29 6.90 -21.52
N ALA E 125 -16.51 6.27 -20.67
CA ALA E 125 -15.31 5.63 -21.12
C ALA E 125 -15.84 4.83 -22.27
N TYR E 126 -16.50 3.75 -21.91
CA TYR E 126 -17.11 2.85 -22.87
C TYR E 126 -17.23 3.52 -24.20
N PHE E 127 -17.98 4.61 -24.19
CA PHE E 127 -18.23 5.38 -25.37
C PHE E 127 -16.99 5.71 -26.20
N TYR E 128 -16.02 6.36 -25.57
CA TYR E 128 -14.80 6.75 -26.25
C TYR E 128 -13.91 5.65 -26.81
N LYS E 129 -14.01 4.44 -26.28
CA LYS E 129 -13.18 3.33 -26.79
C LYS E 129 -13.73 2.96 -28.17
N LYS E 130 -15.07 2.96 -28.28
CA LYS E 130 -15.76 2.67 -29.53
C LYS E 130 -15.72 3.98 -30.32
N ARG E 131 -14.56 4.62 -30.17
CA ARG E 131 -14.21 5.87 -30.81
C ARG E 131 -12.77 5.56 -31.22
N GLY E 132 -12.24 4.50 -30.61
CA GLY E 132 -10.90 4.02 -30.89
C GLY E 132 -9.77 4.58 -30.04
N TYR E 133 -9.92 4.56 -28.71
CA TYR E 133 -8.86 5.11 -27.86
C TYR E 133 -8.48 4.39 -26.58
N LYS E 134 -7.22 4.56 -26.18
CA LYS E 134 -6.70 3.91 -24.98
C LYS E 134 -7.26 4.64 -23.78
N VAL E 135 -8.39 4.15 -23.31
CA VAL E 135 -9.08 4.72 -22.17
C VAL E 135 -8.20 4.58 -20.95
N GLY E 136 -8.82 4.10 -19.85
CA GLY E 136 -8.11 3.90 -18.61
C GLY E 136 -8.93 4.53 -17.51
N LEU E 137 -9.25 3.76 -16.48
CA LEU E 137 -10.05 4.32 -15.42
C LEU E 137 -9.49 3.98 -14.08
N VAL E 138 -10.00 4.66 -13.06
CA VAL E 138 -9.55 4.44 -11.70
C VAL E 138 -10.61 4.73 -10.67
N ALA E 139 -10.66 3.86 -9.66
CA ALA E 139 -11.60 3.99 -8.56
C ALA E 139 -11.14 5.19 -7.71
N ALA E 140 -11.64 6.37 -8.03
CA ALA E 140 -11.26 7.56 -7.27
C ALA E 140 -12.28 7.91 -6.20
N ASP E 141 -12.63 6.93 -5.37
CA ASP E 141 -13.60 7.11 -4.30
C ASP E 141 -13.44 6.09 -3.17
N VAL E 142 -13.21 6.59 -1.96
CA VAL E 142 -13.02 5.73 -0.80
C VAL E 142 -13.79 6.18 0.42
N TYR E 143 -15.10 5.99 0.39
CA TYR E 143 -15.93 6.34 1.51
C TYR E 143 -17.06 5.34 1.45
N ARG E 144 -17.57 5.20 0.22
CA ARG E 144 -18.65 4.30 -0.06
C ARG E 144 -18.05 3.08 -0.77
N PRO E 145 -18.40 1.87 -0.31
CA PRO E 145 -18.03 0.49 -0.72
C PRO E 145 -17.65 0.12 -2.17
N ALA E 146 -18.58 -0.53 -2.86
CA ALA E 146 -18.44 -1.02 -4.24
C ALA E 146 -17.70 -0.17 -5.26
N ALA E 147 -16.59 0.44 -4.85
CA ALA E 147 -15.78 1.26 -5.72
C ALA E 147 -15.59 0.39 -6.95
N TYR E 148 -14.38 -0.09 -7.12
CA TYR E 148 -14.06 -0.98 -8.22
C TYR E 148 -15.31 -1.85 -8.32
N ASP E 149 -15.28 -2.94 -7.60
CA ASP E 149 -16.42 -3.84 -7.54
C ASP E 149 -17.44 -3.55 -8.62
N GLN E 150 -18.70 -3.33 -8.22
CA GLN E 150 -19.76 -3.07 -9.19
C GLN E 150 -19.19 -2.52 -10.48
N LEU E 151 -18.34 -1.52 -10.33
CA LEU E 151 -17.73 -0.93 -11.49
C LEU E 151 -16.88 -2.00 -12.10
N LEU E 152 -15.79 -2.33 -11.40
CA LEU E 152 -14.84 -3.30 -11.85
C LEU E 152 -15.40 -4.09 -13.01
N GLN E 153 -16.58 -4.67 -12.78
CA GLN E 153 -17.29 -5.48 -13.77
C GLN E 153 -16.96 -4.95 -15.15
N LEU E 154 -17.92 -4.26 -15.70
CA LEU E 154 -17.81 -3.60 -16.97
C LEU E 154 -16.36 -3.53 -17.48
N GLY E 155 -15.53 -2.83 -16.70
CA GLY E 155 -14.12 -2.65 -17.03
C GLY E 155 -13.58 -3.71 -17.97
N ASN E 156 -13.71 -4.97 -17.55
CA ASN E 156 -13.28 -6.10 -18.35
C ASN E 156 -14.41 -6.40 -19.32
N GLN E 157 -15.60 -6.52 -18.76
CA GLN E 157 -16.81 -6.85 -19.48
C GLN E 157 -17.05 -5.88 -20.64
N ILE E 158 -16.05 -5.02 -20.88
CA ILE E 158 -16.11 -4.07 -21.99
C ILE E 158 -14.77 -4.05 -22.71
N GLY E 159 -13.80 -4.76 -22.14
CA GLY E 159 -12.47 -4.80 -22.73
C GLY E 159 -11.71 -3.55 -22.37
N VAL E 160 -11.91 -3.07 -21.15
CA VAL E 160 -11.21 -1.87 -20.68
C VAL E 160 -10.75 -1.97 -19.23
N GLN E 161 -9.48 -2.26 -19.06
CA GLN E 161 -8.95 -2.39 -17.75
C GLN E 161 -9.21 -1.12 -16.98
N VAL E 162 -8.92 -1.20 -15.69
CA VAL E 162 -9.10 -0.09 -14.79
C VAL E 162 -8.11 -0.35 -13.66
N TYR E 163 -8.23 0.39 -12.57
CA TYR E 163 -7.33 0.22 -11.45
C TYR E 163 -7.74 0.96 -10.16
N GLY E 164 -7.45 0.34 -9.01
CA GLY E 164 -7.77 0.90 -7.72
C GLY E 164 -7.04 0.28 -6.53
N GLU E 165 -7.52 0.51 -5.32
CA GLU E 165 -6.88 -0.05 -4.15
C GLU E 165 -7.86 -0.43 -3.06
N PRO E 166 -8.13 -1.72 -2.95
CA PRO E 166 -9.04 -2.37 -2.00
C PRO E 166 -9.00 -1.65 -0.70
N ASN E 167 -10.16 -1.51 -0.11
CA ASN E 167 -10.26 -0.80 1.14
C ASN E 167 -9.48 0.44 0.77
N ASN E 168 -8.36 0.64 1.43
CA ASN E 168 -7.52 1.79 1.15
C ASN E 168 -8.33 3.08 1.00
N GLN E 169 -8.47 3.81 2.10
CA GLN E 169 -9.21 5.06 2.09
C GLN E 169 -8.25 6.24 2.02
N ASN E 170 -8.03 6.74 0.81
CA ASN E 170 -7.15 7.90 0.58
C ASN E 170 -6.96 8.19 -0.91
N PRO E 171 -7.62 9.24 -1.43
CA PRO E 171 -7.50 9.58 -2.84
C PRO E 171 -6.07 9.97 -3.17
N ILE E 172 -5.94 11.07 -3.88
CA ILE E 172 -4.63 11.59 -4.22
C ILE E 172 -3.70 10.50 -4.69
N GLU E 173 -2.82 10.07 -3.80
CA GLU E 173 -1.86 9.03 -4.08
C GLU E 173 -2.44 8.17 -5.18
N ILE E 174 -3.26 7.24 -4.73
CA ILE E 174 -3.95 6.30 -5.59
C ILE E 174 -4.22 6.92 -6.95
N ALA E 175 -4.85 8.08 -6.91
CA ALA E 175 -5.16 8.80 -8.12
C ALA E 175 -3.84 8.93 -8.84
N LYS E 176 -3.03 9.87 -8.36
CA LYS E 176 -1.71 10.10 -8.91
C LYS E 176 -1.20 8.78 -9.42
N LYS E 177 -1.11 7.84 -8.48
CA LYS E 177 -0.66 6.49 -8.77
C LYS E 177 -1.26 6.18 -10.12
N GLY E 178 -2.52 5.75 -10.11
CA GLY E 178 -3.20 5.41 -11.34
C GLY E 178 -2.62 6.28 -12.42
N VAL E 179 -3.30 7.36 -12.73
CA VAL E 179 -2.81 8.27 -13.72
C VAL E 179 -1.61 7.74 -14.49
N ASP E 180 -0.47 8.31 -14.14
CA ASP E 180 0.80 8.02 -14.76
C ASP E 180 0.97 6.61 -15.23
N ILE E 181 0.22 5.74 -14.62
CA ILE E 181 0.27 4.36 -14.99
C ILE E 181 0.06 4.29 -16.48
N PHE E 182 -1.21 4.23 -16.84
CA PHE E 182 -1.67 4.16 -18.21
C PHE E 182 -0.74 5.02 -18.98
N VAL E 183 -0.51 6.18 -18.41
CA VAL E 183 0.38 7.14 -18.98
C VAL E 183 1.69 6.45 -19.31
N LYS E 184 2.30 5.84 -18.30
CA LYS E 184 3.56 5.16 -18.48
C LYS E 184 3.39 4.19 -19.64
N ASN E 185 2.19 3.63 -19.74
CA ASN E 185 1.85 2.67 -20.79
C ASN E 185 1.42 3.46 -22.00
N LYS E 186 1.32 4.77 -21.78
CA LYS E 186 1.00 5.71 -22.84
C LYS E 186 -0.38 5.55 -23.43
N MET E 187 -1.39 5.41 -22.58
CA MET E 187 -2.72 5.26 -23.14
C MET E 187 -3.21 6.61 -23.60
N ASP E 188 -4.49 6.71 -23.91
CA ASP E 188 -4.99 7.94 -24.44
C ASP E 188 -5.93 8.75 -23.57
N ILE E 189 -6.87 8.09 -22.91
CA ILE E 189 -7.81 8.84 -22.09
C ILE E 189 -8.22 8.24 -20.76
N ILE E 190 -8.10 9.06 -19.73
CA ILE E 190 -8.44 8.62 -18.39
C ILE E 190 -9.69 9.25 -17.81
N ILE E 191 -10.40 8.42 -17.08
CA ILE E 191 -11.64 8.80 -16.44
C ILE E 191 -11.47 8.40 -14.98
N VAL E 192 -11.79 9.30 -14.06
CA VAL E 192 -11.66 8.94 -12.66
C VAL E 192 -12.67 9.61 -11.75
N ASP E 193 -13.67 8.85 -11.35
CA ASP E 193 -14.74 9.34 -10.49
C ASP E 193 -14.28 9.53 -9.08
N THR E 194 -14.68 10.64 -8.48
CA THR E 194 -14.32 10.93 -7.12
C THR E 194 -15.48 11.57 -6.38
N ALA E 195 -15.26 11.79 -5.10
CA ALA E 195 -16.25 12.39 -4.21
C ALA E 195 -15.67 12.50 -2.78
N GLY E 196 -16.53 12.83 -1.81
CA GLY E 196 -16.11 12.97 -0.43
C GLY E 196 -17.22 12.99 0.63
N ARG E 197 -16.85 12.66 1.88
CA ARG E 197 -17.76 12.59 3.04
C ARG E 197 -19.13 13.31 3.00
N HIS E 198 -19.10 14.65 2.96
CA HIS E 198 -20.30 15.50 2.91
C HIS E 198 -20.41 16.31 1.59
N GLY E 199 -21.57 16.19 0.93
CA GLY E 199 -21.80 16.86 -0.34
C GLY E 199 -22.86 17.95 -0.36
N TYR E 200 -24.04 17.66 -0.88
CA TYR E 200 -25.14 18.63 -0.97
C TYR E 200 -25.24 19.57 0.23
N GLY E 201 -25.13 20.87 -0.03
CA GLY E 201 -25.19 21.86 1.05
C GLY E 201 -23.78 22.01 1.61
N GLU E 202 -23.23 20.87 2.02
CA GLU E 202 -21.87 20.76 2.55
C GLU E 202 -21.07 20.67 1.26
N GLU E 203 -21.73 21.12 0.19
CA GLU E 203 -21.15 21.15 -1.13
C GLU E 203 -19.80 21.74 -0.83
N THR E 204 -19.87 22.91 -0.21
CA THR E 204 -18.71 23.68 0.23
C THR E 204 -17.52 22.76 0.50
N LYS E 205 -17.83 21.64 1.16
CA LYS E 205 -16.84 20.64 1.54
C LYS E 205 -16.51 19.71 0.38
N LEU E 206 -17.54 19.27 -0.33
CA LEU E 206 -17.36 18.39 -1.48
C LEU E 206 -16.24 19.03 -2.31
N LEU E 207 -16.57 20.14 -2.96
CA LEU E 207 -15.61 20.89 -3.77
C LEU E 207 -14.34 21.06 -2.97
N GLU E 208 -14.51 21.49 -1.73
CA GLU E 208 -13.42 21.70 -0.82
C GLU E 208 -12.47 20.53 -1.01
N GLU E 209 -13.05 19.36 -1.23
CA GLU E 209 -12.23 18.19 -1.44
C GLU E 209 -11.61 18.29 -2.81
N MET E 210 -12.45 18.34 -3.83
CA MET E 210 -11.98 18.43 -5.20
C MET E 210 -10.86 19.43 -5.30
N LYS E 211 -10.86 20.38 -4.39
CA LYS E 211 -9.84 21.39 -4.32
C LYS E 211 -8.53 20.65 -4.56
N GLU E 212 -7.94 20.17 -3.47
CA GLU E 212 -6.70 19.42 -3.55
C GLU E 212 -6.83 18.57 -4.78
N MET E 213 -7.71 17.59 -4.66
CA MET E 213 -8.01 16.67 -5.74
C MET E 213 -7.58 17.30 -7.07
N TYR E 214 -8.19 18.42 -7.41
CA TYR E 214 -7.86 19.10 -8.65
C TYR E 214 -6.43 19.59 -8.60
N ASP E 215 -6.28 20.66 -7.84
CA ASP E 215 -5.00 21.32 -7.68
C ASP E 215 -4.07 20.47 -6.86
N VAL E 216 -3.56 19.43 -7.51
CA VAL E 216 -2.62 18.50 -6.93
C VAL E 216 -2.28 17.61 -8.12
N LEU E 217 -3.32 17.36 -8.89
CA LEU E 217 -3.23 16.53 -10.07
C LEU E 217 -2.84 17.40 -11.24
N LYS E 218 -3.72 18.36 -11.53
CA LYS E 218 -3.59 19.30 -12.64
C LYS E 218 -4.35 18.73 -13.84
N PRO E 219 -5.66 18.46 -13.65
CA PRO E 219 -6.57 17.92 -14.67
C PRO E 219 -6.93 18.91 -15.76
N ASP E 220 -7.18 18.40 -16.96
CA ASP E 220 -7.53 19.27 -18.07
C ASP E 220 -9.02 19.41 -18.14
N ASP E 221 -9.70 18.28 -18.22
CA ASP E 221 -11.14 18.30 -18.30
C ASP E 221 -11.75 17.81 -16.99
N VAL E 222 -12.64 18.61 -16.41
CA VAL E 222 -13.28 18.25 -15.16
C VAL E 222 -14.79 18.29 -15.20
N ILE E 223 -15.41 17.34 -14.53
CA ILE E 223 -16.85 17.30 -14.58
C ILE E 223 -17.49 16.84 -13.30
N LEU E 224 -18.65 17.41 -13.05
CA LEU E 224 -19.48 17.06 -11.91
C LEU E 224 -20.65 16.42 -12.60
N VAL E 225 -21.52 15.80 -11.83
CA VAL E 225 -22.70 15.20 -12.40
C VAL E 225 -23.75 15.13 -11.35
N ILE E 226 -24.96 14.85 -11.80
CA ILE E 226 -26.08 14.82 -10.89
C ILE E 226 -27.26 14.16 -11.52
N ASP E 227 -28.08 13.56 -10.68
CA ASP E 227 -29.28 12.92 -11.17
C ASP E 227 -30.37 13.96 -11.13
N ALA E 228 -31.24 13.94 -12.14
CA ALA E 228 -32.36 14.87 -12.19
C ALA E 228 -33.17 14.65 -10.91
N SER E 229 -32.79 13.62 -10.17
CA SER E 229 -33.42 13.30 -8.90
C SER E 229 -33.47 14.59 -8.10
N ILE E 230 -32.34 15.29 -8.08
CA ILE E 230 -32.24 16.54 -7.37
C ILE E 230 -32.92 17.67 -8.16
N GLY E 231 -32.67 17.70 -9.46
CA GLY E 231 -33.28 18.71 -10.32
C GLY E 231 -32.87 20.15 -10.12
N GLN E 232 -33.74 21.07 -10.54
CA GLN E 232 -33.50 22.50 -10.44
C GLN E 232 -32.76 22.83 -9.15
N LYS E 233 -33.07 22.11 -8.08
CA LYS E 233 -32.40 22.33 -6.81
C LYS E 233 -30.91 22.37 -7.13
N ALA E 234 -30.42 21.23 -7.63
CA ALA E 234 -29.02 21.04 -8.02
C ALA E 234 -28.35 22.35 -8.34
N TYR E 235 -28.95 23.08 -9.27
CA TYR E 235 -28.49 24.40 -9.67
C TYR E 235 -27.27 24.71 -8.81
N ASP E 236 -27.55 25.46 -7.76
CA ASP E 236 -26.61 25.87 -6.74
C ASP E 236 -25.36 24.99 -6.72
N LEU E 237 -25.55 23.79 -6.20
CA LEU E 237 -24.49 22.81 -6.11
C LEU E 237 -23.50 23.11 -7.22
N ALA E 238 -23.87 22.67 -8.40
CA ALA E 238 -23.05 22.87 -9.57
C ALA E 238 -22.54 24.30 -9.57
N SER E 239 -23.50 25.22 -9.63
CA SER E 239 -23.21 26.65 -9.65
C SER E 239 -21.93 26.89 -8.90
N ARG E 240 -22.03 26.80 -7.57
CA ARG E 240 -20.85 26.96 -6.74
C ARG E 240 -19.94 25.94 -7.37
N PHE E 241 -18.96 26.42 -8.14
CA PHE E 241 -18.02 25.58 -8.83
C PHE E 241 -17.82 26.12 -10.20
N HIS E 242 -18.91 26.41 -10.89
CA HIS E 242 -18.79 26.98 -12.22
C HIS E 242 -17.74 28.06 -11.96
N GLN E 243 -17.74 28.51 -10.70
CA GLN E 243 -16.82 29.51 -10.21
C GLN E 243 -15.51 28.84 -9.85
N ALA E 244 -15.61 27.72 -9.14
CA ALA E 244 -14.43 26.96 -8.78
C ALA E 244 -13.69 26.81 -10.10
N SER E 245 -14.36 26.17 -11.05
CA SER E 245 -13.81 25.96 -12.38
C SER E 245 -14.91 26.14 -13.40
N PRO E 246 -14.75 27.13 -14.28
CA PRO E 246 -15.71 27.45 -15.35
C PRO E 246 -15.68 26.36 -16.42
N ILE E 247 -14.47 25.89 -16.75
CA ILE E 247 -14.30 24.83 -17.74
C ILE E 247 -15.15 23.67 -17.25
N GLY E 248 -15.57 23.77 -15.99
CA GLY E 248 -16.40 22.74 -15.40
C GLY E 248 -17.67 22.52 -16.19
N SER E 249 -17.68 21.41 -16.93
CA SER E 249 -18.84 21.03 -17.72
C SER E 249 -19.40 19.84 -16.98
N VAL E 250 -20.64 19.50 -17.27
CA VAL E 250 -21.24 18.37 -16.60
C VAL E 250 -22.29 17.71 -17.44
N ILE E 251 -22.93 16.73 -16.80
CA ILE E 251 -23.99 15.93 -17.37
C ILE E 251 -24.96 15.61 -16.22
N ILE E 252 -26.15 15.10 -16.56
CA ILE E 252 -27.11 14.78 -15.53
C ILE E 252 -27.40 13.31 -15.48
N THR E 253 -26.97 12.68 -14.40
CA THR E 253 -27.17 11.28 -14.24
C THR E 253 -28.67 11.00 -14.32
N LYS E 254 -28.99 9.78 -14.72
CA LYS E 254 -30.36 9.30 -14.84
C LYS E 254 -31.39 10.21 -15.45
N MET E 255 -31.93 9.78 -16.58
CA MET E 255 -32.99 10.50 -17.27
C MET E 255 -34.20 9.67 -16.97
N ASP E 256 -34.16 8.44 -17.47
CA ASP E 256 -35.24 7.51 -17.25
C ASP E 256 -35.19 7.20 -15.76
N GLY E 257 -34.20 7.79 -15.09
CA GLY E 257 -34.03 7.58 -13.66
C GLY E 257 -34.56 8.68 -12.75
N THR E 258 -35.80 9.11 -12.97
CA THR E 258 -36.40 10.15 -12.13
C THR E 258 -37.88 10.37 -12.43
N ALA E 259 -38.14 11.43 -13.21
CA ALA E 259 -39.48 11.85 -13.63
C ALA E 259 -39.53 13.39 -13.63
N LYS E 260 -38.57 13.99 -12.94
CA LYS E 260 -38.47 15.44 -12.79
C LYS E 260 -37.67 16.13 -13.90
N GLY E 261 -36.53 15.55 -14.21
CA GLY E 261 -35.67 16.10 -15.26
C GLY E 261 -35.63 17.61 -15.32
N GLY E 262 -36.25 18.14 -16.38
CA GLY E 262 -36.30 19.57 -16.59
C GLY E 262 -35.52 20.36 -15.57
N GLY E 263 -36.23 20.95 -14.61
CA GLY E 263 -35.59 21.74 -13.58
C GLY E 263 -34.12 21.39 -13.45
N ALA E 264 -33.84 20.08 -13.37
CA ALA E 264 -32.47 19.62 -13.28
C ALA E 264 -31.71 20.41 -14.33
N LEU E 265 -31.75 19.89 -15.54
CA LEU E 265 -31.09 20.51 -16.69
C LEU E 265 -31.38 22.00 -16.79
N SER E 266 -32.59 22.36 -16.39
CA SER E 266 -33.00 23.76 -16.43
C SER E 266 -31.99 24.55 -15.62
N ALA E 267 -32.12 24.41 -14.29
CA ALA E 267 -31.25 25.08 -13.32
C ALA E 267 -29.87 25.20 -13.93
N VAL E 268 -29.31 24.04 -14.22
CA VAL E 268 -28.02 23.92 -14.84
C VAL E 268 -27.81 25.16 -15.67
N VAL E 269 -28.25 25.04 -16.91
CA VAL E 269 -28.19 26.10 -17.89
C VAL E 269 -28.06 27.43 -17.19
N ALA E 270 -29.17 27.86 -16.61
CA ALA E 270 -29.29 29.12 -15.90
C ALA E 270 -28.20 29.40 -14.89
N THR E 271 -26.96 29.29 -15.32
CA THR E 271 -25.82 29.53 -14.44
C THR E 271 -24.67 29.68 -15.41
N GLY E 272 -24.99 29.41 -16.67
CA GLY E 272 -23.98 29.46 -17.71
C GLY E 272 -23.44 28.06 -17.67
N ALA E 273 -24.07 27.24 -16.82
CA ALA E 273 -23.68 25.85 -16.63
C ALA E 273 -23.29 25.21 -17.95
N THR E 274 -22.48 24.16 -17.90
CA THR E 274 -22.03 23.51 -19.12
C THR E 274 -22.22 21.99 -19.13
N ILE E 275 -23.04 21.51 -20.04
CA ILE E 275 -23.30 20.09 -20.14
C ILE E 275 -22.59 19.54 -21.35
N LYS E 276 -22.76 18.25 -21.57
CA LYS E 276 -22.14 17.59 -22.69
C LYS E 276 -22.93 16.37 -23.08
N PHE E 277 -23.46 15.69 -22.08
CA PHE E 277 -24.22 14.48 -22.29
C PHE E 277 -25.42 14.43 -21.39
N ILE E 278 -25.96 13.22 -21.25
CA ILE E 278 -27.11 13.00 -20.39
C ILE E 278 -27.46 11.53 -20.09
N GLY E 279 -27.39 10.68 -21.12
CA GLY E 279 -27.68 9.26 -20.96
C GLY E 279 -28.91 8.85 -20.16
N THR E 280 -29.95 8.43 -20.87
CA THR E 280 -31.20 8.01 -20.25
C THR E 280 -31.09 7.28 -18.91
N GLY E 281 -30.03 6.49 -18.74
CA GLY E 281 -29.89 5.79 -17.48
C GLY E 281 -29.06 4.52 -17.62
N GLU E 282 -29.67 3.38 -17.32
CA GLU E 282 -29.00 2.08 -17.38
C GLU E 282 -28.29 1.80 -18.69
N LYS E 283 -27.99 0.53 -18.94
CA LYS E 283 -27.33 0.11 -20.16
C LYS E 283 -26.05 0.86 -20.47
N ILE E 284 -24.99 0.10 -20.68
CA ILE E 284 -23.66 0.63 -20.96
C ILE E 284 -23.54 1.67 -22.09
N ASP E 285 -24.65 2.03 -22.71
CA ASP E 285 -24.55 3.00 -23.80
C ASP E 285 -25.54 4.15 -23.74
N GLU E 286 -26.65 3.97 -23.02
CA GLU E 286 -27.70 4.98 -22.89
C GLU E 286 -27.22 6.42 -22.82
N LEU E 287 -25.93 6.58 -22.51
CA LEU E 287 -25.35 7.90 -22.45
C LEU E 287 -25.39 8.46 -23.86
N GLU E 288 -25.51 9.77 -23.97
CA GLU E 288 -25.54 10.38 -25.28
C GLU E 288 -24.88 11.73 -25.16
N THR E 289 -24.51 12.27 -26.32
CA THR E 289 -23.86 13.57 -26.37
C THR E 289 -24.85 14.58 -25.82
N PHE E 290 -24.93 15.72 -26.48
CA PHE E 290 -25.85 16.75 -26.08
C PHE E 290 -25.74 18.11 -26.76
N ASN E 291 -26.89 18.61 -27.21
CA ASN E 291 -27.00 19.94 -27.82
C ASN E 291 -28.45 20.36 -27.91
N ALA E 292 -28.92 20.99 -26.84
CA ALA E 292 -30.28 21.47 -26.74
C ALA E 292 -31.12 20.92 -27.88
N LYS E 293 -31.02 21.60 -29.01
CA LYS E 293 -31.70 21.23 -30.22
C LYS E 293 -31.81 19.74 -30.15
N ARG E 294 -30.67 19.09 -30.35
CA ARG E 294 -30.54 17.65 -30.31
C ARG E 294 -31.75 17.13 -29.55
N PHE E 295 -31.90 17.61 -28.33
CA PHE E 295 -32.99 17.20 -27.49
C PHE E 295 -34.26 17.99 -27.71
N VAL E 296 -34.20 19.29 -27.44
CA VAL E 296 -35.35 20.14 -27.62
C VAL E 296 -36.05 19.58 -28.82
N SER E 297 -35.36 19.71 -29.94
CA SER E 297 -35.87 19.21 -31.18
C SER E 297 -36.45 17.86 -30.85
N ARG E 298 -35.60 17.01 -30.27
CA ARG E 298 -36.02 15.67 -29.90
C ARG E 298 -37.38 15.63 -29.24
N ILE E 299 -37.73 16.61 -28.43
CA ILE E 299 -39.06 16.55 -27.84
C ILE E 299 -40.09 17.26 -28.73
N LEU E 300 -39.86 17.18 -30.03
CA LEU E 300 -40.73 17.80 -31.02
C LEU E 300 -40.48 16.96 -32.25
N GLY E 301 -39.39 16.20 -32.14
CA GLY E 301 -38.95 15.28 -33.18
C GLY E 301 -39.00 15.80 -34.59
N MET E 302 -40.11 15.51 -35.26
CA MET E 302 -40.26 15.97 -36.62
C MET E 302 -40.30 17.48 -36.68
N GLY E 303 -39.15 18.04 -37.02
CA GLY E 303 -39.01 19.46 -37.19
C GLY E 303 -38.39 19.53 -38.57
N ASP E 304 -39.23 19.51 -39.59
CA ASP E 304 -38.73 19.56 -40.95
C ASP E 304 -38.43 21.03 -41.17
N ILE E 305 -39.50 21.76 -41.44
CA ILE E 305 -39.49 23.18 -41.66
C ILE E 305 -38.11 23.75 -41.66
N GLU E 306 -37.46 23.76 -40.50
CA GLU E 306 -36.11 24.26 -40.34
C GLU E 306 -35.46 24.08 -41.67
N SER E 307 -35.66 22.90 -42.22
CA SER E 307 -35.18 22.57 -43.53
C SER E 307 -35.73 23.62 -44.48
N ILE E 308 -36.93 23.33 -45.00
CA ILE E 308 -37.64 24.21 -45.95
C ILE E 308 -37.39 25.63 -45.52
N LEU E 309 -37.31 25.79 -44.21
CA LEU E 309 -37.05 27.05 -43.61
C LEU E 309 -35.74 27.55 -44.17
N GLU E 310 -34.67 26.90 -43.73
CA GLU E 310 -33.31 27.29 -44.13
C GLU E 310 -33.12 27.64 -45.63
N LYS E 311 -34.02 27.19 -46.50
CA LYS E 311 -33.89 27.48 -47.93
C LYS E 311 -33.93 28.97 -48.20
N VAL E 312 -34.72 29.69 -47.40
CA VAL E 312 -34.83 31.13 -47.52
C VAL E 312 -33.41 31.58 -47.65
N LYS E 313 -32.61 31.22 -46.65
CA LYS E 313 -31.20 31.56 -46.64
C LYS E 313 -30.65 31.22 -48.01
N GLY E 314 -31.04 30.07 -48.51
CA GLY E 314 -30.59 29.67 -49.83
C GLY E 314 -30.89 30.86 -50.71
N LEU E 315 -32.17 31.08 -50.96
CA LEU E 315 -32.55 32.22 -51.80
C LEU E 315 -32.13 33.50 -51.14
N GLU E 316 -32.92 33.94 -50.18
CA GLU E 316 -32.62 35.16 -49.46
C GLU E 316 -31.16 35.06 -49.01
N GLU E 317 -30.29 35.78 -49.73
CA GLU E 317 -28.83 35.85 -49.53
C GLU E 317 -28.13 35.26 -50.75
N TYR E 318 -28.90 35.04 -51.82
CA TYR E 318 -28.31 34.50 -53.01
C TYR E 318 -28.39 35.41 -54.17
N ASP E 319 -29.46 36.20 -54.16
CA ASP E 319 -29.66 37.22 -55.15
C ASP E 319 -28.34 37.93 -54.98
N LYS E 320 -27.86 37.85 -53.74
CA LYS E 320 -26.61 38.41 -53.31
C LYS E 320 -25.66 38.25 -54.49
N ILE E 321 -25.62 37.03 -55.03
CA ILE E 321 -24.75 36.77 -56.17
C ILE E 321 -25.11 37.74 -57.29
N GLN E 322 -26.23 37.41 -57.92
CA GLN E 322 -26.77 38.17 -59.03
C GLN E 322 -26.05 39.52 -59.26
N LYS E 323 -26.77 40.63 -59.22
CA LYS E 323 -26.18 41.96 -59.46
C LYS E 323 -24.96 41.76 -60.29
N LYS E 324 -23.85 42.15 -59.71
CA LYS E 324 -22.61 41.92 -60.37
C LYS E 324 -22.19 40.75 -59.53
N MET E 325 -21.27 39.96 -60.06
CA MET E 325 -20.78 38.79 -59.36
C MET E 325 -19.33 39.00 -58.91
N GLU E 326 -18.44 38.07 -59.29
CA GLU E 326 -17.01 38.05 -58.93
C GLU E 326 -16.28 39.32 -58.43
N ASP E 327 -15.29 39.10 -57.55
CA ASP E 327 -14.48 40.14 -56.94
C ASP E 327 -13.00 40.06 -57.30
N VAL E 328 -12.36 41.22 -57.33
CA VAL E 328 -10.93 41.36 -57.64
C VAL E 328 -10.49 40.86 -59.02
N MET E 329 -9.42 40.07 -59.05
CA MET E 329 -8.86 39.55 -60.30
C MET E 329 -8.44 38.07 -60.19
N GLU E 330 -7.39 37.70 -60.94
CA GLU E 330 -6.77 36.34 -61.01
C GLU E 330 -7.58 35.04 -60.73
N GLY E 331 -6.99 34.17 -59.88
CA GLY E 331 -7.56 32.87 -59.49
C GLY E 331 -9.02 32.45 -59.67
N LYS E 332 -9.25 31.13 -59.62
CA LYS E 332 -10.59 30.54 -59.79
C LYS E 332 -11.57 30.78 -58.62
N GLY E 333 -12.87 30.81 -58.93
CA GLY E 333 -13.89 31.07 -57.92
C GLY E 333 -14.90 30.01 -57.50
N LYS E 334 -16.20 30.34 -57.63
CA LYS E 334 -17.31 29.46 -57.22
C LYS E 334 -18.25 28.90 -58.29
N LEU E 335 -19.45 29.48 -58.37
CA LEU E 335 -20.49 29.02 -59.30
C LEU E 335 -21.55 30.12 -59.57
N THR E 336 -22.33 30.01 -60.66
CA THR E 336 -23.36 31.02 -60.98
C THR E 336 -24.55 30.58 -61.84
N LEU E 337 -24.35 30.31 -63.14
CA LEU E 337 -25.47 29.90 -63.94
C LEU E 337 -25.87 28.49 -63.60
N ARG E 338 -25.36 28.09 -62.45
CA ARG E 338 -25.62 26.82 -61.81
C ARG E 338 -26.57 27.32 -60.74
N ASP E 339 -26.08 28.32 -60.02
CA ASP E 339 -26.82 28.98 -58.97
C ASP E 339 -28.18 29.22 -59.58
N VAL E 340 -28.16 29.37 -60.89
CA VAL E 340 -29.37 29.54 -61.67
C VAL E 340 -30.30 28.50 -61.11
N TYR E 341 -30.10 27.29 -61.59
CA TYR E 341 -30.87 26.15 -61.17
C TYR E 341 -30.83 26.05 -59.66
N ALA E 342 -29.75 26.52 -59.06
CA ALA E 342 -29.66 26.44 -57.62
C ALA E 342 -30.92 27.07 -57.06
N GLN E 343 -31.24 28.29 -57.53
CA GLN E 343 -32.43 29.00 -57.05
C GLN E 343 -33.50 27.93 -56.85
N ILE E 344 -33.86 27.29 -57.95
CA ILE E 344 -34.86 26.23 -57.97
C ILE E 344 -35.04 25.63 -56.60
N ILE E 345 -34.32 24.53 -56.42
CA ILE E 345 -34.32 23.77 -55.20
C ILE E 345 -35.01 24.46 -54.05
N ALA E 346 -34.21 25.21 -53.28
CA ALA E 346 -34.67 25.93 -52.12
C ALA E 346 -36.16 25.80 -51.99
N LEU E 347 -36.84 26.65 -52.74
CA LEU E 347 -38.29 26.73 -52.81
C LEU E 347 -39.04 25.42 -52.69
N ARG E 348 -39.01 24.61 -53.75
CA ARG E 348 -39.73 23.33 -53.75
C ARG E 348 -39.49 22.60 -52.44
N LYS E 349 -38.24 22.58 -52.02
CA LYS E 349 -37.89 21.93 -50.77
C LYS E 349 -38.40 22.84 -49.68
N MET E 350 -38.21 24.14 -49.90
CA MET E 350 -38.62 25.19 -48.99
C MET E 350 -40.13 25.22 -48.99
N GLY E 351 -40.73 24.08 -48.70
CA GLY E 351 -42.17 23.99 -48.70
C GLY E 351 -42.56 23.67 -50.12
N PRO E 352 -43.77 23.14 -50.35
CA PRO E 352 -44.29 22.78 -51.67
C PRO E 352 -44.18 23.91 -52.69
N LEU E 353 -44.70 23.66 -53.89
CA LEU E 353 -44.65 24.64 -54.96
C LEU E 353 -45.79 25.65 -54.87
N SER E 354 -46.14 26.23 -56.01
CA SER E 354 -47.23 27.20 -56.14
C SER E 354 -47.41 28.22 -55.04
N LYS E 355 -48.27 27.89 -54.06
CA LYS E 355 -48.58 28.77 -52.93
C LYS E 355 -47.54 29.86 -52.72
N VAL E 356 -46.28 29.46 -52.91
CA VAL E 356 -45.12 30.30 -52.78
C VAL E 356 -44.92 31.23 -53.97
N LEU E 357 -44.84 30.61 -55.15
CA LEU E 357 -44.69 31.33 -56.40
C LEU E 357 -45.54 32.56 -56.21
N GLN E 358 -46.84 32.29 -56.09
CA GLN E 358 -47.85 33.32 -55.89
C GLN E 358 -47.35 34.21 -54.79
N HIS E 359 -47.26 33.59 -53.62
CA HIS E 359 -46.80 34.29 -52.45
C HIS E 359 -45.54 35.08 -52.70
N ILE E 360 -44.84 34.83 -53.81
CA ILE E 360 -43.61 35.56 -54.04
C ILE E 360 -42.95 35.51 -55.42
N PRO E 361 -42.43 36.67 -55.85
CA PRO E 361 -41.72 37.03 -57.09
C PRO E 361 -41.15 35.94 -58.01
N GLY E 362 -40.76 36.38 -59.20
CA GLY E 362 -40.21 35.49 -60.20
C GLY E 362 -38.85 34.94 -59.86
N LEU E 363 -37.87 35.19 -60.73
CA LEU E 363 -36.51 34.69 -60.53
C LEU E 363 -35.45 35.77 -60.64
N GLY E 364 -35.78 36.84 -61.35
CA GLY E 364 -34.86 37.94 -61.45
C GLY E 364 -34.90 38.38 -60.01
N ILE E 365 -35.50 39.54 -59.77
CA ILE E 365 -35.60 40.03 -58.41
C ILE E 365 -36.42 41.31 -58.30
N MET E 366 -35.93 42.43 -58.87
CA MET E 366 -36.64 43.72 -58.82
C MET E 366 -35.91 44.94 -59.39
N LEU E 367 -35.61 44.92 -60.67
CA LEU E 367 -34.92 46.04 -61.26
C LEU E 367 -35.64 46.49 -62.49
N PRO E 368 -35.02 47.39 -63.25
CA PRO E 368 -35.64 47.87 -64.49
C PRO E 368 -35.77 46.66 -65.42
N THR E 369 -36.80 45.86 -65.17
CA THR E 369 -37.07 44.62 -65.89
C THR E 369 -38.37 44.58 -66.69
N PRO E 370 -38.65 43.44 -67.36
CA PRO E 370 -39.87 43.25 -68.17
C PRO E 370 -40.88 42.21 -67.62
N SER E 371 -42.11 42.30 -68.15
CA SER E 371 -43.27 41.42 -67.86
C SER E 371 -44.32 41.79 -66.77
N GLU E 372 -45.44 42.36 -67.23
CA GLU E 372 -46.62 42.78 -66.43
C GLU E 372 -46.55 43.28 -64.98
N ASP E 373 -47.73 43.26 -64.33
CA ASP E 373 -47.99 43.71 -62.93
C ASP E 373 -47.29 42.91 -61.85
N GLN E 374 -46.81 41.71 -62.22
CA GLN E 374 -46.11 40.80 -61.32
C GLN E 374 -45.16 39.88 -62.15
N LEU E 375 -43.87 39.89 -61.79
CA LEU E 375 -42.76 39.13 -62.44
C LEU E 375 -42.85 37.60 -62.46
N LYS E 376 -43.11 37.03 -63.64
CA LYS E 376 -43.17 35.58 -63.82
C LYS E 376 -43.79 35.04 -65.11
N ILE E 377 -44.55 33.95 -64.91
CA ILE E 377 -45.24 33.17 -65.94
C ILE E 377 -44.25 32.07 -66.34
N GLY E 378 -43.85 31.31 -65.31
CA GLY E 378 -42.94 30.19 -65.42
C GLY E 378 -43.73 29.08 -64.73
N GLU E 379 -44.81 29.55 -64.09
CA GLU E 379 -45.79 28.74 -63.36
C GLU E 379 -45.60 27.22 -63.37
N GLU E 380 -45.57 26.66 -64.58
CA GLU E 380 -45.43 25.22 -64.75
C GLU E 380 -44.04 24.95 -65.35
N LYS E 381 -43.78 25.64 -66.45
CA LYS E 381 -42.54 25.60 -67.20
C LYS E 381 -41.36 25.61 -66.22
N ILE E 382 -41.66 26.07 -65.01
CA ILE E 382 -40.69 26.14 -63.95
C ILE E 382 -40.06 24.78 -63.74
N ARG E 383 -40.85 23.85 -63.23
CA ARG E 383 -40.40 22.50 -62.97
C ARG E 383 -40.04 21.87 -64.30
N ARG E 384 -39.60 22.70 -65.23
CA ARG E 384 -39.23 22.23 -66.54
C ARG E 384 -37.83 22.71 -66.73
N TRP E 385 -37.65 23.99 -66.49
CA TRP E 385 -36.32 24.55 -66.60
C TRP E 385 -35.47 23.56 -65.87
N LEU E 386 -35.99 23.11 -64.75
CA LEU E 386 -35.29 22.16 -63.93
C LEU E 386 -34.95 20.93 -64.73
N ALA E 387 -35.98 20.32 -65.31
CA ALA E 387 -35.82 19.12 -66.11
C ALA E 387 -34.35 18.84 -66.38
N ALA E 388 -33.76 19.65 -67.24
CA ALA E 388 -32.36 19.48 -67.57
C ALA E 388 -31.53 19.73 -66.33
N LEU E 389 -30.62 20.67 -66.41
CA LEU E 389 -29.77 21.02 -65.27
C LEU E 389 -29.22 19.72 -64.76
N ASN E 390 -29.99 19.09 -63.89
CA ASN E 390 -29.64 17.81 -63.32
C ASN E 390 -29.45 16.85 -64.50
N SER E 391 -29.82 17.31 -65.68
CA SER E 391 -29.66 16.50 -66.88
C SER E 391 -28.36 16.97 -67.53
N MET E 392 -27.45 17.49 -66.71
CA MET E 392 -26.18 18.00 -67.22
C MET E 392 -25.07 18.06 -66.20
N THR E 393 -23.86 17.84 -66.69
CA THR E 393 -22.70 17.91 -65.84
C THR E 393 -22.63 19.28 -65.21
N TYR E 394 -21.86 19.35 -64.14
CA TYR E 394 -21.63 20.59 -63.40
C TYR E 394 -21.18 21.63 -64.44
N LYS E 395 -19.89 21.55 -64.77
CA LYS E 395 -19.20 22.43 -65.72
C LYS E 395 -20.14 23.13 -66.69
N GLU E 396 -21.02 22.35 -67.29
CA GLU E 396 -21.99 22.86 -68.24
C GLU E 396 -22.47 24.28 -67.89
N LEU E 397 -23.16 24.36 -66.76
CA LEU E 397 -23.76 25.60 -66.26
C LEU E 397 -22.79 26.70 -65.81
N GLU E 398 -21.51 26.40 -65.92
CA GLU E 398 -20.48 27.34 -65.54
C GLU E 398 -20.12 28.02 -66.82
N ASN E 399 -20.04 27.24 -67.90
CA ASN E 399 -19.79 27.82 -69.20
C ASN E 399 -21.10 27.66 -69.95
N PRO E 400 -22.08 28.46 -69.60
CA PRO E 400 -23.38 28.39 -70.27
C PRO E 400 -23.23 28.96 -71.68
N ASN E 401 -22.08 28.70 -72.28
CA ASN E 401 -21.79 29.23 -73.61
C ASN E 401 -20.96 28.20 -74.35
N ILE E 402 -21.46 26.97 -74.35
CA ILE E 402 -20.81 25.84 -75.00
C ILE E 402 -21.93 24.84 -75.30
N ILE E 403 -23.12 25.39 -75.47
CA ILE E 403 -24.33 24.63 -75.73
C ILE E 403 -24.55 24.39 -77.23
N ASP E 404 -23.71 23.55 -77.81
CA ASP E 404 -23.79 23.20 -79.22
C ASP E 404 -25.04 22.38 -79.45
N LYS E 405 -25.64 22.53 -80.63
CA LYS E 405 -26.83 21.77 -80.94
C LYS E 405 -26.59 20.37 -80.40
N SER E 406 -25.43 19.83 -80.74
CA SER E 406 -25.04 18.50 -80.30
C SER E 406 -25.24 18.38 -78.78
N ARG E 407 -24.24 18.78 -78.01
CA ARG E 407 -24.29 18.71 -76.56
C ARG E 407 -25.50 19.46 -76.02
N MET E 408 -26.60 18.73 -75.84
CA MET E 408 -27.84 19.28 -75.29
C MET E 408 -29.07 18.51 -75.74
N ARG E 409 -29.13 18.18 -77.02
CA ARG E 409 -30.26 17.42 -77.52
C ARG E 409 -30.40 16.21 -76.62
N ARG E 410 -29.26 15.75 -76.14
CA ARG E 410 -29.21 14.61 -75.23
C ARG E 410 -29.89 15.00 -73.95
N ILE E 411 -29.59 16.20 -73.49
CA ILE E 411 -30.21 16.71 -72.27
C ILE E 411 -31.66 16.79 -72.68
N ALA E 412 -31.87 17.34 -73.87
CA ALA E 412 -33.21 17.48 -74.42
C ALA E 412 -33.93 16.16 -74.20
N GLU E 413 -33.46 15.13 -74.86
CA GLU E 413 -34.08 13.83 -74.69
C GLU E 413 -33.77 13.27 -73.32
N GLY E 414 -32.49 13.30 -72.94
CA GLY E 414 -32.08 12.80 -71.63
C GLY E 414 -32.95 13.31 -70.50
N SER E 415 -33.45 14.53 -70.66
CA SER E 415 -34.33 15.13 -69.67
C SER E 415 -35.76 14.81 -70.09
N GLY E 416 -35.90 14.32 -71.33
CA GLY E 416 -37.20 13.95 -71.86
C GLY E 416 -37.95 15.00 -72.64
N LEU E 417 -37.37 16.18 -72.76
CA LEU E 417 -38.03 17.28 -73.48
C LEU E 417 -37.59 17.47 -74.92
N GLU E 418 -38.54 17.32 -75.84
CA GLU E 418 -38.23 17.50 -77.25
C GLU E 418 -37.52 18.84 -77.42
N VAL E 419 -36.33 18.79 -78.01
CA VAL E 419 -35.50 19.97 -78.27
C VAL E 419 -36.15 21.28 -77.85
N GLU E 420 -36.60 22.02 -78.87
CA GLU E 420 -37.27 23.30 -78.73
C GLU E 420 -37.24 23.87 -77.32
N GLU E 421 -38.10 23.34 -76.45
CA GLU E 421 -38.18 23.79 -75.06
C GLU E 421 -36.88 24.43 -74.56
N VAL E 422 -35.78 23.76 -74.81
CA VAL E 422 -34.47 24.19 -74.39
C VAL E 422 -33.90 25.39 -75.12
N ARG E 423 -33.54 25.22 -76.38
CA ARG E 423 -33.01 26.34 -77.14
C ARG E 423 -33.90 27.47 -76.65
N GLU E 424 -35.20 27.19 -76.68
CA GLU E 424 -36.23 28.10 -76.22
C GLU E 424 -36.13 28.35 -74.73
N LEU E 425 -34.95 28.72 -74.25
CA LEU E 425 -34.79 28.99 -72.85
C LEU E 425 -33.38 29.44 -72.64
N LEU E 426 -32.47 28.73 -73.30
CA LEU E 426 -31.06 29.02 -73.24
C LEU E 426 -30.75 30.51 -73.18
N GLU E 427 -31.59 31.29 -73.84
CA GLU E 427 -31.43 32.73 -73.91
C GLU E 427 -32.05 33.44 -72.71
N TRP E 428 -33.11 32.86 -72.16
CA TRP E 428 -33.79 33.42 -71.01
C TRP E 428 -32.80 33.34 -69.90
N TYR E 429 -31.58 33.04 -70.32
CA TYR E 429 -30.47 32.85 -69.43
C TYR E 429 -29.34 33.77 -69.81
N ASN E 430 -29.00 33.74 -71.09
CA ASN E 430 -27.92 34.57 -71.61
C ASN E 430 -28.40 35.97 -71.90
N ASN E 431 -29.71 36.18 -71.78
CA ASN E 431 -30.24 37.52 -71.99
C ASN E 431 -30.54 38.07 -70.61
N MET E 432 -31.13 37.24 -69.75
CA MET E 432 -31.41 37.67 -68.39
C MET E 432 -30.22 38.56 -68.02
N ASN E 433 -29.09 37.92 -67.77
CA ASN E 433 -27.84 38.58 -67.48
C ASN E 433 -27.77 39.82 -68.36
N ARG E 434 -27.56 39.59 -69.65
CA ARG E 434 -27.46 40.64 -70.66
C ARG E 434 -28.06 41.91 -70.08
N LEU E 435 -29.36 41.86 -69.96
CA LEU E 435 -30.11 42.95 -69.41
C LEU E 435 -29.63 43.04 -67.97
N LEU E 436 -29.95 41.99 -67.21
CA LEU E 436 -29.55 41.87 -65.82
C LEU E 436 -28.27 42.67 -65.58
N LYS E 437 -27.19 42.12 -66.11
CA LYS E 437 -25.87 42.70 -65.99
C LYS E 437 -25.80 44.16 -66.40
N MET E 438 -26.92 44.77 -66.77
CA MET E 438 -26.80 46.14 -67.21
C MET E 438 -26.59 47.21 -66.16
N VAL E 439 -25.41 47.15 -65.57
CA VAL E 439 -25.02 48.09 -64.54
C VAL E 439 -24.21 49.21 -65.17
N LYS E 440 -24.91 50.31 -65.49
CA LYS E 440 -24.29 51.49 -66.09
C LYS E 440 -23.44 51.14 -67.32
N MET F 9 48.32 10.42 11.50
CA MET F 9 48.17 11.32 10.32
C MET F 9 48.39 12.78 10.72
N LEU F 10 47.41 13.62 10.43
CA LEU F 10 47.49 15.03 10.77
C LEU F 10 47.77 15.17 12.26
N GLU F 11 46.83 14.67 13.06
CA GLU F 11 46.91 14.71 14.52
C GLU F 11 48.34 14.97 14.92
N ASN F 12 49.20 13.99 14.68
CA ASN F 12 50.60 14.12 15.01
C ASN F 12 51.26 15.14 14.06
N ILE F 13 50.93 16.41 14.29
CA ILE F 13 51.42 17.57 13.56
C ILE F 13 50.99 18.63 14.55
N ARG F 14 49.80 18.38 15.08
CA ARG F 14 49.17 19.22 16.08
C ARG F 14 50.14 19.21 17.26
N ASP F 15 51.25 18.53 17.04
CA ASP F 15 52.29 18.39 18.05
C ASP F 15 53.36 19.36 17.62
N ALA F 16 53.54 19.46 16.31
CA ALA F 16 54.50 20.39 15.77
C ALA F 16 54.18 21.67 16.52
N VAL F 17 52.93 21.75 16.93
CA VAL F 17 52.43 22.88 17.70
C VAL F 17 53.38 23.16 18.85
N ARG F 18 53.39 22.32 19.88
CA ARG F 18 54.28 22.56 21.01
C ARG F 18 55.69 22.14 20.61
N LYS F 19 55.78 21.24 19.63
CA LYS F 19 57.08 20.80 19.15
C LYS F 19 57.79 22.08 18.75
N PHE F 20 56.97 23.10 18.60
CA PHE F 20 57.40 24.43 18.22
C PHE F 20 57.72 25.27 19.46
N LEU F 21 56.96 25.04 20.53
CA LEU F 21 57.18 25.78 21.77
C LEU F 21 58.49 25.34 22.38
N THR F 22 59.56 25.61 21.64
CA THR F 22 60.91 25.26 22.05
C THR F 22 61.88 26.40 21.73
N GLY F 23 62.25 27.15 22.76
CA GLY F 23 63.18 28.25 22.59
C GLY F 23 64.52 27.76 22.05
N SER F 24 64.88 26.54 22.46
CA SER F 24 66.13 25.88 22.05
C SER F 24 66.36 26.12 20.55
N THR F 25 65.53 25.47 19.72
CA THR F 25 65.64 25.63 18.29
C THR F 25 65.32 27.07 17.89
N PRO F 26 66.03 27.56 16.87
CA PRO F 26 65.98 28.89 16.28
C PRO F 26 64.62 29.41 15.84
N TYR F 27 64.61 29.92 14.61
CA TYR F 27 63.44 30.49 14.02
C TYR F 27 63.34 30.14 12.55
N GLU F 28 62.75 31.04 11.76
CA GLU F 28 62.51 30.87 10.32
C GLU F 28 62.59 29.44 9.80
N LYS F 29 63.77 28.85 9.85
CA LYS F 29 63.94 27.47 9.42
C LYS F 29 62.84 26.72 10.17
N ALA F 30 62.89 26.85 11.49
CA ALA F 30 61.92 26.23 12.38
C ALA F 30 60.59 26.28 11.64
N VAL F 31 60.29 27.48 11.15
CA VAL F 31 59.07 27.73 10.42
C VAL F 31 58.87 26.82 9.22
N ASP F 32 59.42 27.25 8.09
CA ASP F 32 59.30 26.51 6.84
C ASP F 32 59.19 25.03 7.07
N GLU F 33 60.14 24.45 7.83
CA GLU F 33 60.06 23.02 8.09
C GLU F 33 58.62 22.83 8.48
N PHE F 34 58.36 23.18 9.73
CA PHE F 34 57.03 23.08 10.27
C PHE F 34 56.06 23.23 9.13
N ILE F 35 56.20 24.31 8.39
CA ILE F 35 55.35 24.57 7.26
C ILE F 35 55.28 23.24 6.51
N LYS F 36 56.34 22.95 5.78
CA LYS F 36 56.44 21.73 5.01
C LYS F 36 55.97 20.57 5.86
N ASP F 37 56.54 20.48 7.06
CA ASP F 37 56.19 19.42 7.99
C ASP F 37 54.67 19.34 8.04
N LEU F 38 54.04 20.33 8.63
CA LEU F 38 52.60 20.34 8.67
C LEU F 38 52.23 20.04 7.22
N GLN F 39 52.67 20.91 6.33
CA GLN F 39 52.39 20.80 4.91
C GLN F 39 52.41 19.37 4.42
N LYS F 40 53.34 18.60 4.95
CA LYS F 40 53.44 17.22 4.57
C LYS F 40 52.21 16.47 5.08
N SER F 41 52.18 16.30 6.40
CA SER F 41 51.11 15.60 7.14
C SER F 41 49.73 15.66 6.51
N LEU F 42 49.54 16.64 5.65
CA LEU F 42 48.29 16.90 4.97
C LEU F 42 48.00 16.00 3.78
N ILE F 43 48.60 16.35 2.67
CA ILE F 43 48.41 15.60 1.46
C ILE F 43 48.54 14.13 1.80
N SER F 44 49.58 13.81 2.55
CA SER F 44 49.82 12.43 2.97
C SER F 44 48.51 11.89 3.53
N SER F 45 47.79 12.78 4.20
CA SER F 45 46.49 12.44 4.77
C SER F 45 45.47 12.96 3.77
N ASP F 46 45.45 12.32 2.60
CA ASP F 46 44.54 12.69 1.53
C ASP F 46 44.91 14.10 1.12
N VAL F 47 44.04 15.04 1.48
CA VAL F 47 44.25 16.44 1.18
C VAL F 47 44.65 16.74 -0.26
N ASN F 48 43.90 17.62 -0.92
CA ASN F 48 44.30 17.95 -2.28
C ASN F 48 45.46 18.91 -2.12
N VAL F 49 46.12 19.23 -3.22
CA VAL F 49 47.25 20.12 -3.12
C VAL F 49 47.18 21.36 -4.00
N LYS F 50 46.69 21.21 -5.23
CA LYS F 50 46.56 22.33 -6.17
C LYS F 50 46.46 23.55 -5.28
N LEU F 51 45.44 23.48 -4.45
CA LEU F 51 45.12 24.47 -3.45
C LEU F 51 46.38 24.84 -2.70
N VAL F 52 46.71 24.01 -1.71
CA VAL F 52 47.89 24.15 -0.87
C VAL F 52 48.79 25.31 -1.24
N PHE F 53 49.41 25.18 -2.41
CA PHE F 53 50.29 26.21 -2.98
C PHE F 53 49.71 27.52 -2.47
N SER F 54 48.43 27.71 -2.76
CA SER F 54 47.70 28.90 -2.34
C SER F 54 47.92 29.14 -0.86
N LEU F 55 47.45 28.22 -0.02
CA LEU F 55 47.64 28.40 1.41
C LEU F 55 49.10 28.72 1.67
N THR F 56 49.92 27.69 1.65
CA THR F 56 51.35 27.82 1.85
C THR F 56 51.77 29.21 1.38
N ALA F 57 51.22 29.60 0.24
CA ALA F 57 51.50 30.90 -0.34
C ALA F 57 51.02 31.96 0.62
N LYS F 58 49.72 32.30 0.53
CA LYS F 58 49.10 33.33 1.37
C LYS F 58 49.88 33.43 2.66
N ILE F 59 50.14 32.26 3.22
CA ILE F 59 50.92 32.13 4.42
C ILE F 59 52.07 33.09 4.23
N LYS F 60 53.03 32.67 3.40
CA LYS F 60 54.20 33.48 3.06
C LYS F 60 53.79 34.94 2.89
N GLU F 61 52.98 35.19 1.85
CA GLU F 61 52.48 36.52 1.53
C GLU F 61 52.59 37.41 2.75
N ARG F 62 51.72 37.12 3.70
CA ARG F 62 51.67 37.87 4.94
C ARG F 62 53.06 38.26 5.46
N LEU F 63 53.81 37.28 5.95
CA LEU F 63 55.17 37.52 6.47
C LEU F 63 55.78 38.82 5.95
N ASN F 64 56.15 38.79 4.67
CA ASN F 64 56.77 39.92 3.99
C ASN F 64 55.77 41.05 3.79
N LYS F 65 54.98 41.32 4.84
CA LYS F 65 53.96 42.36 4.83
C LYS F 65 53.43 42.55 6.24
N GLU F 66 54.15 42.06 7.25
CA GLU F 66 53.65 42.20 8.61
C GLU F 66 54.69 41.85 9.65
N LYS F 67 54.22 41.92 10.89
CA LYS F 67 55.02 41.62 12.06
C LYS F 67 54.06 41.62 13.23
N PRO F 68 54.40 40.85 14.28
CA PRO F 68 53.53 40.79 15.44
C PRO F 68 53.55 42.12 16.15
N PRO F 69 52.36 42.70 16.38
CA PRO F 69 52.41 43.98 17.08
C PRO F 69 53.40 43.75 18.20
N SER F 70 54.28 44.73 18.41
CA SER F 70 55.27 44.60 19.45
C SER F 70 54.62 44.00 20.68
N VAL F 71 55.39 43.89 21.74
CA VAL F 71 54.85 43.37 22.98
C VAL F 71 54.25 42.01 22.72
N LEU F 72 55.03 41.15 22.08
CA LEU F 72 54.57 39.79 21.84
C LEU F 72 55.41 38.96 20.90
N GLU F 73 56.03 37.94 21.49
CA GLU F 73 56.89 36.99 20.78
C GLU F 73 56.28 36.60 19.44
N ARG F 74 57.10 36.73 18.41
CA ARG F 74 56.72 36.40 17.02
C ARG F 74 56.17 35.00 16.95
N LYS F 75 57.07 34.03 17.17
CA LYS F 75 56.74 32.62 17.14
C LYS F 75 55.23 32.47 17.27
N GLU F 76 54.72 32.95 18.41
CA GLU F 76 53.30 32.89 18.68
C GLU F 76 52.56 33.42 17.42
N TRP F 77 52.49 34.74 17.27
CA TRP F 77 51.83 35.40 16.12
C TRP F 77 51.72 34.46 14.92
N PHE F 78 52.87 34.04 14.46
CA PHE F 78 52.99 33.12 13.37
C PHE F 78 51.69 32.33 13.31
N ILE F 79 51.41 31.68 14.43
CA ILE F 79 50.24 30.87 14.56
C ILE F 79 48.96 31.55 14.20
N SER F 80 48.56 32.48 15.04
CA SER F 80 47.34 33.21 14.81
C SER F 80 47.15 33.15 13.31
N ILE F 81 48.23 33.48 12.63
CA ILE F 81 48.27 33.49 11.19
C ILE F 81 48.05 32.10 10.64
N VAL F 82 48.91 31.19 11.08
CA VAL F 82 48.80 29.82 10.65
C VAL F 82 47.34 29.50 10.88
N TYR F 83 46.97 29.38 12.14
CA TYR F 83 45.61 29.10 12.52
C TYR F 83 44.74 29.84 11.56
N ASP F 84 44.83 31.15 11.68
CA ASP F 84 44.08 32.07 10.85
C ASP F 84 43.69 31.35 9.57
N GLU F 85 44.69 31.13 8.71
CA GLU F 85 44.45 30.50 7.41
C GLU F 85 43.99 29.06 7.42
N LEU F 86 44.24 28.35 8.50
CA LEU F 86 43.79 26.97 8.57
C LEU F 86 42.30 27.10 8.39
N SER F 87 41.73 28.05 9.13
CA SER F 87 40.31 28.33 9.06
C SER F 87 39.99 28.39 7.57
N LYS F 88 40.23 29.56 6.99
CA LYS F 88 40.00 29.80 5.57
C LYS F 88 40.31 28.56 4.75
N LEU F 89 41.47 27.96 5.02
CA LEU F 89 41.87 26.78 4.30
C LEU F 89 40.66 25.86 4.29
N PHE F 90 40.13 25.62 5.47
CA PHE F 90 38.97 24.77 5.58
C PHE F 90 37.76 25.64 5.54
N GLY F 91 36.70 25.18 6.22
CA GLY F 91 35.45 25.92 6.28
C GLY F 91 35.64 27.32 6.81
N GLY F 92 36.33 28.13 6.00
CA GLY F 92 36.65 29.51 6.33
C GLY F 92 35.84 30.03 7.49
N ASP F 93 34.82 30.83 7.17
CA ASP F 93 33.98 31.34 8.22
C ASP F 93 32.59 31.79 7.84
N LYS F 94 31.68 31.06 8.45
CA LYS F 94 30.25 31.21 8.35
C LYS F 94 29.89 30.23 9.43
N GLU F 95 29.16 30.69 10.43
CA GLU F 95 28.78 29.79 11.48
C GLU F 95 27.51 29.04 11.11
N PRO F 96 27.65 27.81 10.59
CA PRO F 96 26.48 27.00 10.20
C PRO F 96 25.29 27.16 11.16
N ASN F 97 24.11 27.30 10.58
CA ASN F 97 22.88 27.49 11.33
C ASN F 97 22.06 26.18 11.29
N VAL F 98 22.38 25.25 12.18
CA VAL F 98 21.72 23.95 12.20
C VAL F 98 20.42 23.87 12.98
N ASN F 99 20.02 24.96 13.58
CA ASN F 99 18.80 24.95 14.36
C ASN F 99 17.57 25.49 13.64
N PRO F 100 16.36 25.22 14.19
CA PRO F 100 15.02 25.60 13.70
C PRO F 100 14.79 26.97 13.05
N THR F 101 14.26 26.91 11.81
CA THR F 101 13.90 28.08 11.00
C THR F 101 12.49 28.38 11.48
N LYS F 102 11.81 27.29 11.76
CA LYS F 102 10.46 27.27 12.24
C LYS F 102 10.37 25.83 12.66
N LEU F 103 9.14 25.37 12.79
CA LEU F 103 8.91 24.00 13.15
C LEU F 103 7.55 23.68 12.61
N PRO F 104 7.35 22.42 12.24
CA PRO F 104 8.41 21.40 12.37
C PRO F 104 9.42 21.54 11.24
N PHE F 105 9.98 20.42 10.81
CA PHE F 105 10.99 20.46 9.76
C PHE F 105 11.12 19.29 8.79
N ILE F 106 11.82 19.59 7.70
CA ILE F 106 12.05 18.62 6.63
C ILE F 106 13.52 18.33 6.37
N ILE F 107 14.06 17.26 6.95
CA ILE F 107 15.46 16.93 6.70
C ILE F 107 15.58 15.95 5.55
N MET F 108 15.82 16.50 4.37
CA MET F 108 15.98 15.67 3.19
C MET F 108 17.40 15.18 3.23
N LEU F 109 17.52 13.88 3.41
CA LEU F 109 18.82 13.34 3.47
C LEU F 109 19.22 12.61 2.22
N VAL F 110 19.88 13.35 1.36
CA VAL F 110 20.33 12.80 0.11
C VAL F 110 21.72 12.19 0.32
N GLY F 111 21.82 10.90 0.01
CA GLY F 111 23.09 10.23 0.17
C GLY F 111 23.48 9.50 -1.10
N VAL F 112 24.76 9.55 -1.42
CA VAL F 112 25.29 8.87 -2.60
C VAL F 112 24.95 7.42 -2.34
N GLN F 113 25.88 6.52 -2.66
CA GLN F 113 25.60 5.15 -2.32
C GLN F 113 25.58 5.30 -0.82
N GLY F 114 25.16 4.26 -0.10
CA GLY F 114 25.15 4.32 1.35
C GLY F 114 26.47 4.84 1.89
N SER F 115 26.73 4.56 3.16
CA SER F 115 27.95 4.98 3.89
C SER F 115 27.58 6.17 4.78
N GLY F 116 27.20 5.87 6.04
CA GLY F 116 26.75 6.90 6.94
C GLY F 116 25.30 7.01 6.53
N LYS F 117 25.13 6.77 5.23
CA LYS F 117 23.86 6.77 4.53
C LYS F 117 22.81 6.89 5.59
N THR F 118 22.49 5.75 6.16
CA THR F 118 21.51 5.66 7.21
C THR F 118 22.14 6.23 8.47
N THR F 119 22.86 5.35 9.14
CA THR F 119 23.56 5.63 10.37
C THR F 119 23.34 7.08 10.62
N THR F 120 24.39 7.84 10.32
CA THR F 120 24.36 9.28 10.45
C THR F 120 23.09 9.67 11.15
N ALA F 121 22.03 9.80 10.37
CA ALA F 121 20.72 10.15 10.86
C ALA F 121 20.62 10.02 12.37
N GLY F 122 20.90 8.81 12.84
CA GLY F 122 20.84 8.57 14.27
C GLY F 122 21.30 9.73 15.12
N LYS F 123 22.56 9.65 15.52
CA LYS F 123 23.12 10.67 16.39
C LYS F 123 22.53 11.99 15.99
N LEU F 124 22.35 12.19 14.69
CA LEU F 124 21.79 13.42 14.23
C LEU F 124 20.51 13.59 14.99
N ALA F 125 19.54 12.77 14.62
CA ALA F 125 18.26 12.79 15.27
C ALA F 125 18.68 12.75 16.71
N TYR F 126 19.07 11.56 17.12
CA TYR F 126 19.54 11.31 18.46
C TYR F 126 19.88 12.61 19.13
N PHE F 127 20.85 13.27 18.54
CA PHE F 127 21.34 14.53 19.05
C PHE F 127 20.26 15.54 19.41
N TYR F 128 19.41 15.88 18.44
CA TYR F 128 18.35 16.85 18.66
C TYR F 128 17.27 16.52 19.69
N LYS F 129 17.08 15.24 20.00
CA LYS F 129 16.08 14.87 21.00
C LYS F 129 16.62 15.29 22.36
N LYS F 130 17.92 15.07 22.55
CA LYS F 130 18.62 15.44 23.79
C LYS F 130 18.91 16.93 23.63
N ARG F 131 17.91 17.59 23.05
CA ARG F 131 17.87 19.01 22.78
C ARG F 131 16.44 19.33 23.18
N GLY F 132 15.65 18.25 23.28
CA GLY F 132 14.26 18.32 23.68
C GLY F 132 13.23 18.49 22.58
N TYR F 133 13.28 17.65 21.55
CA TYR F 133 12.32 17.79 20.45
C TYR F 133 11.70 16.55 19.83
N LYS F 134 10.48 16.71 19.31
CA LYS F 134 9.76 15.60 18.69
C LYS F 134 10.38 15.32 17.35
N VAL F 135 11.35 14.43 17.36
CA VAL F 135 12.07 14.04 16.16
C VAL F 135 11.11 13.38 15.20
N GLY F 136 11.54 12.23 14.66
CA GLY F 136 10.72 11.48 13.72
C GLY F 136 11.59 11.14 12.53
N LEU F 137 11.66 9.86 12.20
CA LEU F 137 12.49 9.49 11.09
C LEU F 137 11.79 8.54 10.18
N VAL F 138 12.36 8.35 8.99
CA VAL F 138 11.78 7.46 8.00
C VAL F 138 12.81 6.84 7.08
N ALA F 139 12.61 5.55 6.81
CA ALA F 139 13.48 4.81 5.92
C ALA F 139 13.24 5.32 4.50
N ALA F 140 14.01 6.31 4.08
CA ALA F 140 13.84 6.86 2.74
C ALA F 140 14.84 6.27 1.76
N ASP F 141 14.90 4.94 1.71
CA ASP F 141 15.82 4.24 0.81
C ASP F 141 15.38 2.81 0.50
N VAL F 142 15.17 2.52 -0.77
CA VAL F 142 14.74 1.19 -1.20
C VAL F 142 15.50 0.65 -2.38
N TYR F 143 16.73 0.25 -2.14
CA TYR F 143 17.56 -0.32 -3.19
C TYR F 143 18.44 -1.30 -2.44
N ARG F 144 18.98 -0.78 -1.35
CA ARG F 144 19.86 -1.54 -0.49
C ARG F 144 19.05 -1.93 0.75
N PRO F 145 19.11 -3.22 1.14
CA PRO F 145 18.48 -3.95 2.25
C PRO F 145 18.12 -3.29 3.60
N ALA F 146 18.93 -3.58 4.63
CA ALA F 146 18.77 -3.11 6.00
C ALA F 146 18.31 -1.68 6.26
N ALA F 147 17.34 -1.23 5.47
CA ALA F 147 16.78 0.11 5.61
C ALA F 147 16.49 0.21 7.09
N TYR F 148 15.21 0.19 7.43
CA TYR F 148 14.79 0.24 8.82
C TYR F 148 15.82 -0.64 9.50
N ASP F 149 15.50 -1.91 9.59
CA ASP F 149 16.42 -2.89 10.16
C ASP F 149 17.55 -2.23 10.94
N GLN F 150 18.79 -2.57 10.59
CA GLN F 150 19.95 -2.00 11.28
C GLN F 150 19.60 -0.69 11.94
N LEU F 151 18.98 0.18 11.16
CA LEU F 151 18.59 1.46 11.68
C LEU F 151 17.55 1.17 12.74
N LEU F 152 16.39 0.73 12.29
CA LEU F 152 15.27 0.45 13.16
C LEU F 152 15.72 0.41 14.60
N GLN F 153 16.73 -0.42 14.86
CA GLN F 153 17.31 -0.60 16.19
C GLN F 153 17.20 0.70 16.94
N LEU F 154 18.33 1.35 17.05
CA LEU F 154 18.44 2.66 17.66
C LEU F 154 17.08 3.30 17.90
N GLY F 155 16.37 3.57 16.81
CA GLY F 155 15.06 4.20 16.85
C GLY F 155 14.36 4.06 18.19
N ASN F 156 14.20 2.82 18.61
CA ASN F 156 13.58 2.52 19.89
C ASN F 156 14.67 2.61 20.95
N GLN F 157 15.77 1.93 20.65
CA GLN F 157 16.93 1.86 21.52
C GLN F 157 17.44 3.25 21.89
N ILE F 158 16.68 4.26 21.49
CA ILE F 158 17.01 5.65 21.81
C ILE F 158 15.75 6.38 22.27
N GLY F 159 14.61 5.70 22.16
CA GLY F 159 13.36 6.30 22.56
C GLY F 159 12.86 7.21 21.45
N VAL F 160 13.07 6.81 20.21
CA VAL F 160 12.63 7.60 19.07
C VAL F 160 12.07 6.75 17.94
N GLN F 161 10.75 6.71 17.88
CA GLN F 161 10.11 5.92 16.86
C GLN F 161 10.60 6.39 15.50
N VAL F 162 10.22 5.62 14.50
CA VAL F 162 10.57 5.90 13.14
C VAL F 162 9.48 5.23 12.32
N TYR F 163 9.69 5.13 11.01
CA TYR F 163 8.69 4.51 10.14
C TYR F 163 9.18 4.23 8.70
N GLY F 164 8.68 3.13 8.14
CA GLY F 164 9.03 2.71 6.78
C GLY F 164 8.10 1.68 6.16
N GLU F 165 8.55 1.03 5.09
CA GLU F 165 7.73 0.03 4.44
C GLU F 165 8.53 -1.12 3.87
N PRO F 166 8.51 -2.24 4.59
CA PRO F 166 9.19 -3.49 4.28
C PRO F 166 9.21 -3.71 2.80
N ASN F 167 10.34 -4.21 2.34
CA ASN F 167 10.51 -4.43 0.93
C ASN F 167 10.04 -3.07 0.43
N ASN F 168 8.94 -3.08 -0.32
CA ASN F 168 8.40 -1.84 -0.85
C ASN F 168 9.49 -0.94 -1.43
N GLN F 169 9.70 -1.07 -2.73
CA GLN F 169 10.69 -0.25 -3.41
C GLN F 169 10.01 0.92 -4.14
N ASN F 170 9.98 2.07 -3.49
CA ASN F 170 9.40 3.30 -4.05
C ASN F 170 9.37 4.45 -3.06
N PRO F 171 10.27 5.43 -3.22
CA PRO F 171 10.32 6.57 -2.30
C PRO F 171 9.03 7.36 -2.39
N ILE F 172 9.19 8.66 -2.49
CA ILE F 172 8.05 9.55 -2.63
C ILE F 172 6.94 9.19 -1.67
N GLU F 173 5.93 8.50 -2.20
CA GLU F 173 4.79 8.08 -1.43
C GLU F 173 5.24 7.95 0.00
N ILE F 174 5.81 6.79 0.27
CA ILE F 174 6.33 6.42 1.58
C ILE F 174 6.82 7.66 2.31
N ALA F 175 7.69 8.40 1.63
CA ALA F 175 8.22 9.62 2.20
C ALA F 175 7.01 10.42 2.59
N LYS F 176 6.39 11.03 1.58
CA LYS F 176 5.20 11.82 1.77
C LYS F 176 4.44 11.21 2.93
N LYS F 177 4.08 9.94 2.73
CA LYS F 177 3.38 9.17 3.73
C LYS F 177 3.98 9.60 5.05
N GLY F 178 5.11 9.00 5.40
CA GLY F 178 5.79 9.33 6.63
C GLY F 178 5.48 10.77 6.94
N VAL F 179 6.39 11.64 6.59
CA VAL F 179 6.17 13.05 6.79
C VAL F 179 4.94 13.36 7.63
N ASP F 180 3.94 13.83 6.93
CA ASP F 180 2.67 14.25 7.49
C ASP F 180 2.24 13.47 8.68
N ILE F 181 2.74 12.27 8.79
CA ILE F 181 2.41 11.44 9.91
C ILE F 181 2.71 12.23 11.15
N PHE F 182 3.95 12.13 11.57
CA PHE F 182 4.47 12.80 12.74
C PHE F 182 3.80 14.13 12.77
N VAL F 183 3.80 14.73 11.60
CA VAL F 183 3.17 16.00 11.42
C VAL F 183 1.76 15.95 11.99
N LYS F 184 0.97 15.00 11.49
CA LYS F 184 -0.40 14.84 11.96
C LYS F 184 -0.36 14.76 13.47
N ASN F 185 0.69 14.13 13.98
CA ASN F 185 0.89 13.94 15.41
C ASN F 185 1.55 15.18 15.94
N LYS F 186 1.92 16.05 15.00
CA LYS F 186 2.51 17.33 15.31
C LYS F 186 3.86 17.27 15.99
N MET F 187 4.76 16.45 15.48
CA MET F 187 6.04 16.39 16.11
C MET F 187 6.85 17.60 15.71
N ASP F 188 8.14 17.59 16.00
CA ASP F 188 8.94 18.76 15.72
C ASP F 188 9.96 18.66 14.62
N ILE F 189 10.70 17.56 14.56
CA ILE F 189 11.73 17.44 13.54
C ILE F 189 11.90 16.10 12.86
N ILE F 190 11.90 16.14 11.54
CA ILE F 190 12.05 14.92 10.76
C ILE F 190 13.36 14.80 10.03
N ILE F 191 13.83 13.57 9.99
CA ILE F 191 15.07 13.22 9.35
C ILE F 191 14.74 12.08 8.42
N VAL F 192 15.17 12.16 7.17
CA VAL F 192 14.88 11.06 6.24
C VAL F 192 15.96 10.83 5.20
N ASP F 193 16.73 9.78 5.42
CA ASP F 193 17.82 9.43 4.51
C ASP F 193 17.32 8.82 3.24
N THR F 194 17.92 9.24 2.14
CA THR F 194 17.54 8.73 0.85
C THR F 194 18.76 8.54 -0.03
N ALA F 195 18.51 7.98 -1.21
CA ALA F 195 19.55 7.71 -2.20
C ALA F 195 18.91 7.07 -3.45
N GLY F 196 19.75 6.55 -4.35
CA GLY F 196 19.28 5.92 -5.57
C GLY F 196 20.29 5.07 -6.34
N ARG F 197 19.80 4.14 -7.17
CA ARG F 197 20.59 3.21 -7.99
C ARG F 197 22.08 3.50 -8.27
N HIS F 198 22.33 4.56 -9.05
CA HIS F 198 23.70 4.99 -9.42
C HIS F 198 24.07 6.37 -8.83
N GLY F 199 25.21 6.44 -8.15
CA GLY F 199 25.67 7.67 -7.51
C GLY F 199 26.94 8.30 -8.07
N TYR F 200 28.06 8.14 -7.38
CA TYR F 200 29.35 8.71 -7.80
C TYR F 200 29.56 8.70 -9.32
N GLY F 201 29.76 9.87 -9.90
CA GLY F 201 29.95 9.99 -11.34
C GLY F 201 28.58 10.06 -11.99
N GLU F 202 27.77 9.05 -11.67
CA GLU F 202 26.39 8.94 -12.15
C GLU F 202 25.68 9.81 -11.12
N GLU F 203 26.48 10.65 -10.47
CA GLU F 203 26.01 11.59 -9.49
C GLU F 203 24.81 12.16 -10.19
N THR F 204 25.09 12.68 -11.38
CA THR F 204 24.09 13.26 -12.28
C THR F 204 22.72 12.62 -12.04
N LYS F 205 22.73 11.31 -11.87
CA LYS F 205 21.53 10.52 -11.67
C LYS F 205 21.08 10.56 -10.20
N LEU F 206 22.04 10.42 -9.29
CA LEU F 206 21.74 10.48 -7.87
C LEU F 206 20.84 11.70 -7.67
N LEU F 207 21.44 12.88 -7.80
CA LEU F 207 20.73 14.15 -7.67
C LEU F 207 19.47 14.06 -8.50
N GLU F 208 19.66 13.61 -9.74
CA GLU F 208 18.57 13.46 -10.68
C GLU F 208 17.41 12.88 -9.90
N GLU F 209 17.73 11.98 -8.99
CA GLU F 209 16.71 11.38 -8.19
C GLU F 209 16.20 12.41 -7.20
N MET F 210 17.11 12.88 -6.35
CA MET F 210 16.75 13.87 -5.35
C MET F 210 15.88 14.94 -5.95
N LYS F 211 16.03 15.12 -7.25
CA LYS F 211 15.25 16.09 -7.99
C LYS F 211 13.84 15.93 -7.46
N GLU F 212 13.08 15.03 -8.09
CA GLU F 212 11.71 14.76 -7.67
C GLU F 212 11.75 14.81 -6.17
N MET F 213 12.37 13.80 -5.61
CA MET F 213 12.54 13.68 -4.18
C MET F 213 12.34 15.04 -3.53
N TYR F 214 13.21 15.98 -3.89
CA TYR F 214 13.10 17.33 -3.32
C TYR F 214 11.82 17.97 -3.76
N ASP F 215 11.86 18.38 -5.03
CA ASP F 215 10.74 19.07 -5.65
C ASP F 215 9.60 18.11 -5.86
N VAL F 216 8.92 17.81 -4.77
CA VAL F 216 7.76 16.93 -4.75
C VAL F 216 7.32 17.03 -3.29
N LEU F 217 8.33 17.08 -2.44
CA LEU F 217 8.13 17.17 -1.02
C LEU F 217 8.02 18.62 -0.63
N LYS F 218 9.10 19.35 -0.89
CA LYS F 218 9.25 20.76 -0.58
C LYS F 218 9.95 20.89 0.78
N PRO F 219 11.16 20.28 0.89
CA PRO F 219 11.99 20.28 2.10
C PRO F 219 12.63 21.63 2.40
N ASP F 220 12.84 21.90 3.68
CA ASP F 220 13.43 23.16 4.07
C ASP F 220 14.92 23.00 4.17
N ASP F 221 15.35 22.02 4.96
CA ASP F 221 16.77 21.78 5.13
C ASP F 221 17.17 20.48 4.42
N VAL F 222 18.17 20.58 3.55
CA VAL F 222 18.63 19.40 2.82
C VAL F 222 20.11 19.16 2.94
N ILE F 223 20.47 17.88 3.04
CA ILE F 223 21.86 17.57 3.21
C ILE F 223 22.30 16.32 2.51
N LEU F 224 23.55 16.37 2.06
CA LEU F 224 24.19 15.24 1.43
C LEU F 224 25.25 14.91 2.45
N VAL F 225 25.92 13.78 2.27
CA VAL F 225 26.97 13.41 3.18
C VAL F 225 27.92 12.52 2.47
N ILE F 226 29.06 12.31 3.09
CA ILE F 226 30.07 11.51 2.46
C ILE F 226 31.12 11.11 3.46
N ASP F 227 31.74 9.98 3.21
CA ASP F 227 32.80 9.53 4.08
C ASP F 227 34.09 10.08 3.51
N ALA F 228 35.00 10.48 4.39
CA ALA F 228 36.30 10.99 3.96
C ALA F 228 36.95 9.88 3.14
N SER F 229 36.31 8.73 3.13
CA SER F 229 36.78 7.59 2.36
C SER F 229 37.05 8.10 0.96
N ILE F 230 36.10 8.86 0.44
CA ILE F 230 36.22 9.43 -0.89
C ILE F 230 37.18 10.62 -0.87
N GLY F 231 37.03 11.49 0.13
CA GLY F 231 37.91 12.64 0.26
C GLY F 231 37.80 13.72 -0.79
N GLN F 232 38.88 14.50 -0.94
CA GLN F 232 38.94 15.59 -1.89
C GLN F 232 38.21 15.24 -3.17
N LYS F 233 38.28 13.98 -3.58
CA LYS F 233 37.59 13.52 -4.78
C LYS F 233 36.17 14.06 -4.65
N ALA F 234 35.47 13.59 -3.62
CA ALA F 234 34.10 13.97 -3.30
C ALA F 234 33.75 15.31 -3.89
N TYR F 235 34.56 16.31 -3.53
CA TYR F 235 34.42 17.67 -4.03
C TYR F 235 33.24 17.65 -5.00
N ASP F 236 33.61 17.54 -6.27
CA ASP F 236 32.71 17.44 -7.40
C ASP F 236 31.31 17.03 -6.99
N LEU F 237 31.19 15.74 -6.67
CA LEU F 237 29.94 15.16 -6.24
C LEU F 237 29.12 16.25 -5.62
N ALA F 238 29.46 16.55 -4.38
CA ALA F 238 28.78 17.57 -3.63
C ALA F 238 28.60 18.79 -4.52
N SER F 239 29.73 19.33 -4.95
CA SER F 239 29.77 20.50 -5.81
C SER F 239 28.51 20.50 -6.65
N ARG F 240 28.50 19.63 -7.65
CA ARG F 240 27.35 19.50 -8.50
C ARG F 240 26.27 19.29 -7.47
N PHE F 241 25.48 20.33 -7.23
CA PHE F 241 24.41 20.28 -6.24
C PHE F 241 24.43 21.58 -5.47
N HIS F 242 25.60 21.98 -5.02
CA HIS F 242 25.70 23.23 -4.31
C HIS F 242 24.89 24.13 -5.24
N GLN F 243 24.90 23.73 -6.51
CA GLN F 243 24.19 24.41 -7.57
C GLN F 243 22.75 23.95 -7.57
N ALA F 244 22.56 22.63 -7.45
CA ALA F 244 21.22 22.09 -7.39
C ALA F 244 20.55 22.90 -6.30
N SER F 245 21.12 22.84 -5.10
CA SER F 245 20.64 23.60 -3.97
C SER F 245 21.81 24.12 -3.16
N PRO F 246 21.92 25.44 -3.06
CA PRO F 246 23.00 26.12 -2.33
C PRO F 246 22.80 25.93 -0.83
N ILE F 247 21.55 26.02 -0.38
CA ILE F 247 21.22 25.82 1.02
C ILE F 247 21.76 24.46 1.40
N GLY F 248 22.11 23.69 0.38
CA GLY F 248 22.65 22.37 0.57
C GLY F 248 23.90 22.40 1.44
N SER F 249 23.71 21.99 2.69
CA SER F 249 24.81 21.91 3.65
C SER F 249 25.05 20.44 3.81
N VAL F 250 26.21 20.09 4.34
CA VAL F 250 26.51 18.69 4.52
C VAL F 250 27.44 18.46 5.67
N ILE F 251 27.81 17.18 5.80
CA ILE F 251 28.70 16.68 6.82
C ILE F 251 29.51 15.54 6.17
N ILE F 252 30.57 15.10 6.83
CA ILE F 252 31.38 14.02 6.28
C ILE F 252 31.33 12.80 7.14
N THR F 253 30.72 11.76 6.61
CA THR F 253 30.60 10.53 7.35
C THR F 253 32.00 10.05 7.69
N LYS F 254 32.07 9.28 8.77
CA LYS F 254 33.31 8.69 9.26
C LYS F 254 34.56 9.53 9.27
N MET F 255 35.06 9.77 10.47
CA MET F 255 36.29 10.51 10.68
C MET F 255 37.27 9.45 11.05
N ASP F 256 37.00 8.80 12.17
CA ASP F 256 37.84 7.72 12.63
C ASP F 256 37.63 6.60 11.62
N GLY F 257 36.75 6.87 10.65
CA GLY F 257 36.44 5.89 9.63
C GLY F 257 37.13 6.07 8.29
N THR F 258 38.45 6.28 8.30
CA THR F 258 39.20 6.44 7.05
C THR F 258 40.71 6.49 7.27
N ALA F 259 41.25 7.72 7.30
CA ALA F 259 42.68 8.01 7.48
C ALA F 259 43.06 9.19 6.57
N LYS F 260 42.20 9.45 5.59
CA LYS F 260 42.41 10.49 4.59
C LYS F 260 41.86 11.86 5.01
N GLY F 261 40.64 11.85 5.51
CA GLY F 261 39.98 13.07 5.95
C GLY F 261 40.28 14.28 5.10
N GLY F 262 41.06 15.19 5.66
CA GLY F 262 41.44 16.42 4.99
C GLY F 262 40.78 16.59 3.65
N GLY F 263 41.53 16.31 2.59
CA GLY F 263 41.01 16.44 1.23
C GLY F 263 39.50 16.40 1.23
N ALA F 264 38.94 15.42 1.92
CA ALA F 264 37.50 15.28 2.01
C ALA F 264 37.01 16.69 2.32
N LEU F 265 37.01 17.01 3.60
CA LEU F 265 36.57 18.30 4.11
C LEU F 265 37.18 19.45 3.31
N SER F 266 38.41 19.24 2.86
CA SER F 266 39.11 20.26 2.10
C SER F 266 38.26 20.60 0.89
N ALA F 267 38.25 19.67 -0.07
CA ALA F 267 37.50 19.79 -1.30
C ALA F 267 36.22 20.54 -1.00
N VAL F 268 35.45 19.93 -0.12
CA VAL F 268 34.19 20.49 0.34
C VAL F 268 34.32 21.99 0.25
N VAL F 269 34.81 22.54 1.35
CA VAL F 269 35.02 23.96 1.49
C VAL F 269 35.14 24.59 0.12
N ALA F 270 36.28 24.34 -0.51
CA ALA F 270 36.62 24.87 -1.81
C ALA F 270 35.56 24.71 -2.88
N THR F 271 34.35 25.15 -2.56
CA THR F 271 33.24 25.05 -3.49
C THR F 271 32.21 25.98 -2.90
N GLY F 272 32.55 26.47 -1.71
CA GLY F 272 31.64 27.34 -0.98
C GLY F 272 30.81 26.34 -0.23
N ALA F 273 31.19 25.07 -0.37
CA ALA F 273 30.51 23.96 0.28
C ALA F 273 30.07 24.34 1.68
N THR F 274 29.05 23.67 2.20
CA THR F 274 28.55 23.99 3.52
C THR F 274 28.41 22.79 4.45
N ILE F 275 29.17 22.79 5.55
CA ILE F 275 29.11 21.69 6.49
C ILE F 275 28.38 22.14 7.72
N LYS F 276 28.28 21.24 8.69
CA LYS F 276 27.61 21.54 9.92
C LYS F 276 28.14 20.65 11.03
N PHE F 277 28.45 19.41 10.67
CA PHE F 277 28.94 18.45 11.62
C PHE F 277 30.03 17.62 11.04
N ILE F 278 30.29 16.49 11.69
CA ILE F 278 31.31 15.56 11.23
C ILE F 278 31.31 14.19 11.89
N GLY F 279 31.12 14.15 13.21
CA GLY F 279 31.09 12.89 13.94
C GLY F 279 32.15 11.83 13.65
N THR F 280 33.11 11.71 14.55
CA THR F 280 34.21 10.75 14.42
C THR F 280 33.86 9.41 13.76
N GLY F 281 32.65 8.93 14.02
CA GLY F 281 32.26 7.67 13.42
C GLY F 281 31.21 6.95 14.22
N GLU F 282 31.53 5.75 14.71
CA GLU F 282 30.60 4.92 15.48
C GLU F 282 29.92 5.64 16.64
N LYS F 283 29.38 4.86 17.58
CA LYS F 283 28.72 5.42 18.74
C LYS F 283 27.66 6.45 18.44
N ILE F 284 26.47 6.21 18.98
CA ILE F 284 25.31 7.07 18.79
C ILE F 284 25.50 8.57 19.05
N ASP F 285 26.69 9.00 19.43
CA ASP F 285 26.88 10.42 19.70
C ASP F 285 28.09 11.05 19.05
N GLU F 286 29.08 10.24 18.67
CA GLU F 286 30.32 10.74 18.05
C GLU F 286 30.15 11.90 17.10
N LEU F 287 28.92 12.12 16.65
CA LEU F 287 28.63 13.23 15.77
C LEU F 287 28.88 14.49 16.57
N GLU F 288 29.29 15.55 15.88
CA GLU F 288 29.53 16.79 16.55
C GLU F 288 29.17 17.90 15.61
N THR F 289 29.00 19.09 16.18
CA THR F 289 28.65 20.27 15.39
C THR F 289 29.80 20.50 14.44
N PHE F 290 30.17 21.77 14.28
CA PHE F 290 31.26 22.12 13.42
C PHE F 290 31.50 23.61 13.15
N ASN F 291 32.75 24.02 13.31
CA ASN F 291 33.19 25.38 13.00
C ASN F 291 34.69 25.45 12.94
N ALA F 292 35.22 25.21 11.74
CA ALA F 292 36.65 25.24 11.48
C ALA F 292 37.41 25.32 12.79
N LYS F 293 37.54 26.55 13.28
CA LYS F 293 38.20 26.83 14.53
C LYS F 293 37.99 25.61 15.36
N ARG F 294 36.75 25.47 15.82
CA ARG F 294 36.30 24.37 16.64
C ARG F 294 37.32 23.25 16.45
N PHE F 295 37.48 22.86 15.19
CA PHE F 295 38.41 21.82 14.84
C PHE F 295 39.83 22.28 14.65
N VAL F 296 40.03 23.14 13.66
CA VAL F 296 41.36 23.66 13.38
C VAL F 296 41.98 23.80 14.73
N SER F 297 41.42 24.72 15.49
CA SER F 297 41.88 24.97 16.83
C SER F 297 42.14 23.60 17.41
N ARG F 298 41.09 22.77 17.39
CA ARG F 298 41.18 21.43 17.93
C ARG F 298 42.46 20.71 17.53
N ILE F 299 42.96 20.92 16.33
CA ILE F 299 44.21 20.23 15.99
C ILE F 299 45.42 21.10 16.35
N LEU F 300 45.27 21.86 17.43
CA LEU F 300 46.31 22.76 17.92
C LEU F 300 45.96 22.88 19.39
N GLY F 301 44.72 22.47 19.67
CA GLY F 301 44.17 22.48 21.01
C GLY F 301 44.44 23.71 21.83
N MET F 302 45.49 23.66 22.63
CA MET F 302 45.82 24.78 23.45
C MET F 302 46.18 25.98 22.60
N GLY F 303 45.21 26.86 22.45
CA GLY F 303 45.40 28.09 21.72
C GLY F 303 44.89 29.09 22.73
N ASP F 304 45.77 29.51 23.62
CA ASP F 304 45.38 30.47 24.64
C ASP F 304 45.43 31.81 23.91
N ILE F 305 46.65 32.31 23.79
CA ILE F 305 46.96 33.53 23.11
C ILE F 305 45.73 34.28 22.66
N GLU F 306 45.03 33.71 21.67
CA GLU F 306 43.80 34.29 21.14
C GLU F 306 43.22 35.10 22.27
N SER F 307 43.20 34.47 23.42
CA SER F 307 42.74 35.10 24.62
C SER F 307 43.58 36.36 24.80
N ILE F 308 44.71 36.20 25.48
CA ILE F 308 45.65 37.29 25.77
C ILE F 308 45.69 38.18 24.55
N LEU F 309 45.57 37.53 23.42
CA LEU F 309 45.55 38.21 22.16
C LEU F 309 44.41 39.21 22.21
N GLU F 310 43.20 38.68 22.16
CA GLU F 310 41.99 39.50 22.15
C GLU F 310 41.97 40.70 23.11
N LYS F 311 42.81 40.68 24.16
CA LYS F 311 42.84 41.79 25.11
C LYS F 311 43.21 43.10 24.43
N VAL F 312 44.09 43.00 23.43
CA VAL F 312 44.51 44.17 22.68
C VAL F 312 43.22 44.90 22.40
N LYS F 313 42.32 44.19 21.75
CA LYS F 313 41.02 44.74 21.43
C LYS F 313 40.50 45.41 22.68
N GLY F 314 40.66 44.74 23.81
CA GLY F 314 40.22 45.33 25.06
C GLY F 314 40.83 46.70 25.07
N LEU F 315 42.14 46.76 25.24
CA LEU F 315 42.81 48.05 25.27
C LEU F 315 42.63 48.74 23.94
N GLU F 316 43.44 48.35 22.97
CA GLU F 316 43.36 48.91 21.64
C GLU F 316 41.89 48.88 21.24
N GLU F 317 41.24 50.05 21.30
CA GLU F 317 39.84 50.28 21.01
C GLU F 317 39.09 50.71 22.27
N TYR F 318 39.86 51.02 23.30
CA TYR F 318 39.25 51.44 24.54
C TYR F 318 39.61 52.83 24.92
N ASP F 319 40.80 53.19 24.53
CA ASP F 319 41.30 54.54 24.73
C ASP F 319 40.15 55.26 24.07
N LYS F 320 39.63 54.53 23.06
CA LYS F 320 38.46 55.01 22.34
C LYS F 320 37.54 55.80 23.25
N ILE F 321 37.30 55.18 24.42
CA ILE F 321 36.48 55.84 25.42
C ILE F 321 37.11 57.17 25.76
N GLN F 322 38.17 57.07 26.55
CA GLN F 322 38.94 58.20 27.03
C GLN F 322 38.54 59.54 26.35
N LYS F 323 39.48 60.22 25.71
CA LYS F 323 39.21 61.51 25.06
C LYS F 323 38.03 62.11 25.75
N LYS F 324 36.99 62.31 24.97
CA LYS F 324 35.78 62.79 25.54
C LYS F 324 35.06 61.46 25.52
N MET F 325 34.03 61.36 26.35
CA MET F 325 33.26 60.14 26.45
C MET F 325 31.86 60.34 25.85
N GLU F 326 30.82 60.05 26.64
CA GLU F 326 29.39 60.12 26.26
C GLU F 326 28.93 60.95 25.04
N ASP F 327 27.86 60.46 24.39
CA ASP F 327 27.26 61.08 23.21
C ASP F 327 25.82 61.54 23.44
N VAL F 328 25.45 62.60 22.71
CA VAL F 328 24.10 63.19 22.76
C VAL F 328 23.65 63.72 24.13
N MET F 329 22.44 63.34 24.54
CA MET F 329 21.87 63.82 25.80
C MET F 329 21.13 62.69 26.58
N GLU F 330 20.08 63.08 27.30
CA GLU F 330 19.18 62.21 28.12
C GLU F 330 19.67 60.86 28.74
N GLY F 331 18.87 59.80 28.54
CA GLY F 331 19.11 58.44 29.04
C GLY F 331 20.45 57.92 29.55
N LYS F 332 20.39 56.83 30.33
CA LYS F 332 21.58 56.19 30.91
C LYS F 332 22.51 55.47 29.90
N GLY F 333 23.80 55.40 30.25
CA GLY F 333 24.79 54.79 29.37
C GLY F 333 25.51 53.49 29.74
N LYS F 334 26.85 53.55 29.75
CA LYS F 334 27.72 52.39 30.03
C LYS F 334 28.59 52.40 31.30
N LEU F 335 29.88 52.64 31.11
CA LEU F 335 30.86 52.61 32.21
C LEU F 335 32.14 53.42 31.84
N THR F 336 32.95 53.81 32.84
CA THR F 336 34.20 54.57 32.58
C THR F 336 35.32 54.49 33.63
N LEU F 337 35.14 55.10 34.80
CA LEU F 337 36.21 55.03 35.79
C LEU F 337 36.27 53.64 36.38
N ARG F 338 35.61 52.75 35.66
CA ARG F 338 35.54 51.34 35.93
C ARG F 338 36.51 50.89 34.86
N ASP F 339 36.19 51.33 33.65
CA ASP F 339 37.00 51.05 32.47
C ASP F 339 38.41 51.31 32.92
N VAL F 340 38.51 52.23 33.88
CA VAL F 340 39.78 52.57 34.49
C VAL F 340 40.42 51.22 34.74
N TYR F 341 39.99 50.62 35.83
CA TYR F 341 40.47 49.33 36.23
C TYR F 341 40.32 48.36 35.08
N ALA F 342 39.31 48.59 34.25
CA ALA F 342 39.13 47.69 33.14
C ALA F 342 40.45 47.57 32.41
N GLN F 343 41.05 48.72 32.08
CA GLN F 343 42.33 48.73 31.37
C GLN F 343 43.13 47.57 31.93
N ILE F 344 43.42 47.65 33.22
CA ILE F 344 44.17 46.64 33.95
C ILE F 344 44.13 45.31 33.23
N ILE F 345 43.17 44.51 33.68
CA ILE F 345 42.93 43.18 33.15
C ILE F 345 43.67 42.88 31.88
N ALA F 346 43.01 43.17 30.76
CA ALA F 346 43.54 42.94 29.44
C ALA F 346 44.96 42.45 29.53
N LEU F 347 45.85 43.41 29.68
CA LEU F 347 47.28 43.21 29.80
C LEU F 347 47.72 41.97 30.55
N ARG F 348 47.59 41.98 31.87
CA ARG F 348 48.01 40.84 32.69
C ARG F 348 47.53 39.54 32.07
N LYS F 349 46.28 39.53 31.65
CA LYS F 349 45.72 38.36 31.01
C LYS F 349 46.34 38.30 29.62
N MET F 350 46.45 39.47 29.02
CA MET F 350 47.02 39.66 27.69
C MET F 350 48.50 39.36 27.79
N GLY F 351 48.81 38.18 28.29
CA GLY F 351 50.19 37.80 28.46
C GLY F 351 50.60 38.34 29.82
N PRO F 352 51.68 37.81 30.41
CA PRO F 352 52.20 38.21 31.72
C PRO F 352 52.40 39.71 31.85
N LEU F 353 52.93 40.13 33.00
CA LEU F 353 53.16 41.53 33.27
C LEU F 353 54.49 42.01 32.68
N SER F 354 55.03 43.08 33.27
CA SER F 354 56.32 43.67 32.90
C SER F 354 56.63 43.76 31.41
N LYS F 355 57.34 42.74 30.90
CA LYS F 355 57.75 42.67 29.49
C LYS F 355 56.96 43.61 28.59
N VAL F 356 55.67 43.68 28.88
CA VAL F 356 54.70 44.50 28.17
C VAL F 356 54.78 45.97 28.57
N LEU F 357 54.65 46.22 29.87
CA LEU F 357 54.75 47.55 30.42
C LEU F 357 55.83 48.21 29.62
N GLN F 358 57.03 47.66 29.77
CA GLN F 358 58.23 48.13 29.08
C GLN F 358 57.85 48.25 27.63
N HIS F 359 57.56 47.09 27.05
CA HIS F 359 57.19 47.03 25.68
C HIS F 359 56.14 48.08 25.31
N ILE F 360 55.48 48.68 26.28
CA ILE F 360 54.46 49.64 25.94
C ILE F 360 53.89 50.57 27.01
N PRO F 361 53.66 51.83 26.62
CA PRO F 361 53.12 52.99 27.35
C PRO F 361 52.39 52.82 28.68
N GLY F 362 52.19 53.96 29.34
CA GLY F 362 51.52 54.00 30.63
C GLY F 362 50.06 53.66 30.57
N LEU F 363 49.22 54.57 31.05
CA LEU F 363 47.77 54.35 31.08
C LEU F 363 46.98 55.47 30.43
N GLY F 364 47.58 56.65 30.39
CA GLY F 364 46.93 57.75 29.74
C GLY F 364 46.97 57.24 28.33
N ILE F 365 47.78 57.86 27.49
CA ILE F 365 47.91 57.41 26.12
C ILE F 365 48.98 58.15 25.33
N MET F 366 48.77 59.46 25.09
CA MET F 366 49.74 60.28 24.34
C MET F 366 49.33 61.73 24.00
N LEU F 367 49.12 62.53 25.01
CA LEU F 367 48.73 63.89 24.76
C LEU F 367 49.60 64.83 25.53
N PRO F 368 49.23 66.12 25.55
CA PRO F 368 50.03 67.09 26.30
C PRO F 368 49.96 66.69 27.78
N THR F 369 50.78 65.70 28.14
CA THR F 369 50.80 65.12 29.48
C THR F 369 52.11 65.29 30.23
N PRO F 370 52.20 64.75 31.47
CA PRO F 370 53.40 64.83 32.33
C PRO F 370 54.11 63.49 32.58
N SER F 371 55.36 63.61 33.06
CA SER F 371 56.28 62.51 33.45
C SER F 371 57.32 61.92 32.43
N GLU F 372 58.57 62.39 32.56
CA GLU F 372 59.76 61.99 31.76
C GLU F 372 59.69 61.53 30.29
N ASP F 373 60.77 60.84 29.84
CA ASP F 373 61.08 60.35 28.51
C ASP F 373 60.13 59.24 28.12
N GLN F 374 59.44 58.61 29.05
CA GLN F 374 58.49 57.52 28.81
C GLN F 374 57.42 57.50 29.95
N LEU F 375 56.14 57.56 29.56
CA LEU F 375 54.95 57.60 30.44
C LEU F 375 54.70 56.41 31.39
N LYS F 376 54.91 56.63 32.69
CA LYS F 376 54.66 55.60 33.70
C LYS F 376 55.24 55.82 35.10
N ILE F 377 55.73 54.71 35.65
CA ILE F 377 56.30 54.57 36.99
C ILE F 377 55.12 54.16 37.89
N GLY F 378 54.50 53.05 37.48
CA GLY F 378 53.38 52.44 38.18
C GLY F 378 53.87 51.01 38.34
N GLU F 379 54.96 50.75 37.64
CA GLU F 379 55.71 49.49 37.61
C GLU F 379 55.20 48.36 38.51
N GLU F 380 55.12 48.65 39.81
CA GLU F 380 54.69 47.68 40.81
C GLU F 380 53.32 48.12 41.33
N LYS F 381 53.29 49.37 41.77
CA LYS F 381 52.11 50.04 42.30
C LYS F 381 50.91 49.71 41.42
N ILE F 382 51.21 49.28 40.21
CA ILE F 382 50.22 48.90 39.24
C ILE F 382 49.29 47.87 39.84
N ARG F 383 49.83 46.67 40.04
CA ARG F 383 49.07 45.57 40.60
C ARG F 383 48.68 45.97 42.02
N ARG F 384 48.49 47.25 42.23
CA ARG F 384 48.11 47.75 43.53
C ARG F 384 46.87 48.52 43.28
N TRP F 385 46.95 49.40 42.30
CA TRP F 385 45.79 50.18 41.95
C TRP F 385 44.70 49.16 41.89
N LEU F 386 45.04 48.03 41.31
CA LEU F 386 44.09 46.97 41.17
C LEU F 386 43.55 46.57 42.52
N ALA F 387 44.46 46.23 43.43
CA ALA F 387 44.10 45.81 44.77
C ALA F 387 42.64 46.06 45.03
N ALA F 388 42.28 47.32 45.19
CA ALA F 388 40.91 47.70 45.45
C ALA F 388 40.07 47.31 44.24
N LEU F 389 39.39 48.28 43.67
CA LEU F 389 38.57 48.05 42.49
C LEU F 389 37.70 46.86 42.81
N ASN F 390 38.26 45.68 42.55
CA ASN F 390 37.60 44.43 42.83
C ASN F 390 37.30 44.44 44.33
N SER F 391 37.83 45.42 45.03
CA SER F 391 37.58 45.54 46.45
C SER F 391 36.46 46.57 46.60
N MET F 392 35.63 46.68 45.55
CA MET F 392 34.54 47.65 45.56
C MET F 392 33.41 47.32 44.63
N THR F 393 32.21 47.70 45.05
CA THR F 393 31.04 47.48 44.24
C THR F 393 31.23 48.19 42.92
N TYR F 394 30.42 47.75 41.96
CA TYR F 394 30.40 48.33 40.61
C TYR F 394 30.27 49.84 40.78
N LYS F 395 29.02 50.26 40.98
CA LYS F 395 28.60 51.64 41.16
C LYS F 395 29.72 52.57 41.60
N GLU F 396 30.46 52.14 42.61
CA GLU F 396 31.57 52.90 43.14
C GLU F 396 32.33 53.67 42.06
N LEU F 397 32.94 52.92 41.16
CA LEU F 397 33.75 53.46 40.07
C LEU F 397 33.02 54.24 38.97
N GLU F 398 31.72 54.34 39.14
CA GLU F 398 30.89 55.07 38.20
C GLU F 398 30.77 56.44 38.79
N ASN F 399 30.60 56.48 40.10
CA ASN F 399 30.56 57.76 40.77
C ASN F 399 31.84 57.81 41.59
N PRO F 400 32.96 58.01 40.89
CA PRO F 400 34.25 58.08 41.57
C PRO F 400 34.32 59.40 42.34
N ASN F 401 33.18 59.81 42.89
CA ASN F 401 33.10 61.07 43.61
C ASN F 401 32.11 60.89 44.75
N ILE F 402 32.34 59.84 45.52
CA ILE F 402 31.51 59.50 46.67
C ILE F 402 32.39 58.65 47.59
N ILE F 403 33.69 58.94 47.50
CA ILE F 403 34.72 58.25 48.26
C ILE F 403 34.99 58.92 49.61
N ASP F 404 34.01 58.80 50.52
CA ASP F 404 34.11 59.35 51.85
C ASP F 404 35.17 58.59 52.62
N LYS F 405 35.86 59.28 53.52
CA LYS F 405 36.88 58.62 54.32
C LYS F 405 36.30 57.27 54.70
N SER F 406 35.08 57.31 55.21
CA SER F 406 34.39 56.10 55.61
C SER F 406 34.46 55.05 54.49
N ARG F 407 33.52 55.12 53.56
CA ARG F 407 33.46 54.18 52.45
C ARG F 407 34.76 54.18 51.67
N MET F 408 35.67 53.28 52.04
CA MET F 408 36.95 53.11 51.37
C MET F 408 38.01 52.53 52.28
N ARG F 409 38.08 53.02 53.51
CA ARG F 409 39.06 52.49 54.45
C ARG F 409 38.88 50.99 54.47
N ARG F 410 37.63 50.59 54.27
CA ARG F 410 37.27 49.17 54.22
C ARG F 410 37.95 48.56 53.01
N ILE F 411 37.88 49.29 51.90
CA ILE F 411 38.51 48.81 50.68
C ILE F 411 39.97 48.81 51.09
N ALA F 412 40.37 49.90 51.71
CA ALA F 412 41.73 50.07 52.18
C ALA F 412 42.15 48.77 52.85
N GLU F 413 41.50 48.45 53.96
CA GLU F 413 41.82 47.23 54.64
C GLU F 413 41.30 46.03 53.84
N GLY F 414 40.04 46.10 53.42
CA GLY F 414 39.44 45.01 52.65
C GLY F 414 40.33 44.55 51.52
N SER F 415 41.09 45.49 50.95
CA SER F 415 42.01 45.17 49.87
C SER F 415 43.37 44.86 50.51
N GLY F 416 43.48 45.20 51.80
CA GLY F 416 44.69 44.94 52.55
C GLY F 416 45.70 46.07 52.61
N LEU F 417 45.41 47.19 51.96
CA LEU F 417 46.33 48.32 51.93
C LEU F 417 46.04 49.43 52.93
N GLU F 418 46.99 49.66 53.83
CA GLU F 418 46.82 50.71 54.82
C GLU F 418 46.43 52.00 54.10
N VAL F 419 45.30 52.56 54.51
CA VAL F 419 44.76 53.81 53.95
C VAL F 419 45.66 54.44 52.88
N GLU F 420 46.32 55.51 53.28
CA GLU F 420 47.23 56.28 52.47
C GLU F 420 47.24 55.89 50.99
N GLU F 421 47.90 54.78 50.68
CA GLU F 421 47.98 54.27 49.31
C GLU F 421 46.83 54.75 48.43
N VAL F 422 45.63 54.60 48.95
CA VAL F 422 44.42 54.97 48.25
C VAL F 422 44.18 56.45 48.06
N ARG F 423 43.86 57.15 49.15
CA ARG F 423 43.63 58.58 49.05
C ARG F 423 44.71 58.97 48.05
N GLU F 424 45.93 58.49 48.34
CA GLU F 424 47.10 58.71 47.52
C GLU F 424 46.96 58.04 46.16
N LEU F 425 45.86 58.28 45.47
CA LEU F 425 45.66 57.69 44.18
C LEU F 425 44.38 58.21 43.63
N LEU F 426 43.38 58.24 44.51
CA LEU F 426 42.06 58.73 44.17
C LEU F 426 42.08 59.91 43.21
N GLU F 427 43.11 60.73 43.34
CA GLU F 427 43.28 61.92 42.52
C GLU F 427 43.95 61.62 41.18
N TRP F 428 44.82 60.62 41.19
CA TRP F 428 45.53 60.22 39.98
C TRP F 428 44.47 59.70 39.07
N TYR F 429 43.25 59.99 39.49
CA TYR F 429 42.06 59.54 38.81
C TYR F 429 41.19 60.72 38.47
N ASN F 430 40.94 61.53 39.48
CA ASN F 430 40.09 62.70 39.31
C ASN F 430 40.89 63.86 38.74
N ASN F 431 42.20 63.68 38.63
CA ASN F 431 43.03 64.72 38.04
C ASN F 431 43.35 64.25 36.64
N MET F 432 43.67 62.98 36.50
CA MET F 432 43.95 62.44 35.17
C MET F 432 42.96 63.16 34.25
N ASN F 433 41.71 62.75 34.35
CA ASN F 433 40.61 63.35 33.61
C ASN F 433 40.87 64.85 33.57
N ARG F 434 40.70 65.49 34.72
CA ARG F 434 40.90 66.92 34.89
C ARG F 434 41.72 67.44 33.73
N LEU F 435 42.98 67.04 33.76
CA LEU F 435 43.90 67.40 32.72
C LEU F 435 43.36 66.71 31.49
N LEU F 436 43.38 65.39 31.53
CA LEU F 436 42.88 64.55 30.46
C LEU F 436 41.81 65.29 29.70
N LYS F 437 40.66 65.40 30.36
CA LYS F 437 39.49 66.06 29.82
C LYS F 437 39.76 67.45 29.27
N MET F 438 41.01 67.90 29.29
CA MET F 438 41.22 69.25 28.79
C MET F 438 41.19 69.49 27.32
N VAL F 439 39.99 69.34 26.78
CA VAL F 439 39.74 69.54 25.38
C VAL F 439 39.23 70.95 25.15
N LYS F 440 40.16 71.83 24.80
CA LYS F 440 39.85 73.24 24.52
C LYS F 440 39.03 73.89 25.65
N MET G 9 -17.92 4.87 47.01
CA MET G 9 -18.59 3.58 46.65
C MET G 9 -18.13 2.47 47.60
N LEU G 10 -17.61 1.39 47.03
CA LEU G 10 -17.13 0.27 47.82
C LEU G 10 -16.11 0.78 48.84
N GLU G 11 -15.02 1.34 48.31
CA GLU G 11 -13.93 1.87 49.12
C GLU G 11 -14.42 2.10 50.53
N ASN G 12 -15.31 3.07 50.68
CA ASN G 12 -15.87 3.36 51.98
C ASN G 12 -16.81 2.24 52.41
N ILE G 13 -16.20 1.11 52.78
CA ILE G 13 -16.84 -0.11 53.25
C ILE G 13 -15.61 -0.77 53.82
N ARG G 14 -14.53 -0.60 53.08
CA ARG G 14 -13.22 -1.10 53.43
C ARG G 14 -12.89 -0.44 54.76
N ASP G 15 -13.85 0.32 55.24
CA ASP G 15 -13.73 1.06 56.48
C ASP G 15 -14.51 0.25 57.47
N ALA G 16 -15.62 -0.30 57.00
CA ALA G 16 -16.44 -1.14 57.83
C ALA G 16 -15.43 -2.08 58.47
N VAL G 17 -14.33 -2.26 57.74
CA VAL G 17 -13.23 -3.08 58.19
C VAL G 17 -12.85 -2.70 59.61
N ARG G 18 -12.22 -1.54 59.79
CA ARG G 18 -11.83 -1.14 61.14
C ARG G 18 -13.06 -0.61 61.86
N LYS G 19 -14.05 -0.16 61.09
CA LYS G 19 -15.28 0.33 61.68
C LYS G 19 -15.77 -0.82 62.53
N PHE G 20 -15.22 -1.98 62.23
CA PHE G 20 -15.52 -3.22 62.90
C PHE G 20 -14.59 -3.43 64.08
N LEU G 21 -13.35 -2.98 63.95
CA LEU G 21 -12.37 -3.12 65.03
C LEU G 21 -12.77 -2.21 66.18
N THR G 22 -13.93 -2.51 66.74
CA THR G 22 -14.50 -1.75 67.84
C THR G 22 -15.10 -2.69 68.88
N GLY G 23 -14.38 -2.88 69.98
CA GLY G 23 -14.87 -3.75 71.04
C GLY G 23 -16.18 -3.23 71.61
N SER G 24 -16.32 -1.89 71.62
CA SER G 24 -17.50 -1.19 72.11
C SER G 24 -18.77 -1.93 71.63
N THR G 25 -19.03 -1.85 70.33
CA THR G 25 -20.18 -2.52 69.75
C THR G 25 -20.03 -4.03 69.88
N PRO G 26 -21.16 -4.70 70.11
CA PRO G 26 -21.33 -6.14 70.29
C PRO G 26 -20.77 -7.06 69.24
N TYR G 27 -21.62 -8.00 68.83
CA TYR G 27 -21.26 -8.99 67.85
C TYR G 27 -22.41 -9.25 66.90
N GLU G 28 -22.51 -10.49 66.40
CA GLU G 28 -23.51 -10.94 65.44
C GLU G 28 -24.24 -9.83 64.66
N LYS G 29 -25.02 -9.04 65.38
CA LYS G 29 -25.71 -7.93 64.74
C LYS G 29 -24.60 -7.20 63.97
N ALA G 30 -23.58 -6.79 64.72
CA ALA G 30 -22.42 -6.11 64.17
C ALA G 30 -22.20 -6.72 62.80
N VAL G 31 -22.18 -8.05 62.80
CA VAL G 31 -21.97 -8.81 61.60
C VAL G 31 -22.96 -8.49 60.48
N ASP G 32 -24.08 -9.20 60.51
CA ASP G 32 -25.11 -9.03 59.50
C ASP G 32 -25.15 -7.63 58.95
N GLU G 33 -25.24 -6.62 59.82
CA GLU G 33 -25.25 -5.26 59.33
C GLU G 33 -24.12 -5.25 58.33
N PHE G 34 -22.92 -5.14 58.89
CA PHE G 34 -21.73 -5.12 58.11
C PHE G 34 -22.01 -5.90 56.84
N ILE G 35 -22.46 -7.13 57.02
CA ILE G 35 -22.78 -7.97 55.90
C ILE G 35 -23.56 -7.08 54.95
N LYS G 36 -24.83 -6.87 55.29
CA LYS G 36 -25.72 -6.04 54.49
C LYS G 36 -24.99 -4.78 54.09
N ASP G 37 -24.42 -4.12 55.09
CA ASP G 37 -23.69 -2.89 54.88
C ASP G 37 -22.75 -3.11 53.70
N LEU G 38 -21.72 -3.92 53.91
CA LEU G 38 -20.83 -4.21 52.81
C LEU G 38 -21.78 -4.58 51.69
N GLN G 39 -22.58 -5.61 51.92
CA GLN G 39 -23.54 -6.11 50.96
C GLN G 39 -24.20 -5.00 50.16
N LYS G 40 -24.49 -3.91 50.83
CA LYS G 40 -25.11 -2.80 50.17
C LYS G 40 -24.12 -2.19 49.18
N SER G 41 -23.10 -1.54 49.76
CA SER G 41 -22.02 -0.85 49.03
C SER G 41 -21.67 -1.43 47.67
N LEU G 42 -22.04 -2.70 47.48
CA LEU G 42 -21.76 -3.45 46.27
C LEU G 42 -22.67 -3.16 45.10
N ILE G 43 -23.85 -3.78 45.16
CA ILE G 43 -24.81 -3.60 44.10
C ILE G 43 -24.91 -2.12 43.79
N SER G 44 -25.01 -1.32 44.85
CA SER G 44 -25.09 0.12 44.70
C SER G 44 -23.97 0.55 43.75
N SER G 45 -22.84 -0.14 43.88
CA SER G 45 -21.67 0.10 43.04
C SER G 45 -21.75 -0.97 41.94
N ASP G 46 -22.77 -0.84 41.10
CA ASP G 46 -22.98 -1.78 40.01
C ASP G 46 -23.26 -3.13 40.65
N VAL G 47 -22.28 -4.02 40.53
CA VAL G 47 -22.37 -5.36 41.09
C VAL G 47 -23.67 -6.08 40.80
N ASN G 48 -23.57 -7.28 40.25
CA ASN G 48 -24.80 -8.02 40.01
C ASN G 48 -25.20 -8.57 41.35
N VAL G 49 -26.39 -9.14 41.44
CA VAL G 49 -26.83 -9.67 42.71
C VAL G 49 -27.24 -11.13 42.71
N LYS G 50 -27.93 -11.57 41.66
CA LYS G 50 -28.37 -12.97 41.53
C LYS G 50 -27.39 -13.74 42.37
N LEU G 51 -26.14 -13.57 41.98
CA LEU G 51 -24.98 -14.15 42.62
C LEU G 51 -25.10 -13.93 44.11
N VAL G 52 -24.68 -12.74 44.53
CA VAL G 52 -24.71 -12.28 45.92
C VAL G 52 -25.31 -13.28 46.88
N PHE G 53 -26.62 -13.48 46.72
CA PHE G 53 -27.39 -14.43 47.53
C PHE G 53 -26.41 -15.55 47.85
N SER G 54 -25.82 -16.10 46.80
CA SER G 54 -24.84 -17.16 46.91
C SER G 54 -23.77 -16.77 47.92
N LEU G 55 -23.01 -15.71 47.62
CA LEU G 55 -21.98 -15.29 48.55
C LEU G 55 -22.59 -15.18 49.93
N THR G 56 -23.30 -14.07 50.14
CA THR G 56 -23.96 -13.81 51.40
C THR G 56 -24.33 -15.15 52.03
N ALA G 57 -24.82 -16.06 51.20
CA ALA G 57 -25.19 -17.38 51.64
C ALA G 57 -23.95 -18.08 52.16
N LYS G 58 -23.19 -18.69 51.25
CA LYS G 58 -21.97 -19.43 51.60
C LYS G 58 -21.41 -18.85 52.88
N ILE G 59 -21.35 -17.53 52.89
CA ILE G 59 -20.91 -16.79 54.05
C ILE G 59 -21.57 -17.49 55.23
N LYS G 60 -22.87 -17.23 55.38
CA LYS G 60 -23.68 -17.83 56.43
C LYS G 60 -23.30 -19.30 56.61
N GLU G 61 -23.56 -20.09 55.57
CA GLU G 61 -23.26 -21.51 55.55
C GLU G 61 -22.22 -21.83 56.59
N ARG G 62 -21.00 -21.39 56.29
CA ARG G 62 -19.87 -21.60 57.16
C ARG G 62 -20.23 -21.45 58.64
N LEU G 63 -20.49 -20.23 59.08
CA LEU G 63 -20.86 -19.95 60.47
C LEU G 63 -21.38 -21.18 61.21
N ASN G 64 -22.60 -21.57 60.84
CA ASN G 64 -23.29 -22.72 61.43
C ASN G 64 -22.63 -24.02 61.00
N LYS G 65 -21.30 -24.04 61.03
CA LYS G 65 -20.49 -25.19 60.65
C LYS G 65 -19.03 -24.94 61.01
N GLU G 66 -18.78 -23.97 61.88
CA GLU G 66 -17.40 -23.66 62.23
C GLU G 66 -17.27 -22.74 63.41
N LYS G 67 -16.01 -22.43 63.70
CA LYS G 67 -15.64 -21.54 64.78
C LYS G 67 -14.15 -21.28 64.63
N PRO G 68 -13.70 -20.13 65.10
CA PRO G 68 -12.28 -19.82 65.00
C PRO G 68 -11.48 -20.74 65.88
N PRO G 69 -10.49 -21.43 65.31
CA PRO G 69 -9.74 -22.30 66.20
C PRO G 69 -9.50 -21.45 67.44
N SER G 70 -9.68 -22.06 68.61
CA SER G 70 -9.50 -21.33 69.85
C SER G 70 -8.25 -20.47 69.72
N VAL G 71 -7.91 -19.80 70.80
CA VAL G 71 -6.73 -18.97 70.80
C VAL G 71 -6.82 -17.97 69.66
N LEU G 72 -7.95 -17.28 69.60
CA LEU G 72 -8.12 -16.26 68.60
C LEU G 72 -9.51 -15.68 68.45
N GLU G 73 -9.62 -14.40 68.82
CA GLU G 73 -10.85 -13.64 68.75
C GLU G 73 -11.61 -13.93 67.45
N ARG G 74 -12.88 -14.27 67.61
CA ARG G 74 -13.79 -14.59 66.52
C ARG G 74 -13.78 -13.47 65.49
N LYS G 75 -14.33 -12.33 65.91
CA LYS G 75 -14.42 -11.14 65.08
C LYS G 75 -13.43 -11.27 63.94
N GLU G 76 -12.16 -11.37 64.30
CA GLU G 76 -11.11 -11.52 63.31
C GLU G 76 -11.55 -12.63 62.33
N TRP G 77 -11.37 -13.90 62.71
CA TRP G 77 -11.75 -15.07 61.88
C TRP G 77 -12.78 -14.72 60.83
N PHE G 78 -13.92 -14.26 61.33
CA PHE G 78 -15.02 -13.82 60.51
C PHE G 78 -14.42 -13.42 59.17
N ILE G 79 -13.51 -12.47 59.26
CA ILE G 79 -12.85 -11.94 58.10
C ILE G 79 -12.23 -12.94 57.20
N SER G 80 -11.17 -13.56 57.68
CA SER G 80 -10.48 -14.57 56.90
C SER G 80 -11.54 -15.12 56.00
N ILE G 81 -12.67 -15.45 56.61
CA ILE G 81 -13.80 -16.00 55.92
C ILE G 81 -14.35 -15.00 54.94
N VAL G 82 -14.70 -13.83 55.46
CA VAL G 82 -15.22 -12.79 54.61
C VAL G 82 -14.23 -12.72 53.47
N TYR G 83 -13.04 -12.22 53.78
CA TYR G 83 -12.00 -12.10 52.80
C TYR G 83 -12.07 -13.33 51.95
N ASP G 84 -11.79 -14.45 52.60
CA ASP G 84 -11.81 -15.74 51.97
C ASP G 84 -12.71 -15.68 50.75
N GLU G 85 -14.02 -15.59 51.00
CA GLU G 85 -15.00 -15.57 49.92
C GLU G 85 -14.99 -14.37 49.00
N LEU G 86 -14.43 -13.26 49.45
CA LEU G 86 -14.37 -12.10 48.60
C LEU G 86 -13.59 -12.60 47.40
N SER G 87 -12.50 -13.29 47.71
CA SER G 87 -11.65 -13.87 46.69
C SER G 87 -12.60 -14.56 45.72
N LYS G 88 -12.98 -15.78 46.08
CA LYS G 88 -13.90 -16.60 45.28
C LYS G 88 -14.96 -15.73 44.63
N LEU G 89 -15.55 -14.84 45.43
CA LEU G 89 -16.57 -13.96 44.90
C LEU G 89 -16.03 -13.39 43.60
N PHE G 90 -14.84 -12.83 43.67
CA PHE G 90 -14.22 -12.29 42.50
C PHE G 90 -13.35 -13.35 41.90
N GLY G 91 -12.29 -12.89 41.23
CA GLY G 91 -11.35 -13.80 40.60
C GLY G 91 -10.78 -14.81 41.57
N GLY G 92 -11.68 -15.70 42.02
CA GLY G 92 -11.35 -16.75 42.97
C GLY G 92 -9.86 -16.96 43.13
N ASP G 93 -9.36 -18.01 42.50
CA ASP G 93 -7.93 -18.26 42.58
C ASP G 93 -7.32 -19.10 41.49
N LYS G 94 -6.42 -18.40 40.81
CA LYS G 94 -5.62 -18.88 39.71
C LYS G 94 -4.75 -17.66 39.59
N GLU G 95 -3.45 -17.84 39.71
CA GLU G 95 -2.57 -16.72 39.59
C GLU G 95 -2.22 -16.46 38.12
N PRO G 96 -2.95 -15.52 37.49
CA PRO G 96 -2.71 -15.20 36.08
C PRO G 96 -1.23 -15.21 35.70
N ASN G 97 -0.94 -15.81 34.55
CA ASN G 97 0.43 -15.96 34.05
C ASN G 97 0.63 -14.98 32.89
N VAL G 98 0.96 -13.73 33.21
CA VAL G 98 1.13 -12.69 32.20
C VAL G 98 2.50 -12.60 31.55
N ASN G 99 3.42 -13.44 31.97
CA ASN G 99 4.75 -13.39 31.41
C ASN G 99 5.03 -14.41 30.31
N PRO G 100 6.13 -14.21 29.56
CA PRO G 100 6.62 -15.04 28.44
C PRO G 100 6.51 -16.56 28.47
N THR G 101 5.87 -17.09 27.42
CA THR G 101 5.67 -18.54 27.20
C THR G 101 6.94 -18.92 26.48
N LYS G 102 7.36 -17.98 25.65
CA LYS G 102 8.54 -18.06 24.84
C LYS G 102 8.65 -16.63 24.41
N LEU G 103 9.40 -16.43 23.35
CA LEU G 103 9.57 -15.11 22.82
C LEU G 103 9.89 -15.32 21.36
N PRO G 104 9.50 -14.36 20.53
CA PRO G 104 8.78 -13.18 21.01
C PRO G 104 7.31 -13.52 21.28
N PHE G 105 6.43 -12.55 21.06
CA PHE G 105 5.02 -12.76 21.32
C PHE G 105 3.96 -12.07 20.49
N ILE G 106 2.75 -12.60 20.59
CA ILE G 106 1.59 -12.10 19.85
C ILE G 106 0.45 -11.62 20.75
N ILE G 107 0.39 -10.33 21.02
CA ILE G 107 -0.70 -9.82 21.84
C ILE G 107 -1.86 -9.35 20.96
N MET G 108 -2.82 -10.25 20.79
CA MET G 108 -4.00 -9.92 20.00
C MET G 108 -4.90 -9.16 20.91
N LEU G 109 -5.09 -7.91 20.58
CA LEU G 109 -5.91 -7.11 21.41
C LEU G 109 -7.26 -6.85 20.80
N VAL G 110 -8.19 -7.70 21.17
CA VAL G 110 -9.54 -7.58 20.68
C VAL G 110 -10.32 -6.65 21.61
N GLY G 111 -10.86 -5.61 21.03
CA GLY G 111 -11.63 -4.66 21.81
C GLY G 111 -12.98 -4.42 21.20
N VAL G 112 -14.00 -4.30 22.04
CA VAL G 112 -15.35 -4.03 21.59
C VAL G 112 -15.22 -2.69 20.89
N GLN G 113 -16.19 -1.82 21.09
CA GLN G 113 -16.02 -0.51 20.50
C GLN G 113 -14.81 -0.08 21.29
N GLY G 114 -14.20 1.05 20.92
CA GLY G 114 -13.06 1.54 21.66
C GLY G 114 -13.33 1.55 23.15
N SER G 115 -12.55 2.35 23.88
CA SER G 115 -12.64 2.51 25.35
C SER G 115 -11.50 1.70 25.98
N GLY G 116 -10.35 2.37 26.19
CA GLY G 116 -9.19 1.70 26.71
C GLY G 116 -8.62 1.14 25.42
N LYS G 117 -9.57 0.81 24.54
CA LYS G 117 -9.35 0.28 23.22
C LYS G 117 -7.87 0.35 22.99
N THR G 118 -7.45 1.53 22.58
CA THR G 118 -6.06 1.80 22.32
C THR G 118 -5.36 1.90 23.65
N THR G 119 -5.43 3.11 24.18
CA THR G 119 -4.84 3.47 25.45
C THR G 119 -4.25 2.21 25.99
N THR G 120 -4.96 1.64 26.95
CA THR G 120 -4.58 0.39 27.55
C THR G 120 -3.19 0.03 27.09
N ALA G 121 -3.15 -0.60 25.92
CA ALA G 121 -1.90 -1.01 25.30
C ALA G 121 -0.70 -0.34 25.93
N GLY G 122 -0.72 0.98 25.90
CA GLY G 122 0.37 1.73 26.47
C GLY G 122 0.97 1.12 27.71
N LYS G 123 0.53 1.62 28.85
CA LYS G 123 1.04 1.14 30.12
C LYS G 123 1.35 -0.32 29.99
N LEU G 124 0.47 -1.03 29.28
CA LEU G 124 0.69 -2.43 29.10
C LEU G 124 2.07 -2.58 28.55
N ALA G 125 2.21 -2.18 27.30
CA ALA G 125 3.49 -2.23 26.65
C ALA G 125 4.35 -1.56 27.68
N TYR G 126 4.21 -0.24 27.72
CA TYR G 126 4.93 0.60 28.64
C TYR G 126 5.49 -0.25 29.76
N PHE G 127 4.58 -0.86 30.47
CA PHE G 127 4.90 -1.69 31.60
C PHE G 127 6.03 -2.69 31.34
N TYR G 128 5.85 -3.53 30.34
CA TYR G 128 6.84 -4.55 30.01
C TYR G 128 8.23 -4.10 29.57
N LYS G 129 8.34 -2.88 29.07
CA LYS G 129 9.65 -2.37 28.65
C LYS G 129 10.46 -2.12 29.91
N LYS G 130 9.79 -1.57 30.93
CA LYS G 130 10.40 -1.28 32.23
C LYS G 130 10.38 -2.61 32.96
N ARG G 131 10.65 -3.64 32.17
CA ARG G 131 10.73 -5.04 32.56
C ARG G 131 11.97 -5.47 31.78
N GLY G 132 12.32 -4.64 30.80
CA GLY G 132 13.48 -4.84 29.96
C GLY G 132 13.27 -5.62 28.68
N TYR G 133 12.27 -5.26 27.86
CA TYR G 133 12.03 -6.01 26.63
C TYR G 133 11.68 -5.26 25.35
N LYS G 134 12.04 -5.86 24.22
CA LYS G 134 11.79 -5.25 22.92
C LYS G 134 10.32 -5.40 22.61
N VAL G 135 9.57 -4.37 23.02
CA VAL G 135 8.13 -4.33 22.82
C VAL G 135 7.84 -4.30 21.33
N GLY G 136 6.95 -3.40 20.94
CA GLY G 136 6.56 -3.24 19.55
C GLY G 136 5.06 -3.21 19.48
N LEU G 137 4.52 -2.18 18.86
CA LEU G 137 3.08 -2.08 18.80
C LEU G 137 2.62 -1.72 17.44
N VAL G 138 1.32 -1.88 17.21
CA VAL G 138 0.73 -1.59 15.92
C VAL G 138 -0.73 -1.16 16.01
N ALA G 139 -1.05 -0.16 15.21
CA ALA G 139 -2.41 0.36 15.14
C ALA G 139 -3.27 -0.69 14.45
N ALA G 140 -3.87 -1.59 15.22
CA ALA G 140 -4.71 -2.63 14.64
C ALA G 140 -6.19 -2.26 14.69
N ASP G 141 -6.52 -1.07 14.18
CA ASP G 141 -7.90 -0.58 14.18
C ASP G 141 -8.13 0.50 13.11
N VAL G 142 -9.06 0.22 12.20
CA VAL G 142 -9.38 1.15 11.12
C VAL G 142 -10.85 1.35 10.91
N TYR G 143 -11.48 2.07 11.82
CA TYR G 143 -12.90 2.36 11.70
C TYR G 143 -13.03 3.71 12.38
N ARG G 144 -12.41 3.78 13.54
CA ARG G 144 -12.41 4.98 14.35
C ARG G 144 -11.03 5.63 14.19
N PRO G 145 -11.01 6.95 13.92
CA PRO G 145 -9.90 7.90 13.71
C PRO G 145 -8.52 7.75 14.35
N ALA G 146 -8.27 8.57 15.38
CA ALA G 146 -7.00 8.64 16.13
C ALA G 146 -6.26 7.35 16.47
N ALA G 147 -6.21 6.44 15.51
CA ALA G 147 -5.51 5.17 15.67
C ALA G 147 -4.17 5.58 16.23
N TYR G 148 -3.14 5.46 15.40
CA TYR G 148 -1.80 5.85 15.78
C TYR G 148 -2.04 7.12 16.58
N ASP G 149 -2.04 8.23 15.88
CA ASP G 149 -2.32 9.52 16.47
C ASP G 149 -2.27 9.47 18.00
N GLN G 150 -3.36 9.90 18.65
CA GLN G 150 -3.40 9.92 20.11
C GLN G 150 -2.44 8.91 20.69
N LEU G 151 -2.50 7.70 20.17
CA LEU G 151 -1.62 6.67 20.63
C LEU G 151 -0.23 7.11 20.25
N LEU G 152 0.03 7.08 18.95
CA LEU G 152 1.32 7.43 18.41
C LEU G 152 2.17 8.11 19.46
N GLN G 153 1.60 9.17 20.05
CA GLN G 153 2.25 9.97 21.09
C GLN G 153 3.16 9.06 21.88
N LEU G 154 2.68 8.75 23.08
CA LEU G 154 3.34 7.84 23.98
C LEU G 154 4.47 7.05 23.30
N GLY G 155 4.09 6.24 22.32
CA GLY G 155 5.04 5.41 21.57
C GLY G 155 6.46 5.91 21.65
N ASN G 156 6.66 7.15 21.24
CA ASN G 156 7.96 7.78 21.28
C ASN G 156 8.15 8.33 22.69
N GLN G 157 7.13 9.07 23.13
CA GLN G 157 7.10 9.71 24.43
C GLN G 157 7.34 8.71 25.55
N ILE G 158 7.68 7.48 25.17
CA ILE G 158 7.98 6.43 26.12
C ILE G 158 9.24 5.68 25.67
N GLY G 159 9.70 5.99 24.48
CA GLY G 159 10.88 5.35 23.95
C GLY G 159 10.49 4.00 23.37
N VAL G 160 9.32 3.93 22.76
CA VAL G 160 8.85 2.68 22.16
C VAL G 160 8.15 2.90 20.82
N GLN G 161 8.89 2.65 19.76
CA GLN G 161 8.32 2.82 18.45
C GLN G 161 7.08 1.98 18.33
N VAL G 162 6.37 2.22 17.24
CA VAL G 162 5.16 1.51 16.93
C VAL G 162 5.05 1.57 15.42
N TYR G 163 3.88 1.21 14.89
CA TYR G 163 3.69 1.21 13.44
C TYR G 163 2.24 1.03 12.99
N GLY G 164 1.89 1.70 11.88
CA GLY G 164 0.55 1.62 11.32
C GLY G 164 0.42 2.12 9.87
N GLU G 165 -0.80 2.38 9.43
CA GLU G 165 -1.00 2.85 8.08
C GLU G 165 -2.14 3.84 7.96
N PRO G 166 -1.78 5.13 7.86
CA PRO G 166 -2.66 6.28 7.73
C PRO G 166 -3.87 5.91 6.93
N ASN G 167 -5.00 6.42 7.37
CA ASN G 167 -6.24 6.12 6.70
C ASN G 167 -6.09 4.61 6.64
N ASN G 168 -6.01 4.10 5.42
CA ASN G 168 -5.87 2.67 5.21
C ASN G 168 -6.80 1.87 6.12
N GLN G 169 -7.96 1.53 5.59
CA GLN G 169 -8.94 0.74 6.34
C GLN G 169 -8.87 -0.73 5.90
N ASN G 170 -8.14 -1.53 6.67
CA ASN G 170 -8.00 -2.97 6.42
C ASN G 170 -6.99 -3.62 7.35
N PRO G 171 -7.47 -4.38 8.35
CA PRO G 171 -6.58 -5.05 9.29
C PRO G 171 -5.71 -6.06 8.57
N ILE G 172 -5.64 -7.24 9.16
CA ILE G 172 -4.90 -8.33 8.56
C ILE G 172 -3.56 -7.87 8.04
N GLU G 173 -3.50 -7.68 6.73
CA GLU G 173 -2.29 -7.24 6.06
C GLU G 173 -1.47 -6.49 7.07
N ILE G 174 -1.82 -5.21 7.18
CA ILE G 174 -1.18 -4.28 8.10
C ILE G 174 -0.69 -5.01 9.33
N ALA G 175 -1.59 -5.74 9.95
CA ALA G 175 -1.24 -6.51 11.13
C ALA G 175 -0.06 -7.34 10.71
N LYS G 176 -0.36 -8.40 9.97
CA LYS G 176 0.66 -9.30 9.46
C LYS G 176 1.90 -8.46 9.21
N LYS G 177 1.72 -7.49 8.34
CA LYS G 177 2.78 -6.56 7.99
C LYS G 177 3.52 -6.31 9.28
N GLY G 178 2.99 -5.40 10.09
CA GLY G 178 3.61 -5.08 11.36
C GLY G 178 4.31 -6.33 11.83
N VAL G 179 3.65 -7.05 12.72
CA VAL G 179 4.20 -8.28 13.20
C VAL G 179 5.65 -8.49 12.79
N ASP G 180 5.80 -9.41 11.85
CA ASP G 180 7.07 -9.84 11.33
C ASP G 180 8.12 -8.77 11.28
N ILE G 181 7.67 -7.55 11.25
CA ILE G 181 8.58 -6.44 11.22
C ILE G 181 9.52 -6.62 12.38
N PHE G 182 9.08 -6.10 13.51
CA PHE G 182 9.81 -6.14 14.77
C PHE G 182 10.48 -7.46 14.78
N VAL G 183 9.69 -8.46 14.44
CA VAL G 183 10.17 -9.80 14.37
C VAL G 183 11.44 -9.84 13.55
N LYS G 184 11.35 -9.35 12.31
CA LYS G 184 12.50 -9.32 11.42
C LYS G 184 13.64 -8.65 12.18
N ASN G 185 13.29 -7.67 13.00
CA ASN G 185 14.24 -6.92 13.78
C ASN G 185 14.49 -7.68 15.05
N LYS G 186 13.71 -8.74 15.21
CA LYS G 186 13.83 -9.66 16.32
C LYS G 186 13.54 -9.05 17.68
N MET G 187 12.45 -8.32 17.79
CA MET G 187 12.15 -7.74 19.08
C MET G 187 11.59 -8.82 19.98
N ASP G 188 11.04 -8.42 21.11
CA ASP G 188 10.56 -9.41 22.05
C ASP G 188 9.07 -9.52 22.25
N ILE G 189 8.38 -8.40 22.35
CA ILE G 189 6.95 -8.46 22.59
C ILE G 189 6.06 -7.48 21.86
N ILE G 190 5.04 -8.02 21.20
CA ILE G 190 4.11 -7.20 20.46
C ILE G 190 2.74 -7.08 21.05
N ILE G 191 2.20 -5.90 20.90
CA ILE G 191 0.89 -5.55 21.41
C ILE G 191 0.14 -4.96 20.22
N VAL G 192 -1.07 -5.41 19.97
CA VAL G 192 -1.82 -4.84 18.85
C VAL G 192 -3.32 -4.80 19.06
N ASP G 193 -3.81 -3.62 19.36
CA ASP G 193 -5.24 -3.40 19.61
C ASP G 193 -6.04 -3.46 18.34
N THR G 194 -7.18 -4.12 18.42
CA THR G 194 -8.05 -4.24 17.29
C THR G 194 -9.51 -4.15 17.71
N ALA G 195 -10.37 -4.15 16.71
CA ALA G 195 -11.82 -4.05 16.90
C ALA G 195 -12.52 -4.09 15.54
N GLY G 196 -13.83 -3.79 15.54
CA GLY G 196 -14.62 -3.79 14.31
C GLY G 196 -15.98 -3.11 14.37
N ARG G 197 -16.50 -2.70 13.21
CA ARG G 197 -17.80 -1.99 13.04
C ARG G 197 -18.85 -2.05 14.16
N HIS G 198 -19.40 -3.24 14.39
CA HIS G 198 -20.43 -3.48 15.42
C HIS G 198 -19.93 -4.43 16.55
N GLY G 199 -20.08 -3.98 17.81
CA GLY G 199 -19.63 -4.74 18.95
C GLY G 199 -20.70 -5.26 19.90
N TYR G 200 -20.87 -4.61 21.05
CA TYR G 200 -21.86 -5.01 22.07
C TYR G 200 -23.17 -5.53 21.47
N GLY G 201 -23.53 -6.77 21.80
CA GLY G 201 -24.74 -7.38 21.27
C GLY G 201 -24.41 -7.99 19.91
N GLU G 202 -23.87 -7.13 19.04
CA GLU G 202 -23.43 -7.51 17.70
C GLU G 202 -22.03 -8.04 18.01
N GLU G 203 -21.86 -8.40 19.28
CA GLU G 203 -20.63 -8.96 19.78
C GLU G 203 -20.35 -9.99 18.73
N THR G 204 -21.34 -10.86 18.55
CA THR G 204 -21.35 -11.93 17.57
C THR G 204 -20.44 -11.57 16.38
N LYS G 205 -20.58 -10.32 15.95
CA LYS G 205 -19.83 -9.77 14.81
C LYS G 205 -18.42 -9.36 15.22
N LEU G 206 -18.32 -8.68 16.36
CA LEU G 206 -17.02 -8.24 16.87
C LEU G 206 -16.10 -9.46 16.75
N LEU G 207 -16.33 -10.44 17.62
CA LEU G 207 -15.56 -11.68 17.64
C LEU G 207 -15.48 -12.19 16.21
N GLU G 208 -16.63 -12.23 15.57
CA GLU G 208 -16.74 -12.69 14.19
C GLU G 208 -15.55 -12.11 13.45
N GLU G 209 -15.20 -10.88 13.81
CA GLU G 209 -14.07 -10.24 13.17
C GLU G 209 -12.81 -10.91 13.69
N MET G 210 -12.61 -10.82 15.00
CA MET G 210 -11.43 -11.39 15.62
C MET G 210 -11.17 -12.77 15.07
N LYS G 211 -12.24 -13.41 14.61
CA LYS G 211 -12.16 -14.72 14.02
C LYS G 211 -10.93 -14.68 13.13
N GLU G 212 -11.13 -14.27 11.87
CA GLU G 212 -10.04 -14.16 10.93
C GLU G 212 -8.88 -13.62 11.71
N MET G 213 -9.02 -12.36 12.08
CA MET G 213 -8.02 -11.68 12.87
C MET G 213 -7.15 -12.70 13.58
N TYR G 214 -7.76 -13.50 14.45
CA TYR G 214 -7.01 -14.50 15.18
C TYR G 214 -6.46 -15.53 14.23
N ASP G 215 -7.39 -16.37 13.79
CA ASP G 215 -7.08 -17.47 12.89
C ASP G 215 -6.73 -16.94 11.52
N VAL G 216 -5.54 -16.38 11.43
CA VAL G 216 -4.99 -15.84 10.19
C VAL G 216 -3.58 -15.46 10.63
N LEU G 217 -3.50 -14.97 11.84
CA LEU G 217 -2.27 -14.55 12.44
C LEU G 217 -1.62 -15.72 13.13
N LYS G 218 -2.35 -16.25 14.11
CA LYS G 218 -1.92 -17.38 14.94
C LYS G 218 -1.27 -16.82 16.20
N PRO G 219 -2.01 -15.98 16.95
CA PRO G 219 -1.58 -15.33 18.20
C PRO G 219 -1.47 -16.29 19.38
N ASP G 220 -0.55 -16.00 20.28
CA ASP G 220 -0.36 -16.86 21.44
C ASP G 220 -1.22 -16.36 22.57
N ASP G 221 -1.04 -15.09 22.91
CA ASP G 221 -1.80 -14.50 23.99
C ASP G 221 -2.84 -13.52 23.43
N VAL G 222 -4.09 -13.73 23.80
CA VAL G 222 -5.16 -12.85 23.33
C VAL G 222 -6.01 -12.26 24.43
N ILE G 223 -6.38 -11.01 24.26
CA ILE G 223 -7.15 -10.36 25.29
C ILE G 223 -8.19 -9.41 24.80
N LEU G 224 -9.28 -9.36 25.54
CA LEU G 224 -10.37 -8.46 25.28
C LEU G 224 -10.27 -7.54 26.48
N VAL G 225 -11.02 -6.46 26.45
CA VAL G 225 -11.01 -5.55 27.56
C VAL G 225 -12.30 -4.81 27.59
N ILE G 226 -12.56 -4.14 28.69
CA ILE G 226 -13.79 -3.45 28.86
C ILE G 226 -13.72 -2.49 30.00
N ASP G 227 -14.50 -1.44 29.91
CA ASP G 227 -14.56 -0.47 30.98
C ASP G 227 -15.66 -0.90 31.91
N ALA G 228 -15.44 -0.74 33.20
CA ALA G 228 -16.46 -1.08 34.19
C ALA G 228 -17.70 -0.27 33.85
N SER G 229 -17.55 0.63 32.89
CA SER G 229 -18.64 1.47 32.42
C SER G 229 -19.80 0.53 32.13
N ILE G 230 -19.49 -0.55 31.44
CA ILE G 230 -20.49 -1.55 31.10
C ILE G 230 -20.82 -2.42 32.31
N GLY G 231 -19.79 -2.83 33.04
CA GLY G 231 -20.00 -3.64 34.23
C GLY G 231 -20.55 -5.04 34.05
N GLN G 232 -21.16 -5.56 35.12
CA GLN G 232 -21.74 -6.89 35.12
C GLN G 232 -22.36 -7.23 33.78
N LYS G 233 -22.96 -6.22 33.14
CA LYS G 233 -23.55 -6.42 31.83
C LYS G 233 -22.50 -7.16 31.01
N ALA G 234 -21.37 -6.49 30.80
CA ALA G 234 -20.23 -7.00 30.06
C ALA G 234 -20.22 -8.51 30.02
N TYR G 235 -20.24 -9.09 31.22
CA TYR G 235 -20.29 -10.54 31.40
C TYR G 235 -20.34 -11.15 30.00
N ASP G 236 -21.58 -11.45 29.61
CA ASP G 236 -21.93 -11.99 28.31
C ASP G 236 -20.85 -11.76 27.26
N LEU G 237 -20.77 -10.51 26.82
CA LEU G 237 -19.79 -10.08 25.85
C LEU G 237 -18.61 -11.01 25.95
N ALA G 238 -17.79 -10.72 26.96
CA ALA G 238 -16.61 -11.51 27.20
C ALA G 238 -16.98 -12.97 27.11
N SER G 239 -17.89 -13.39 27.98
CA SER G 239 -18.34 -14.76 28.04
C SER G 239 -18.26 -15.36 26.66
N ARG G 240 -19.19 -14.95 25.80
CA ARG G 240 -19.18 -15.41 24.42
C ARG G 240 -17.77 -15.05 24.04
N PHE G 241 -16.91 -16.06 23.96
CA PHE G 241 -15.52 -15.87 23.62
C PHE G 241 -14.69 -16.74 24.52
N HIS G 242 -14.96 -16.67 25.81
CA HIS G 242 -14.22 -17.52 26.73
C HIS G 242 -14.30 -18.84 25.99
N GLN G 243 -15.37 -18.96 25.22
CA GLN G 243 -15.65 -20.13 24.40
C GLN G 243 -14.86 -20.02 23.12
N ALA G 244 -14.90 -18.85 22.51
CA ALA G 244 -14.15 -18.61 21.29
C ALA G 244 -12.75 -19.08 21.64
N SER G 245 -12.18 -18.44 22.65
CA SER G 245 -10.85 -18.79 23.14
C SER G 245 -10.84 -18.69 24.66
N PRO G 246 -10.58 -19.82 25.32
CA PRO G 246 -10.52 -19.92 26.78
C PRO G 246 -9.27 -19.22 27.31
N ILE G 247 -8.16 -19.40 26.59
CA ILE G 247 -6.91 -18.76 26.97
C ILE G 247 -7.20 -17.27 27.04
N GLY G 248 -8.35 -16.89 26.49
CA GLY G 248 -8.77 -15.52 26.48
C GLY G 248 -8.84 -14.94 27.88
N SER G 249 -7.83 -14.14 28.20
CA SER G 249 -7.76 -13.48 29.50
C SER G 249 -8.06 -12.04 29.18
N VAL G 250 -8.40 -11.27 30.20
CA VAL G 250 -8.70 -9.87 29.98
C VAL G 250 -8.42 -9.02 31.18
N ILE G 251 -8.78 -7.76 31.01
CA ILE G 251 -8.61 -6.72 32.02
C ILE G 251 -9.82 -5.78 31.87
N ILE G 252 -10.02 -4.90 32.84
CA ILE G 252 -11.14 -3.98 32.76
C ILE G 252 -10.68 -2.55 32.67
N THR G 253 -10.90 -1.95 31.52
CA THR G 253 -10.50 -0.59 31.30
C THR G 253 -11.17 0.27 32.38
N LYS G 254 -10.52 1.39 32.67
CA LYS G 254 -10.98 2.37 33.63
C LYS G 254 -11.57 1.89 34.93
N MET G 255 -10.88 2.24 36.02
CA MET G 255 -11.32 1.91 37.36
C MET G 255 -11.83 3.22 37.87
N ASP G 256 -10.92 4.17 37.97
CA ASP G 256 -11.26 5.51 38.42
C ASP G 256 -12.14 6.08 37.31
N GLY G 257 -12.30 5.28 36.25
CA GLY G 257 -13.11 5.70 35.12
C GLY G 257 -14.53 5.17 35.06
N THR G 258 -15.27 5.26 36.17
CA THR G 258 -16.66 4.80 36.18
C THR G 258 -17.38 5.16 37.47
N ALA G 259 -17.46 4.19 38.38
CA ALA G 259 -18.11 4.30 39.69
C ALA G 259 -18.83 2.98 39.99
N LYS G 260 -19.03 2.18 38.95
CA LYS G 260 -19.74 0.91 39.03
C LYS G 260 -18.83 -0.28 39.35
N GLY G 261 -17.70 -0.33 38.65
CA GLY G 261 -16.74 -1.41 38.85
C GLY G 261 -17.34 -2.77 39.13
N GLY G 262 -17.21 -3.19 40.38
CA GLY G 262 -17.73 -4.48 40.82
C GLY G 262 -18.34 -5.28 39.71
N GLY G 263 -19.68 -5.28 39.65
CA GLY G 263 -20.38 -6.02 38.62
C GLY G 263 -19.49 -6.31 37.44
N ALA G 264 -18.80 -5.28 36.96
CA ALA G 264 -17.89 -5.44 35.85
C ALA G 264 -17.09 -6.68 36.17
N LEU G 265 -16.04 -6.48 36.94
CA LEU G 265 -15.15 -7.55 37.37
C LEU G 265 -15.90 -8.75 37.90
N SER G 266 -17.03 -8.47 38.54
CA SER G 266 -17.86 -9.53 39.10
C SER G 266 -18.21 -10.47 37.98
N ALA G 267 -19.13 -10.01 37.13
CA ALA G 267 -19.63 -10.76 35.97
C ALA G 267 -18.48 -11.58 35.43
N VAL G 268 -17.44 -10.87 35.03
CA VAL G 268 -16.23 -11.46 34.52
C VAL G 268 -16.09 -12.82 35.15
N VAL G 269 -15.42 -12.78 36.30
CA VAL G 269 -15.18 -13.96 37.11
C VAL G 269 -16.19 -15.03 36.76
N ALA G 270 -17.41 -14.80 37.22
CA ALA G 270 -18.54 -15.70 37.05
C ALA G 270 -18.76 -16.19 35.63
N THR G 271 -17.71 -16.72 35.03
CA THR G 271 -17.78 -17.24 33.67
C THR G 271 -16.52 -18.06 33.55
N GLY G 272 -15.71 -17.97 34.59
CA GLY G 272 -14.45 -18.66 34.60
C GLY G 272 -13.54 -17.66 33.94
N ALA G 273 -14.12 -16.49 33.66
CA ALA G 273 -13.41 -15.39 33.01
C ALA G 273 -11.98 -15.29 33.53
N THR G 274 -11.10 -14.71 32.74
CA THR G 274 -9.71 -14.59 33.15
C THR G 274 -9.13 -13.19 33.02
N ILE G 275 -8.74 -12.61 34.15
CA ILE G 275 -8.17 -11.27 34.15
C ILE G 275 -6.70 -11.37 34.38
N LYS G 276 -6.05 -10.20 34.43
CA LYS G 276 -4.63 -10.14 34.64
C LYS G 276 -4.25 -8.81 35.26
N PHE G 277 -4.95 -7.77 34.82
CA PHE G 277 -4.69 -6.42 35.30
C PHE G 277 -5.96 -5.68 35.52
N ILE G 278 -5.82 -4.35 35.60
CA ILE G 278 -6.97 -3.48 35.78
C ILE G 278 -6.71 -1.99 35.58
N GLY G 279 -5.57 -1.49 36.08
CA GLY G 279 -5.22 -0.09 35.92
C GLY G 279 -6.29 0.98 36.17
N THR G 280 -6.19 1.64 37.31
CA THR G 280 -7.13 2.69 37.71
C THR G 280 -7.67 3.56 36.58
N GLY G 281 -6.84 3.84 35.59
CA GLY G 281 -7.31 4.67 34.49
C GLY G 281 -6.19 5.39 33.79
N GLU G 282 -6.23 6.72 33.82
CA GLU G 282 -5.22 7.56 33.16
C GLU G 282 -3.78 7.21 33.50
N LYS G 283 -2.88 8.15 33.25
CA LYS G 283 -1.46 7.96 33.53
C LYS G 283 -0.87 6.69 32.98
N ILE G 284 0.21 6.85 32.23
CA ILE G 284 0.92 5.77 31.59
C ILE G 284 1.29 4.56 32.45
N ASP G 285 0.95 4.58 33.72
CA ASP G 285 1.32 3.45 34.57
C ASP G 285 0.21 2.87 35.43
N GLU G 286 -0.84 3.67 35.68
CA GLU G 286 -1.97 3.26 36.52
C GLU G 286 -2.39 1.80 36.38
N LEU G 287 -1.96 1.17 35.29
CA LEU G 287 -2.26 -0.22 35.06
C LEU G 287 -1.55 -1.00 36.15
N GLU G 288 -2.14 -2.11 36.55
CA GLU G 288 -1.52 -2.93 37.57
C GLU G 288 -1.83 -4.37 37.25
N THR G 289 -1.07 -5.25 37.87
CA THR G 289 -1.24 -6.68 37.69
C THR G 289 -2.63 -7.02 38.18
N PHE G 290 -2.73 -8.13 38.88
CA PHE G 290 -3.99 -8.55 39.44
C PHE G 290 -4.07 -9.95 40.06
N ASN G 291 -4.62 -9.99 41.28
CA ASN G 291 -4.86 -11.23 42.00
C ASN G 291 -5.80 -11.00 43.16
N ALA G 292 -7.09 -11.12 42.87
CA ALA G 292 -8.15 -10.94 43.85
C ALA G 292 -7.57 -10.36 45.13
N LYS G 293 -7.04 -11.25 45.95
CA LYS G 293 -6.41 -10.88 47.21
C LYS G 293 -5.86 -9.51 46.97
N ARG G 294 -4.79 -9.48 46.19
CA ARG G 294 -4.10 -8.27 45.81
C ARG G 294 -5.06 -7.12 46.06
N PHE G 295 -6.21 -7.21 45.41
CA PHE G 295 -7.24 -6.20 45.54
C PHE G 295 -8.15 -6.40 46.72
N VAL G 296 -8.88 -7.51 46.72
CA VAL G 296 -9.80 -7.79 47.81
C VAL G 296 -9.10 -7.27 49.02
N SER G 297 -7.99 -7.93 49.33
CA SER G 297 -7.19 -7.54 50.45
C SER G 297 -7.15 -6.03 50.39
N ARG G 298 -6.69 -5.53 49.25
CA ARG G 298 -6.58 -4.10 49.06
C ARG G 298 -7.79 -3.32 49.57
N ILE G 299 -8.99 -3.87 49.43
CA ILE G 299 -10.12 -3.12 49.96
C ILE G 299 -10.40 -3.49 51.41
N LEU G 300 -9.33 -3.80 52.14
CA LEU G 300 -9.40 -4.19 53.53
C LEU G 300 -8.04 -3.83 54.05
N GLY G 301 -7.15 -3.60 53.08
CA GLY G 301 -5.77 -3.22 53.32
C GLY G 301 -5.06 -3.96 54.42
N MET G 302 -5.09 -3.38 55.61
CA MET G 302 -4.44 -4.00 56.72
C MET G 302 -5.09 -5.33 57.06
N GLY G 303 -4.45 -6.39 56.57
CA GLY G 303 -4.90 -7.73 56.84
C GLY G 303 -3.63 -8.35 57.35
N ASP G 304 -3.38 -8.20 58.64
CA ASP G 304 -2.17 -8.77 59.23
C ASP G 304 -2.51 -10.23 59.43
N ILE G 305 -3.26 -10.46 60.50
CA ILE G 305 -3.74 -11.77 60.89
C ILE G 305 -3.21 -12.86 60.01
N GLU G 306 -3.66 -12.88 58.76
CA GLU G 306 -3.24 -13.87 57.78
C GLU G 306 -1.86 -14.29 58.20
N SER G 307 -1.07 -13.28 58.52
CA SER G 307 0.27 -13.48 59.01
C SER G 307 0.13 -14.38 60.24
N ILE G 308 -0.04 -13.73 61.40
CA ILE G 308 -0.19 -14.39 62.69
C ILE G 308 -0.98 -15.66 62.47
N LEU G 309 -1.90 -15.54 61.55
CA LEU G 309 -2.75 -16.63 61.17
C LEU G 309 -1.84 -17.74 60.72
N GLU G 310 -1.24 -17.55 59.55
CA GLU G 310 -0.38 -18.55 58.94
C GLU G 310 0.60 -19.26 59.87
N LYS G 311 0.91 -18.68 61.03
CA LYS G 311 1.85 -19.31 61.97
C LYS G 311 1.33 -20.66 62.44
N VAL G 312 0.02 -20.77 62.58
CA VAL G 312 -0.61 -22.01 62.99
C VAL G 312 0.09 -23.05 62.15
N LYS G 313 0.00 -22.85 60.85
CA LYS G 313 0.63 -23.75 59.90
C LYS G 313 2.05 -23.99 60.39
N GLY G 314 2.70 -22.92 60.81
CA GLY G 314 4.04 -23.05 61.32
C GLY G 314 3.94 -24.17 62.35
N LEU G 315 3.30 -23.86 63.47
CA LEU G 315 3.15 -24.87 64.51
C LEU G 315 2.37 -26.05 63.97
N GLU G 316 1.05 -25.86 64.00
CA GLU G 316 0.20 -26.91 63.44
C GLU G 316 0.72 -27.38 62.09
N GLU G 317 1.39 -28.51 62.10
CA GLU G 317 2.06 -29.15 60.97
C GLU G 317 3.57 -29.21 61.18
N TYR G 318 3.96 -28.92 62.42
CA TYR G 318 5.37 -28.95 62.73
C TYR G 318 5.71 -29.98 63.75
N ASP G 319 4.76 -30.21 64.62
CA ASP G 319 4.87 -31.23 65.64
C ASP G 319 5.19 -32.39 64.70
N LYS G 320 4.62 -32.25 63.51
CA LYS G 320 4.77 -33.18 62.42
C LYS G 320 6.20 -33.70 62.53
N ILE G 321 7.15 -32.78 62.65
CA ILE G 321 8.55 -33.17 62.78
C ILE G 321 8.68 -34.10 63.98
N GLN G 322 8.63 -33.49 65.14
CA GLN G 322 8.76 -34.15 66.41
C GLN G 322 8.72 -35.70 66.29
N LYS G 323 7.79 -36.36 66.97
CA LYS G 323 7.69 -37.82 66.94
C LYS G 323 9.06 -38.36 66.62
N LYS G 324 9.10 -39.05 65.51
CA LYS G 324 10.36 -39.52 65.05
C LYS G 324 10.53 -38.49 63.97
N MET G 325 11.77 -38.30 63.54
CA MET G 325 12.08 -37.32 62.51
C MET G 325 12.49 -38.03 61.21
N GLU G 326 13.68 -37.69 60.68
CA GLU G 326 14.25 -38.21 59.42
C GLU G 326 13.75 -39.53 58.79
N ASP G 327 13.79 -39.55 57.45
CA ASP G 327 13.35 -40.69 56.63
C ASP G 327 14.47 -41.32 55.82
N VAL G 328 14.34 -42.64 55.60
CA VAL G 328 15.29 -43.43 54.82
C VAL G 328 16.72 -43.49 55.37
N MET G 329 17.70 -43.24 54.49
CA MET G 329 19.11 -43.32 54.86
C MET G 329 19.94 -42.16 54.24
N GLU G 330 21.22 -42.46 53.94
CA GLU G 330 22.22 -41.56 53.31
C GLU G 330 22.16 -40.00 53.46
N GLY G 331 22.28 -39.30 52.32
CA GLY G 331 22.28 -37.83 52.23
C GLY G 331 21.76 -36.88 53.31
N LYS G 332 22.20 -35.61 53.22
CA LYS G 332 21.82 -34.56 54.17
C LYS G 332 20.35 -34.09 54.11
N GLY G 333 19.82 -33.63 55.25
CA GLY G 333 18.43 -33.21 55.32
C GLY G 333 18.05 -31.75 55.55
N LYS G 334 17.26 -31.50 56.62
CA LYS G 334 16.73 -30.17 56.96
C LYS G 334 17.22 -29.51 58.27
N LEU G 335 16.33 -29.53 59.28
CA LEU G 335 16.59 -28.87 60.56
C LEU G 335 15.68 -29.46 61.69
N THR G 336 16.05 -29.26 62.97
CA THR G 336 15.23 -29.77 64.10
C THR G 336 15.36 -29.06 65.46
N LEU G 337 16.50 -29.20 66.14
CA LEU G 337 16.62 -28.53 67.43
C LEU G 337 16.78 -27.05 67.23
N ARG G 338 16.45 -26.67 66.00
CA ARG G 338 16.43 -25.30 65.52
C ARG G 338 14.93 -25.10 65.56
N ASP G 339 14.27 -26.03 64.89
CA ASP G 339 12.82 -26.06 64.80
C ASP G 339 12.36 -25.82 66.23
N VAL G 340 13.22 -26.25 67.14
CA VAL G 340 13.00 -26.06 68.56
C VAL G 340 12.56 -24.62 68.65
N TYR G 341 13.55 -23.75 68.63
CA TYR G 341 13.33 -22.34 68.68
C TYR G 341 12.35 -21.93 67.61
N ALA G 342 12.35 -22.67 66.51
CA ALA G 342 11.42 -22.33 65.45
C ALA G 342 10.04 -22.22 66.06
N GLN G 343 9.64 -23.24 66.82
CA GLN G 343 8.32 -23.26 67.46
C GLN G 343 8.05 -21.82 67.88
N ILE G 344 8.90 -21.35 68.80
CA ILE G 344 8.83 -20.00 69.32
C ILE G 344 8.05 -19.09 68.40
N ILE G 345 8.81 -18.39 67.59
CA ILE G 345 8.31 -17.47 66.61
C ILE G 345 6.82 -17.51 66.43
N ALA G 346 6.40 -18.34 65.48
CA ALA G 346 5.01 -18.53 65.12
C ALA G 346 4.14 -17.75 66.08
N LEU G 347 3.90 -18.36 67.22
CA LEU G 347 3.09 -17.83 68.29
C LEU G 347 3.18 -16.33 68.52
N ARG G 348 4.29 -15.87 69.09
CA ARG G 348 4.45 -14.44 69.38
C ARG G 348 4.01 -13.62 68.18
N LYS G 349 4.43 -14.04 67.00
CA LYS G 349 4.06 -13.35 65.79
C LYS G 349 2.60 -13.69 65.55
N MET G 350 2.28 -14.96 65.80
CA MET G 350 0.94 -15.50 65.65
C MET G 350 0.07 -14.89 66.71
N GLY G 351 0.05 -13.56 66.74
CA GLY G 351 -0.72 -12.87 67.74
C GLY G 351 0.19 -12.74 68.95
N PRO G 352 -0.09 -11.80 69.86
CA PRO G 352 0.69 -11.56 71.08
C PRO G 352 0.96 -12.82 71.89
N LEU G 353 1.60 -12.63 73.04
CA LEU G 353 1.94 -13.75 73.90
C LEU G 353 0.77 -14.12 74.83
N SER G 354 1.12 -14.74 75.96
CA SER G 354 0.16 -15.14 77.00
C SER G 354 -1.17 -15.72 76.52
N LYS G 355 -2.17 -14.85 76.42
CA LYS G 355 -3.54 -15.23 76.01
C LYS G 355 -3.58 -16.60 75.32
N VAL G 356 -2.57 -16.82 74.49
CA VAL G 356 -2.38 -18.03 73.72
C VAL G 356 -1.85 -19.19 74.56
N LEU G 357 -0.71 -18.94 75.21
CA LEU G 357 -0.08 -19.91 76.08
C LEU G 357 -1.24 -20.58 76.77
N GLN G 358 -1.95 -19.76 77.56
CA GLN G 358 -3.11 -20.19 78.32
C GLN G 358 -4.00 -20.94 77.36
N HIS G 359 -4.48 -20.19 76.39
CA HIS G 359 -5.34 -20.74 75.39
C HIS G 359 -4.81 -22.04 74.80
N ILE G 360 -3.53 -22.35 75.03
CA ILE G 360 -3.00 -23.56 74.44
C ILE G 360 -1.66 -24.11 74.92
N PRO G 361 -1.58 -25.45 75.04
CA PRO G 361 -0.49 -26.32 75.45
C PRO G 361 0.96 -25.81 75.48
N GLY G 362 1.81 -26.63 76.11
CA GLY G 362 3.22 -26.31 76.25
C GLY G 362 3.98 -26.34 74.95
N LEU G 363 5.04 -27.16 74.91
CA LEU G 363 5.89 -27.26 73.73
C LEU G 363 6.07 -28.68 73.23
N GLY G 364 5.90 -29.64 74.14
CA GLY G 364 5.99 -31.02 73.75
C GLY G 364 4.78 -31.08 72.87
N ILE G 365 3.75 -31.78 73.33
CA ILE G 365 2.53 -31.88 72.55
C ILE G 365 1.41 -32.62 73.28
N MET G 366 1.59 -33.93 73.52
CA MET G 366 0.58 -34.75 74.22
C MET G 366 0.83 -36.26 74.29
N LEU G 367 1.91 -36.65 74.96
CA LEU G 367 2.19 -38.05 75.07
C LEU G 367 2.44 -38.41 76.50
N PRO G 368 2.92 -39.64 76.74
CA PRO G 368 3.21 -40.06 78.11
C PRO G 368 4.33 -39.15 78.64
N THR G 369 3.93 -37.94 79.05
CA THR G 369 4.85 -36.90 79.52
C THR G 369 4.68 -36.49 80.97
N PRO G 370 5.49 -35.51 81.44
CA PRO G 370 5.45 -35.01 82.82
C PRO G 370 4.97 -33.54 82.98
N SER G 371 4.61 -33.20 84.23
CA SER G 371 4.15 -31.87 84.69
C SER G 371 2.63 -31.51 84.76
N GLU G 372 2.07 -31.63 85.97
CA GLU G 372 0.66 -31.32 86.33
C GLU G 372 -0.54 -31.48 85.36
N ASP G 373 -1.64 -30.82 85.74
CA ASP G 373 -2.96 -30.78 85.05
C ASP G 373 -2.94 -30.15 83.67
N GLN G 374 -1.90 -29.38 83.39
CA GLN G 374 -1.71 -28.69 82.11
C GLN G 374 -0.19 -28.47 81.84
N LEU G 375 0.28 -28.95 80.69
CA LEU G 375 1.69 -28.90 80.22
C LEU G 375 2.35 -27.53 80.03
N LYS G 376 3.28 -27.18 80.93
CA LYS G 376 4.02 -25.92 80.83
C LYS G 376 4.81 -25.45 82.07
N ILE G 377 4.73 -24.13 82.28
CA ILE G 377 5.41 -23.38 83.33
C ILE G 377 6.73 -22.92 82.72
N GLY G 378 6.58 -22.22 81.60
CA GLY G 378 7.67 -21.63 80.84
C GLY G 378 7.25 -20.19 80.72
N GLU G 379 6.00 -19.98 81.12
CA GLU G 379 5.29 -18.70 81.19
C GLU G 379 6.08 -17.45 80.79
N GLU G 380 7.18 -17.22 81.50
CA GLU G 380 8.04 -16.07 81.27
C GLU G 380 9.36 -16.55 80.66
N LYS G 381 9.95 -17.51 81.35
CA LYS G 381 11.19 -18.17 80.97
C LYS G 381 11.17 -18.47 79.47
N ILE G 382 9.97 -18.48 78.94
CA ILE G 382 9.73 -18.72 77.53
C ILE G 382 10.56 -17.76 76.70
N ARG G 383 10.18 -16.49 76.75
CA ARG G 383 10.86 -15.45 76.01
C ARG G 383 12.27 -15.35 76.57
N ARG G 384 12.79 -16.46 77.04
CA ARG G 384 14.11 -16.49 77.59
C ARG G 384 14.81 -17.55 76.82
N TRP G 385 14.17 -18.70 76.74
CA TRP G 385 14.75 -19.77 75.99
C TRP G 385 15.16 -19.12 74.70
N LEU G 386 14.29 -18.25 74.23
CA LEU G 386 14.56 -17.55 73.00
C LEU G 386 15.85 -16.79 73.10
N ALA G 387 15.95 -15.95 74.12
CA ALA G 387 17.12 -15.13 74.35
C ALA G 387 18.26 -15.56 73.45
N ALA G 388 18.83 -16.72 73.77
CA ALA G 388 19.93 -17.26 72.98
C ALA G 388 19.42 -17.54 71.58
N LEU G 389 19.56 -18.78 71.15
CA LEU G 389 19.11 -19.20 69.83
C LEU G 389 19.64 -18.19 68.86
N ASN G 390 18.88 -17.12 68.70
CA ASN G 390 19.26 -16.02 67.84
C ASN G 390 20.61 -15.52 68.34
N SER G 391 21.02 -16.01 69.50
CA SER G 391 22.31 -15.64 70.07
C SER G 391 23.28 -16.75 69.67
N MET G 392 22.99 -17.42 68.56
CA MET G 392 23.82 -18.52 68.11
C MET G 392 23.72 -18.82 66.64
N THR G 393 24.83 -19.25 66.08
CA THR G 393 24.88 -19.62 64.68
C THR G 393 23.87 -20.72 64.45
N TYR G 394 23.51 -20.87 63.17
CA TYR G 394 22.59 -21.91 62.72
C TYR G 394 23.08 -23.23 63.29
N LYS G 395 24.07 -23.79 62.59
CA LYS G 395 24.73 -25.06 62.91
C LYS G 395 24.56 -25.49 64.36
N GLU G 396 24.83 -24.55 65.26
CA GLU G 396 24.71 -24.80 66.69
C GLU G 396 23.57 -25.75 67.04
N LEU G 397 22.36 -25.29 66.76
CA LEU G 397 21.11 -26.02 67.06
C LEU G 397 20.86 -27.28 66.25
N GLU G 398 21.80 -27.59 65.37
CA GLU G 398 21.69 -28.78 64.54
C GLU G 398 22.47 -29.81 65.30
N ASN G 399 23.60 -29.39 65.83
CA ASN G 399 24.40 -30.29 66.64
C ASN G 399 24.27 -29.76 68.05
N PRO G 400 23.10 -29.96 68.66
CA PRO G 400 22.86 -29.49 70.01
C PRO G 400 23.67 -30.37 70.97
N ASN G 401 24.85 -30.77 70.53
CA ASN G 401 25.70 -31.65 71.32
C ASN G 401 27.15 -31.26 71.07
N ILE G 402 27.41 -29.96 71.22
CA ILE G 402 28.74 -29.39 71.01
C ILE G 402 28.76 -28.10 71.82
N ILE G 403 27.97 -28.12 72.88
CA ILE G 403 27.81 -26.98 73.78
C ILE G 403 28.83 -27.01 74.93
N ASP G 404 30.09 -26.77 74.58
CA ASP G 404 31.17 -26.73 75.55
C ASP G 404 31.00 -25.52 76.44
N LYS G 405 31.41 -25.65 77.70
CA LYS G 405 31.30 -24.54 78.63
C LYS G 405 31.69 -23.30 77.83
N SER G 406 32.82 -23.40 77.16
CA SER G 406 33.32 -22.31 76.35
C SER G 406 32.21 -21.78 75.44
N ARG G 407 32.07 -22.40 74.27
CA ARG G 407 31.05 -21.99 73.30
C ARG G 407 29.67 -22.02 73.90
N MET G 408 29.24 -20.87 74.43
CA MET G 408 27.92 -20.70 75.03
C MET G 408 27.89 -19.60 76.08
N ARG G 409 28.89 -19.56 76.93
CA ARG G 409 28.94 -18.52 77.95
C ARG G 409 28.78 -17.19 77.23
N ARG G 410 29.29 -17.18 76.00
CA ARG G 410 29.21 -15.99 75.15
C ARG G 410 27.75 -15.77 74.82
N ILE G 411 27.06 -16.86 74.50
CA ILE G 411 25.65 -16.77 74.19
C ILE G 411 25.08 -16.30 75.51
N ALA G 412 25.53 -16.96 76.57
CA ALA G 412 25.11 -16.62 77.91
C ALA G 412 25.14 -15.12 78.05
N GLU G 413 26.33 -14.56 77.97
CA GLU G 413 26.43 -13.12 78.08
C GLU G 413 25.90 -12.46 76.82
N GLY G 414 26.35 -12.95 75.66
CA GLY G 414 25.90 -12.39 74.39
C GLY G 414 24.40 -12.22 74.33
N SER G 415 23.68 -13.12 75.00
CA SER G 415 22.23 -13.04 75.03
C SER G 415 21.86 -12.24 76.29
N GLY G 416 22.85 -12.03 77.15
CA GLY G 416 22.67 -11.26 78.37
C GLY G 416 22.32 -12.03 79.61
N LEU G 417 22.19 -13.35 79.50
CA LEU G 417 21.82 -14.18 80.65
C LEU G 417 22.99 -14.85 81.35
N GLU G 418 23.16 -14.52 82.63
CA GLU G 418 24.23 -15.11 83.41
C GLU G 418 24.15 -16.63 83.26
N VAL G 419 25.25 -17.23 82.81
CA VAL G 419 25.37 -18.67 82.61
C VAL G 419 24.11 -19.46 83.01
N GLU G 420 24.24 -20.12 84.15
CA GLU G 420 23.20 -20.94 84.76
C GLU G 420 21.98 -21.14 83.87
N GLU G 421 21.13 -20.12 83.78
CA GLU G 421 19.92 -20.18 82.96
C GLU G 421 20.01 -21.19 81.82
N VAL G 422 21.11 -21.11 81.10
CA VAL G 422 21.36 -21.97 79.95
C VAL G 422 21.64 -23.42 80.26
N ARG G 423 22.81 -23.70 80.85
CA ARG G 423 23.14 -25.08 81.18
C ARG G 423 21.78 -25.58 81.66
N GLU G 424 21.19 -24.78 82.56
CA GLU G 424 19.89 -25.04 83.13
C GLU G 424 18.80 -24.97 82.08
N LEU G 425 18.97 -25.70 81.00
CA LEU G 425 17.96 -25.70 79.96
C LEU G 425 18.41 -26.65 78.90
N LEU G 426 19.68 -26.56 78.58
CA LEU G 426 20.32 -27.41 77.59
C LEU G 426 19.78 -28.83 77.59
N GLU G 427 19.41 -29.30 78.78
CA GLU G 427 18.91 -30.65 78.97
C GLU G 427 17.41 -30.75 78.71
N TRP G 428 16.69 -29.66 78.97
CA TRP G 428 15.25 -29.61 78.77
C TRP G 428 15.08 -29.72 77.29
N TYR G 429 16.20 -30.08 76.66
CA TYR G 429 16.30 -30.18 75.23
C TYR G 429 16.79 -31.55 74.86
N ASN G 430 17.88 -31.96 75.49
CA ASN G 430 18.47 -33.26 75.22
C ASN G 430 17.77 -34.35 76.00
N ASN G 431 16.86 -33.94 76.89
CA ASN G 431 16.11 -34.94 77.64
C ASN G 431 14.73 -34.99 77.00
N MET G 432 14.18 -33.82 76.68
CA MET G 432 12.88 -33.78 76.02
C MET G 432 12.88 -34.99 75.08
N ASN G 433 13.65 -34.86 74.00
CA ASN G 433 13.85 -35.91 73.03
C ASN G 433 13.93 -37.21 73.80
N ARG G 434 15.06 -37.39 74.49
CA ARG G 434 15.34 -38.57 75.29
C ARG G 434 14.04 -39.30 75.55
N LEU G 435 13.23 -38.66 76.37
CA LEU G 435 11.95 -39.19 76.72
C LEU G 435 11.18 -39.15 75.41
N LEU G 436 10.94 -37.94 74.93
CA LEU G 436 10.26 -37.70 73.67
C LEU G 436 10.45 -38.89 72.75
N LYS G 437 11.67 -38.99 72.25
CA LYS G 437 12.08 -40.04 71.34
C LYS G 437 11.75 -41.44 71.82
N MET G 438 11.10 -41.58 72.97
CA MET G 438 10.85 -42.92 73.43
C MET G 438 9.76 -43.71 72.74
N VAL G 439 10.04 -44.04 71.49
CA VAL G 439 9.13 -44.80 70.68
C VAL G 439 9.52 -46.28 70.73
N LYS G 440 8.86 -47.00 71.64
CA LYS G 440 9.10 -48.44 71.81
C LYS G 440 10.59 -48.76 72.00
N MET H 9 15.01 -27.23 -39.08
CA MET H 9 15.36 -28.22 -38.01
C MET H 9 14.58 -29.52 -38.22
N LEU H 10 13.84 -29.92 -37.20
CA LEU H 10 13.05 -31.14 -37.26
C LEU H 10 12.12 -31.06 -38.47
N GLU H 11 11.24 -30.07 -38.44
CA GLU H 11 10.25 -29.83 -39.49
C GLU H 11 10.69 -30.55 -40.74
N ASN H 12 11.78 -30.07 -41.33
CA ASN H 12 12.30 -30.71 -42.52
C ASN H 12 12.91 -32.07 -42.18
N ILE H 13 12.02 -33.02 -41.90
CA ILE H 13 12.31 -34.41 -41.56
C ILE H 13 10.91 -34.95 -41.78
N ARG H 14 9.96 -34.15 -41.34
CA ARG H 14 8.54 -34.42 -41.45
C ARG H 14 8.30 -34.56 -42.95
N ASP H 15 9.39 -34.45 -43.70
CA ASP H 15 9.36 -34.53 -45.14
C ASP H 15 9.84 -35.92 -45.45
N ALA H 16 10.82 -36.36 -44.66
CA ALA H 16 11.34 -37.69 -44.81
C ALA H 16 10.10 -38.54 -44.90
N VAL H 17 9.05 -38.02 -44.30
CA VAL H 17 7.74 -38.65 -44.30
C VAL H 17 7.37 -39.05 -45.72
N ARG H 18 7.03 -38.08 -46.56
CA ARG H 18 6.67 -38.42 -47.94
C ARG H 18 7.94 -38.70 -48.72
N LYS H 19 9.05 -38.15 -48.25
CA LYS H 19 10.33 -38.38 -48.91
C LYS H 19 10.47 -39.89 -48.94
N PHE H 20 9.66 -40.51 -48.09
CA PHE H 20 9.61 -41.94 -47.92
C PHE H 20 8.57 -42.55 -48.87
N LEU H 21 7.48 -41.82 -49.11
CA LEU H 21 6.44 -42.29 -50.00
C LEU H 21 6.97 -42.30 -51.42
N THR H 22 7.98 -43.14 -51.62
CA THR H 22 8.64 -43.29 -52.90
C THR H 22 8.92 -44.76 -53.20
N GLY H 23 8.09 -45.36 -54.06
CA GLY H 23 8.29 -46.75 -54.41
C GLY H 23 9.65 -46.98 -55.07
N SER H 24 10.11 -45.96 -55.80
CA SER H 24 11.40 -45.96 -56.50
C SER H 24 12.46 -46.59 -55.58
N THR H 25 12.83 -45.85 -54.53
CA THR H 25 13.81 -46.33 -53.59
C THR H 25 13.29 -47.58 -52.86
N PRO H 26 14.20 -48.52 -52.59
CA PRO H 26 14.00 -49.80 -51.92
C PRO H 26 13.29 -49.80 -50.59
N TYR H 27 13.91 -50.51 -49.65
CA TYR H 27 13.39 -50.67 -48.33
C TYR H 27 14.51 -50.63 -47.29
N GLU H 28 14.32 -51.35 -46.19
CA GLU H 28 15.25 -51.42 -45.06
C GLU H 28 16.28 -50.29 -44.97
N LYS H 29 17.18 -50.24 -45.95
CA LYS H 29 18.17 -49.16 -45.97
C LYS H 29 17.33 -47.90 -45.84
N ALA H 30 16.39 -47.74 -46.77
CA ALA H 30 15.48 -46.62 -46.78
C ALA H 30 15.21 -46.29 -45.33
N VAL H 31 14.85 -47.33 -44.59
CA VAL H 31 14.55 -47.21 -43.19
C VAL H 31 15.65 -46.58 -42.36
N ASP H 32 16.56 -47.43 -41.90
CA ASP H 32 17.67 -46.98 -41.07
C ASP H 32 18.09 -45.56 -41.40
N GLU H 33 18.36 -45.28 -42.66
CA GLU H 33 18.75 -43.92 -43.02
C GLU H 33 17.73 -43.09 -42.30
N PHE H 34 16.56 -43.02 -42.92
CA PHE H 34 15.46 -42.28 -42.38
C PHE H 34 15.62 -42.25 -40.88
N ILE H 35 15.75 -43.44 -40.30
CA ILE H 35 15.93 -43.55 -38.88
C ILE H 35 16.97 -42.51 -38.52
N LYS H 36 18.22 -42.84 -38.81
CA LYS H 36 19.34 -41.95 -38.54
C LYS H 36 18.97 -40.56 -38.99
N ASP H 37 18.52 -40.45 -40.22
CA ASP H 37 18.12 -39.18 -40.78
C ASP H 37 17.24 -38.47 -39.77
N LEU H 38 16.04 -38.97 -39.58
CA LEU H 38 15.17 -38.38 -38.59
C LEU H 38 16.09 -38.27 -37.36
N GLN H 39 16.59 -39.41 -36.92
CA GLN H 39 17.46 -39.51 -35.77
C GLN H 39 18.42 -38.35 -35.67
N LYS H 40 18.92 -37.93 -36.81
CA LYS H 40 19.85 -36.83 -36.82
C LYS H 40 19.10 -35.55 -36.43
N SER H 41 18.24 -35.10 -37.35
CA SER H 41 17.41 -33.89 -37.22
C SER H 41 17.02 -33.51 -35.80
N LEU H 42 17.08 -34.50 -34.92
CA LEU H 42 16.71 -34.36 -33.52
C LEU H 42 17.75 -33.70 -32.64
N ILE H 43 18.72 -34.49 -32.24
CA ILE H 43 19.77 -34.00 -31.39
C ILE H 43 20.24 -32.67 -31.95
N SER H 44 20.46 -32.65 -33.26
CA SER H 44 20.91 -31.44 -33.93
C SER H 44 20.00 -30.31 -33.47
N SER H 45 18.72 -30.66 -33.30
CA SER H 45 17.73 -29.71 -32.83
C SER H 45 17.61 -29.97 -31.32
N ASP H 46 18.68 -29.64 -30.60
CA ASP H 46 18.73 -29.83 -29.17
C ASP H 46 18.62 -31.32 -28.92
N VAL H 47 17.46 -31.72 -28.42
CA VAL H 47 17.18 -33.11 -28.13
C VAL H 47 18.28 -33.85 -27.37
N ASN H 48 17.93 -34.47 -26.26
CA ASN H 48 18.96 -35.21 -25.54
C ASN H 48 19.10 -36.51 -26.32
N VAL H 49 20.11 -37.29 -25.97
CA VAL H 49 20.32 -38.52 -26.69
C VAL H 49 20.35 -39.79 -25.85
N LYS H 50 20.99 -39.71 -24.68
CA LYS H 50 21.07 -40.85 -23.76
C LYS H 50 19.87 -41.70 -24.10
N LEU H 51 18.74 -41.05 -23.97
CA LEU H 51 17.43 -41.58 -24.28
C LEU H 51 17.50 -42.27 -25.63
N VAL H 52 17.36 -41.46 -26.67
CA VAL H 52 17.41 -41.88 -28.07
C VAL H 52 17.68 -43.36 -28.27
N PHE H 53 18.90 -43.74 -27.91
CA PHE H 53 19.36 -45.13 -27.98
C PHE H 53 18.11 -45.96 -27.71
N SER H 54 17.48 -45.67 -26.58
CA SER H 54 16.26 -46.33 -26.17
C SER H 54 15.26 -46.32 -27.30
N LEU H 55 14.80 -45.14 -27.71
CA LEU H 55 13.85 -45.07 -28.81
C LEU H 55 14.37 -45.90 -29.95
N THR H 56 15.31 -45.32 -30.68
CA THR H 56 15.95 -45.98 -31.81
C THR H 56 15.91 -47.47 -31.56
N ALA H 57 16.21 -47.84 -30.32
CA ALA H 57 16.22 -49.23 -29.92
C ALA H 57 14.82 -49.78 -30.07
N LYS H 58 13.99 -49.57 -29.05
CA LYS H 58 12.60 -50.05 -29.02
C LYS H 58 12.12 -50.19 -30.45
N ILE H 59 12.39 -49.13 -31.20
CA ILE H 59 12.06 -49.08 -32.60
C ILE H 59 12.45 -50.45 -33.12
N LYS H 60 13.76 -50.64 -33.30
CA LYS H 60 14.32 -51.90 -33.76
C LYS H 60 13.57 -53.07 -33.12
N GLU H 61 13.72 -53.18 -31.80
CA GLU H 61 13.07 -54.23 -31.02
C GLU H 61 11.92 -54.80 -31.80
N ARG H 62 10.87 -54.00 -31.88
CA ARG H 62 9.67 -54.37 -32.58
C ARG H 62 9.95 -55.17 -33.86
N LEU H 63 10.47 -54.51 -34.89
CA LEU H 63 10.80 -55.16 -36.16
C LEU H 63 10.95 -56.68 -36.04
N ASN H 64 12.06 -57.07 -35.41
CA ASN H 64 12.40 -58.47 -35.21
C ASN H 64 11.47 -59.12 -34.19
N LYS H 65 10.18 -58.81 -34.32
CA LYS H 65 9.14 -59.32 -33.42
C LYS H 65 7.77 -58.98 -33.98
N GLU H 66 7.71 -58.62 -35.26
CA GLU H 66 6.42 -58.25 -35.84
C GLU H 66 6.46 -58.13 -37.33
N LYS H 67 5.29 -57.75 -37.86
CA LYS H 67 5.07 -57.57 -39.27
C LYS H 67 3.71 -56.92 -39.41
N PRO H 68 3.51 -56.16 -40.48
CA PRO H 68 2.23 -55.50 -40.70
C PRO H 68 1.17 -56.54 -40.98
N PRO H 69 0.08 -56.53 -40.21
CA PRO H 69 -0.93 -57.53 -40.52
C PRO H 69 -1.02 -57.49 -42.03
N SER H 70 -1.09 -58.67 -42.65
CA SER H 70 -1.17 -58.74 -44.09
C SER H 70 -2.14 -57.68 -44.57
N VAL H 71 -2.38 -57.68 -45.87
CA VAL H 71 -3.31 -56.73 -46.41
C VAL H 71 -2.90 -55.33 -46.04
N LEU H 72 -1.64 -55.02 -46.27
CA LEU H 72 -1.16 -53.69 -46.00
C LEU H 72 0.33 -53.48 -46.07
N GLU H 73 0.73 -52.69 -47.08
CA GLU H 73 2.13 -52.35 -47.34
C GLU H 73 2.87 -52.04 -46.05
N ARG H 74 4.01 -52.71 -45.89
CA ARG H 74 4.87 -52.56 -44.73
C ARG H 74 5.21 -51.10 -44.50
N LYS H 75 6.00 -50.56 -45.44
CA LYS H 75 6.44 -49.18 -45.41
C LYS H 75 5.53 -48.41 -44.47
N GLU H 76 4.25 -48.39 -44.82
CA GLU H 76 3.26 -47.71 -44.02
C GLU H 76 3.47 -48.13 -42.54
N TRP H 77 2.96 -49.31 -42.17
CA TRP H 77 3.10 -49.88 -40.81
C TRP H 77 4.26 -49.25 -40.05
N PHE H 78 5.43 -49.45 -40.61
CA PHE H 78 6.66 -48.90 -40.09
C PHE H 78 6.27 -47.69 -39.26
N ILE H 79 5.63 -46.76 -39.93
CA ILE H 79 5.19 -45.54 -39.32
C ILE H 79 4.42 -45.68 -38.06
N SER H 80 3.20 -46.18 -38.21
CA SER H 80 2.34 -46.39 -37.07
C SER H 80 3.29 -46.57 -35.93
N ILE H 81 4.25 -47.45 -36.16
CA ILE H 81 5.26 -47.78 -35.19
C ILE H 81 6.11 -46.57 -34.89
N VAL H 82 6.70 -46.02 -35.93
CA VAL H 82 7.52 -44.83 -35.77
C VAL H 82 6.65 -43.91 -34.95
N TYR H 83 5.61 -43.39 -35.57
CA TYR H 83 4.69 -42.50 -34.92
C TYR H 83 4.52 -43.01 -33.53
N ASP H 84 3.93 -44.20 -33.46
CA ASP H 84 3.67 -44.88 -32.23
C ASP H 84 4.64 -44.37 -31.18
N GLU H 85 5.90 -44.75 -31.33
CA GLU H 85 6.94 -44.37 -30.36
C GLU H 85 7.29 -42.90 -30.26
N LEU H 86 6.99 -42.14 -31.30
CA LEU H 86 7.28 -40.71 -31.25
C LEU H 86 6.48 -40.27 -30.05
N SER H 87 5.23 -40.73 -30.01
CA SER H 87 4.34 -40.42 -28.92
C SER H 87 5.15 -40.64 -27.66
N LYS H 88 5.20 -41.91 -27.24
CA LYS H 88 5.94 -42.33 -26.05
C LYS H 88 7.22 -41.53 -25.90
N LEU H 89 7.96 -41.42 -27.00
CA LEU H 89 9.20 -40.67 -26.97
C LEU H 89 8.90 -39.37 -26.26
N PHE H 90 7.88 -38.67 -26.74
CA PHE H 90 7.50 -37.44 -26.12
C PHE H 90 6.44 -37.73 -25.11
N GLY H 91 5.57 -36.74 -24.90
CA GLY H 91 4.48 -36.88 -23.95
C GLY H 91 3.61 -38.10 -24.23
N GLY H 92 4.23 -39.27 -24.04
CA GLY H 92 3.58 -40.55 -24.26
C GLY H 92 2.09 -40.43 -24.40
N ASP H 93 1.38 -40.80 -23.34
CA ASP H 93 -0.06 -40.69 -23.39
C ASP H 93 -0.79 -40.60 -22.08
N LYS H 94 -1.43 -39.46 -21.98
CA LYS H 94 -2.25 -39.04 -20.88
C LYS H 94 -2.79 -37.79 -21.51
N GLU H 95 -4.10 -37.69 -21.62
CA GLU H 95 -4.66 -36.50 -22.22
C GLU H 95 -4.83 -35.40 -21.18
N PRO H 96 -3.85 -34.47 -21.12
CA PRO H 96 -3.91 -33.37 -20.16
C PRO H 96 -5.32 -32.83 -19.95
N ASN H 97 -5.67 -32.59 -18.70
CA ASN H 97 -6.99 -32.09 -18.32
C ASN H 97 -6.87 -30.61 -17.92
N VAL H 98 -6.89 -29.72 -18.91
CA VAL H 98 -6.74 -28.28 -18.66
C VAL H 98 -7.99 -27.53 -18.29
N ASN H 99 -9.12 -28.21 -18.25
CA ASN H 99 -10.35 -27.53 -17.93
C ASN H 99 -10.80 -27.66 -16.47
N PRO H 100 -11.77 -26.82 -16.05
CA PRO H 100 -12.37 -26.73 -14.70
C PRO H 100 -12.64 -27.98 -13.87
N THR H 101 -12.07 -27.98 -12.66
CA THR H 101 -12.23 -29.05 -11.66
C THR H 101 -13.50 -28.64 -10.95
N LYS H 102 -13.62 -27.33 -10.83
CA LYS H 102 -14.73 -26.66 -10.21
C LYS H 102 -14.45 -25.25 -10.66
N LEU H 103 -15.05 -24.32 -9.96
CA LEU H 103 -14.85 -22.94 -10.26
C LEU H 103 -15.12 -22.21 -8.97
N PRO H 104 -14.44 -21.08 -8.79
CA PRO H 104 -13.49 -20.59 -9.78
C PRO H 104 -12.18 -21.37 -9.70
N PHE H 105 -11.07 -20.68 -9.97
CA PHE H 105 -9.77 -21.34 -9.95
C PHE H 105 -8.53 -20.58 -9.56
N ILE H 106 -7.49 -21.35 -9.25
CA ILE H 106 -6.20 -20.81 -8.82
C ILE H 106 -5.04 -21.22 -9.73
N ILE H 107 -4.68 -20.35 -10.67
CA ILE H 107 -3.55 -20.67 -11.54
C ILE H 107 -2.26 -20.10 -10.98
N MET H 108 -1.54 -20.94 -10.26
CA MET H 108 -0.27 -20.52 -9.68
C MET H 108 0.73 -20.64 -10.79
N LEU H 109 1.24 -19.51 -11.20
CA LEU H 109 2.19 -19.55 -12.26
C LEU H 109 3.59 -19.32 -11.80
N VAL H 110 4.25 -20.43 -11.54
CA VAL H 110 5.62 -20.39 -11.09
C VAL H 110 6.54 -20.36 -12.31
N GLY H 111 7.38 -19.33 -12.36
CA GLY H 111 8.29 -19.21 -13.48
C GLY H 111 9.70 -19.00 -12.98
N VAL H 112 10.65 -19.63 -13.66
CA VAL H 112 12.06 -19.49 -13.33
C VAL H 112 12.32 -18.01 -13.50
N GLN H 113 13.45 -17.65 -14.07
CA GLN H 113 13.64 -16.25 -14.33
C GLN H 113 12.53 -16.05 -15.34
N GLY H 114 12.24 -14.80 -15.69
CA GLY H 114 11.21 -14.54 -16.68
C GLY H 114 11.37 -15.43 -17.90
N SER H 115 10.76 -15.02 -19.01
CA SER H 115 10.79 -15.74 -20.31
C SER H 115 9.45 -16.45 -20.47
N GLY H 116 8.50 -15.76 -21.11
CA GLY H 116 7.16 -16.31 -21.27
C GLY H 116 6.56 -15.90 -19.94
N LYS H 117 7.46 -15.89 -18.95
CA LYS H 117 7.20 -15.52 -17.58
C LYS H 117 5.81 -14.98 -17.54
N THR H 118 5.72 -13.71 -17.90
CA THR H 118 4.46 -13.01 -17.95
C THR H 118 3.72 -13.51 -19.17
N THR H 119 4.04 -12.86 -20.28
CA THR H 119 3.48 -13.15 -21.58
C THR H 119 2.57 -14.30 -21.37
N THR H 120 3.04 -15.47 -21.78
CA THR H 120 2.32 -16.70 -21.62
C THR H 120 0.93 -16.38 -21.15
N ALA H 121 0.81 -16.23 -19.84
CA ALA H 121 -0.45 -15.91 -19.20
C ALA H 121 -1.50 -15.43 -20.20
N GLY H 122 -1.14 -14.37 -20.91
CA GLY H 122 -2.06 -13.83 -21.88
C GLY H 122 -2.87 -14.87 -22.62
N LYS H 123 -2.40 -15.22 -23.80
CA LYS H 123 -3.10 -16.18 -24.63
C LYS H 123 -3.75 -17.19 -23.73
N LEU H 124 -3.04 -17.57 -22.68
CA LEU H 124 -3.57 -18.54 -21.77
C LEU H 124 -4.90 -18.01 -21.35
N ALA H 125 -4.86 -16.95 -20.56
CA ALA H 125 -6.06 -16.33 -20.10
C ALA H 125 -6.80 -16.15 -21.38
N TYR H 126 -6.34 -15.17 -22.14
CA TYR H 126 -6.89 -14.85 -23.43
C TYR H 126 -7.72 -16.00 -23.93
N PHE H 127 -7.03 -17.11 -24.10
CA PHE H 127 -7.63 -18.32 -24.60
C PHE H 127 -8.95 -18.69 -23.93
N TYR H 128 -8.92 -18.85 -22.61
CA TYR H 128 -10.10 -19.24 -21.86
C TYR H 128 -11.30 -18.29 -21.87
N LYS H 129 -11.08 -17.01 -22.14
CA LYS H 129 -12.19 -16.05 -22.18
C LYS H 129 -13.00 -16.37 -23.44
N LYS H 130 -12.27 -16.66 -24.53
CA LYS H 130 -12.88 -17.01 -25.81
C LYS H 130 -13.25 -18.49 -25.67
N ARG H 131 -13.71 -18.79 -24.47
CA ARG H 131 -14.16 -20.09 -24.03
C ARG H 131 -15.41 -19.71 -23.24
N GLY H 132 -15.47 -18.41 -22.92
CA GLY H 132 -16.59 -17.82 -22.21
C GLY H 132 -16.49 -17.79 -20.69
N TYR H 133 -15.38 -17.28 -20.14
CA TYR H 133 -15.24 -17.25 -18.69
C TYR H 133 -14.64 -16.02 -18.02
N LYS H 134 -15.06 -15.78 -16.77
CA LYS H 134 -14.58 -14.64 -16.01
C LYS H 134 -13.16 -14.93 -15.57
N VAL H 135 -12.22 -14.53 -16.40
CA VAL H 135 -10.80 -14.72 -16.14
C VAL H 135 -10.42 -13.95 -14.90
N GLY H 136 -9.31 -13.22 -15.01
CA GLY H 136 -8.80 -12.42 -13.91
C GLY H 136 -7.33 -12.72 -13.76
N LEU H 137 -6.51 -11.68 -13.77
CA LEU H 137 -5.10 -11.92 -13.66
C LEU H 137 -4.47 -10.99 -12.68
N VAL H 138 -3.24 -11.30 -12.29
CA VAL H 138 -2.51 -10.48 -11.35
C VAL H 138 -1.01 -10.56 -11.53
N ALA H 139 -0.37 -9.39 -11.40
CA ALA H 139 1.07 -9.27 -11.52
C ALA H 139 1.68 -9.92 -10.28
N ALA H 140 1.99 -11.21 -10.38
CA ALA H 140 2.59 -11.92 -9.25
C ALA H 140 4.10 -12.01 -9.37
N ASP H 141 4.74 -10.86 -9.60
CA ASP H 141 6.20 -10.80 -9.74
C ASP H 141 6.77 -9.41 -9.43
N VAL H 142 7.66 -9.35 -8.45
CA VAL H 142 8.27 -8.08 -8.06
C VAL H 142 9.76 -8.16 -7.87
N TYR H 143 10.48 -8.25 -8.97
CA TYR H 143 11.93 -8.30 -8.92
C TYR H 143 12.35 -7.63 -10.21
N ARG H 144 11.69 -8.09 -11.26
CA ARG H 144 11.94 -7.58 -12.60
C ARG H 144 10.77 -6.64 -12.95
N PRO H 145 11.09 -5.44 -13.46
CA PRO H 145 10.27 -4.29 -13.90
C PRO H 145 8.85 -4.45 -14.47
N ALA H 146 8.74 -4.30 -15.79
CA ALA H 146 7.49 -4.37 -16.56
C ALA H 146 6.42 -5.40 -16.19
N ALA H 147 6.21 -5.56 -14.89
CA ALA H 147 5.22 -6.49 -14.38
C ALA H 147 3.98 -6.16 -15.18
N TYR H 148 3.01 -5.55 -14.51
CA TYR H 148 1.79 -5.12 -15.16
C TYR H 148 2.28 -4.62 -16.51
N ASP H 149 2.60 -3.34 -16.55
CA ASP H 149 3.15 -2.72 -17.73
C ASP H 149 2.99 -3.61 -18.95
N GLN H 150 4.09 -3.88 -19.65
CA GLN H 150 4.04 -4.70 -20.86
C GLN H 150 2.82 -5.59 -20.87
N LEU H 151 2.62 -6.27 -19.75
CA LEU H 151 1.48 -7.14 -19.63
C LEU H 151 0.28 -6.24 -19.68
N LEU H 152 0.11 -5.47 -18.61
CA LEU H 152 -1.02 -4.58 -18.47
C LEU H 152 -1.74 -4.43 -19.79
N GLN H 153 -0.98 -4.05 -20.82
CA GLN H 153 -1.48 -3.84 -22.17
C GLN H 153 -2.63 -4.79 -22.40
N LEU H 154 -2.33 -5.81 -23.17
CA LEU H 154 -3.25 -6.88 -23.47
C LEU H 154 -4.49 -6.85 -22.57
N GLY H 155 -4.26 -7.03 -21.27
CA GLY H 155 -5.32 -7.05 -20.28
C GLY H 155 -6.58 -6.36 -20.74
N ASN H 156 -6.44 -5.10 -21.11
CA ASN H 156 -7.55 -4.30 -21.60
C ASN H 156 -7.68 -4.61 -23.08
N GLN H 157 -6.55 -4.52 -23.77
CA GLN H 157 -6.45 -4.74 -25.20
C GLN H 157 -7.01 -6.09 -25.59
N ILE H 158 -7.61 -6.77 -24.62
CA ILE H 158 -8.23 -8.07 -24.86
C ILE H 158 -9.60 -8.12 -24.17
N GLY H 159 -9.89 -7.08 -23.40
CA GLY H 159 -11.15 -7.01 -22.68
C GLY H 159 -11.08 -7.85 -21.43
N VAL H 160 -9.91 -7.86 -20.78
CA VAL H 160 -9.72 -8.62 -19.55
C VAL H 160 -8.90 -7.87 -18.51
N GLN H 161 -9.61 -7.31 -17.55
CA GLN H 161 -8.94 -6.57 -16.52
C GLN H 161 -7.92 -7.48 -15.86
N VAL H 162 -7.11 -6.84 -15.03
CA VAL H 162 -6.09 -7.52 -14.28
C VAL H 162 -5.86 -6.66 -13.04
N TYR H 163 -4.80 -6.93 -12.31
CA TYR H 163 -4.51 -6.16 -11.10
C TYR H 163 -3.11 -6.41 -10.50
N GLY H 164 -2.53 -5.35 -9.93
CA GLY H 164 -1.22 -5.41 -9.31
C GLY H 164 -0.88 -4.25 -8.38
N GLU H 165 0.40 -4.09 -8.07
CA GLU H 165 0.81 -3.00 -7.19
C GLU H 165 2.16 -2.43 -7.55
N PRO H 166 2.14 -1.27 -8.20
CA PRO H 166 3.28 -0.49 -8.66
C PRO H 166 4.41 -0.62 -7.70
N ASN H 167 5.60 -0.75 -8.26
CA ASN H 167 6.77 -0.91 -7.43
C ASN H 167 6.25 -2.03 -6.55
N ASN H 168 6.13 -1.74 -5.26
CA ASN H 168 5.66 -2.73 -4.31
C ASN H 168 6.30 -4.10 -4.53
N GLN H 169 7.38 -4.35 -3.81
CA GLN H 169 8.07 -5.63 -3.91
C GLN H 169 7.67 -6.53 -2.74
N ASN H 170 6.71 -7.42 -2.99
CA ASN H 170 6.24 -8.39 -1.99
C ASN H 170 5.04 -9.18 -2.48
N PRO H 171 5.25 -10.45 -2.85
CA PRO H 171 4.16 -11.29 -3.33
C PRO H 171 3.12 -11.49 -2.24
N ILE H 172 2.73 -12.74 -2.07
CA ILE H 172 1.78 -13.09 -1.04
C ILE H 172 0.63 -12.12 -0.97
N GLU H 173 0.71 -11.21 0.00
CA GLU H 173 -0.31 -10.20 0.21
C GLU H 173 -0.98 -9.97 -1.12
N ILE H 174 -0.34 -9.10 -1.89
CA ILE H 174 -0.77 -8.72 -3.22
C ILE H 174 -1.53 -9.86 -3.87
N ALA H 175 -0.88 -11.02 -3.90
CA ALA H 175 -1.48 -12.20 -4.48
C ALA H 175 -2.81 -12.33 -3.77
N LYS H 176 -2.74 -12.84 -2.54
CA LYS H 176 -3.89 -13.02 -1.70
C LYS H 176 -4.87 -11.92 -2.07
N LYS H 177 -4.39 -10.69 -1.88
CA LYS H 177 -5.17 -9.52 -2.19
C LYS H 177 -5.91 -9.86 -3.46
N GLY H 178 -5.23 -9.71 -4.60
CA GLY H 178 -5.84 -10.02 -5.87
C GLY H 178 -6.85 -11.10 -5.63
N VAL H 179 -6.46 -12.33 -5.91
CA VAL H 179 -7.33 -13.44 -5.66
C VAL H 179 -8.75 -13.03 -5.33
N ASP H 180 -9.06 -13.20 -4.05
CA ASP H 180 -10.36 -12.93 -3.49
C ASP H 180 -11.10 -11.81 -4.13
N ILE H 181 -10.36 -10.93 -4.74
CA ILE H 181 -10.96 -9.82 -5.42
C ILE H 181 -12.00 -10.37 -6.36
N PHE H 182 -11.53 -10.70 -7.54
CA PHE H 182 -12.32 -11.27 -8.62
C PHE H 182 -13.30 -12.16 -7.95
N VAL H 183 -12.76 -12.95 -7.05
CA VAL H 183 -13.54 -13.86 -6.29
C VAL H 183 -14.72 -13.12 -5.68
N LYS H 184 -14.44 -12.07 -4.94
CA LYS H 184 -15.49 -11.26 -4.32
C LYS H 184 -16.47 -10.89 -5.40
N ASN H 185 -15.94 -10.65 -6.59
CA ASN H 185 -16.74 -10.25 -7.75
C ASN H 185 -17.25 -11.52 -8.38
N LYS H 186 -16.76 -12.63 -7.86
CA LYS H 186 -17.18 -13.95 -8.28
C LYS H 186 -16.85 -14.30 -9.72
N MET H 187 -15.61 -14.04 -10.13
CA MET H 187 -15.27 -14.38 -11.49
C MET H 187 -15.06 -15.86 -11.58
N ASP H 188 -14.50 -16.32 -12.70
CA ASP H 188 -14.36 -17.74 -12.88
C ASP H 188 -12.96 -18.30 -12.87
N ILE H 189 -12.02 -17.63 -13.52
CA ILE H 189 -10.66 -18.17 -13.55
C ILE H 189 -9.51 -17.19 -13.43
N ILE H 190 -8.62 -17.50 -12.49
CA ILE H 190 -7.47 -16.65 -12.26
C ILE H 190 -6.15 -17.23 -12.70
N ILE H 191 -5.31 -16.33 -13.19
CA ILE H 191 -4.01 -16.66 -13.69
C ILE H 191 -3.07 -15.71 -12.98
N VAL H 192 -1.98 -16.22 -12.41
CA VAL H 192 -1.04 -15.32 -11.75
C VAL H 192 0.40 -15.77 -11.81
N ASP H 193 1.16 -15.12 -12.68
CA ASP H 193 2.56 -15.44 -12.89
C ASP H 193 3.41 -14.97 -11.74
N THR H 194 4.35 -15.80 -11.34
CA THR H 194 5.23 -15.48 -10.27
C THR H 194 6.64 -15.99 -10.54
N ALA H 195 7.54 -15.65 -9.65
CA ALA H 195 8.95 -16.03 -9.74
C ALA H 195 9.72 -15.46 -8.53
N GLY H 196 11.05 -15.55 -8.59
CA GLY H 196 11.89 -15.05 -7.50
C GLY H 196 13.38 -14.88 -7.81
N ARG H 197 14.06 -14.02 -7.04
CA ARG H 197 15.50 -13.69 -7.19
C ARG H 197 16.43 -14.61 -8.00
N HIS H 198 16.66 -15.83 -7.48
CA HIS H 198 17.51 -16.84 -8.11
C HIS H 198 16.73 -18.09 -8.55
N GLY H 199 16.89 -18.47 -9.83
CA GLY H 199 16.19 -19.61 -10.40
C GLY H 199 17.04 -20.81 -10.80
N TYR H 200 17.28 -20.97 -12.10
CA TYR H 200 18.07 -22.10 -12.63
C TYR H 200 19.26 -22.50 -11.74
N GLY H 201 19.26 -23.75 -11.29
CA GLY H 201 20.33 -24.23 -10.41
C GLY H 201 19.95 -23.88 -8.98
N GLU H 202 19.69 -22.57 -8.78
CA GLU H 202 19.27 -22.02 -7.51
C GLU H 202 17.77 -22.29 -7.58
N GLU H 203 17.42 -23.23 -8.45
CA GLU H 203 16.07 -23.66 -8.65
C GLU H 203 15.62 -23.82 -7.23
N THR H 204 16.37 -24.65 -6.52
CA THR H 204 16.17 -24.95 -5.11
C THR H 204 15.48 -23.79 -4.40
N LYS H 205 15.93 -22.59 -4.73
CA LYS H 205 15.42 -21.34 -4.16
C LYS H 205 14.14 -20.90 -4.84
N LEU H 206 14.13 -20.96 -6.16
CA LEU H 206 12.95 -20.59 -6.93
C LEU H 206 11.77 -21.28 -6.24
N LEU H 207 11.70 -22.59 -6.40
CA LEU H 207 10.64 -23.40 -5.78
C LEU H 207 10.53 -22.99 -4.33
N GLU H 208 11.68 -22.93 -3.68
CA GLU H 208 11.77 -22.56 -2.29
C GLU H 208 10.81 -21.40 -2.10
N GLU H 209 10.75 -20.54 -3.10
CA GLU H 209 9.85 -19.41 -3.02
C GLU H 209 8.44 -19.92 -3.18
N MET H 210 8.17 -20.52 -4.33
CA MET H 210 6.85 -21.05 -4.62
C MET H 210 6.30 -21.77 -3.43
N LYS H 211 7.21 -22.26 -2.60
CA LYS H 211 6.85 -22.97 -1.38
C LYS H 211 5.74 -22.14 -0.78
N GLU H 212 6.11 -21.16 0.05
CA GLU H 212 5.15 -20.29 0.69
C GLU H 212 4.11 -20.02 -0.37
N MET H 213 4.53 -19.26 -1.36
CA MET H 213 3.68 -18.91 -2.48
C MET H 213 2.53 -19.91 -2.58
N TYR H 214 2.87 -21.17 -2.80
CA TYR H 214 1.85 -22.20 -2.91
C TYR H 214 1.13 -22.36 -1.59
N ASP H 215 1.84 -23.00 -0.67
CA ASP H 215 1.33 -23.28 0.64
C ASP H 215 1.22 -22.02 1.45
N VAL H 216 0.21 -21.23 1.13
CA VAL H 216 -0.09 -19.98 1.79
C VAL H 216 -1.40 -19.59 1.11
N LEU H 217 -1.43 -19.85 -0.18
CA LEU H 217 -2.57 -19.55 -1.01
C LEU H 217 -3.53 -20.72 -0.97
N LYS H 218 -3.03 -21.86 -1.43
CA LYS H 218 -3.77 -23.11 -1.53
C LYS H 218 -4.35 -23.21 -2.94
N PRO H 219 -3.47 -23.15 -3.97
CA PRO H 219 -3.82 -23.22 -5.39
C PRO H 219 -4.24 -24.62 -5.84
N ASP H 220 -5.12 -24.67 -6.82
CA ASP H 220 -5.59 -25.95 -7.32
C ASP H 220 -4.71 -26.39 -8.47
N ASP H 221 -4.60 -25.53 -9.46
CA ASP H 221 -3.79 -25.85 -10.62
C ASP H 221 -2.52 -25.02 -10.62
N VAL H 222 -1.37 -25.68 -10.71
CA VAL H 222 -0.09 -24.99 -10.71
C VAL H 222 0.79 -25.34 -11.88
N ILE H 223 1.49 -24.34 -12.40
CA ILE H 223 2.31 -24.59 -13.55
C ILE H 223 3.58 -23.81 -13.58
N LEU H 224 4.60 -24.45 -14.13
CA LEU H 224 5.90 -23.85 -14.34
C LEU H 224 5.94 -23.77 -15.85
N VAL H 225 6.93 -23.07 -16.36
CA VAL H 225 7.07 -22.97 -17.79
C VAL H 225 8.51 -22.72 -18.11
N ILE H 226 8.84 -22.86 -19.38
CA ILE H 226 10.20 -22.70 -19.79
C ILE H 226 10.29 -22.56 -21.28
N ASP H 227 11.31 -21.86 -21.72
CA ASP H 227 11.51 -21.70 -23.14
C ASP H 227 12.42 -22.84 -23.57
N ALA H 228 12.16 -23.37 -24.76
CA ALA H 228 12.99 -24.44 -25.29
C ALA H 228 14.42 -23.91 -25.36
N SER H 229 14.55 -22.62 -25.08
CA SER H 229 15.85 -21.96 -25.07
C SER H 229 16.76 -22.82 -24.21
N ILE H 230 16.24 -23.22 -23.06
CA ILE H 230 16.99 -24.06 -22.15
C ILE H 230 17.01 -25.51 -22.64
N GLY H 231 15.86 -26.00 -23.09
CA GLY H 231 15.77 -27.35 -23.61
C GLY H 231 15.99 -28.50 -22.64
N GLN H 232 16.37 -29.65 -23.18
CA GLN H 232 16.60 -30.86 -22.39
C GLN H 232 17.20 -30.52 -21.04
N LYS H 233 18.08 -29.51 -21.02
CA LYS H 233 18.69 -29.08 -19.77
C LYS H 233 17.55 -28.96 -18.77
N ALA H 234 16.65 -28.03 -19.08
CA ALA H 234 15.46 -27.75 -18.26
C ALA H 234 15.08 -28.93 -17.40
N TYR H 235 14.88 -30.06 -18.06
CA TYR H 235 14.56 -31.32 -17.40
C TYR H 235 14.56 -31.03 -15.90
N ASP H 236 15.69 -31.36 -15.30
CA ASP H 236 16.00 -31.14 -13.90
C ASP H 236 15.08 -30.11 -13.26
N LEU H 237 15.33 -28.85 -13.60
CA LEU H 237 14.57 -27.74 -13.10
C LEU H 237 13.18 -28.25 -12.78
N ALA H 238 12.40 -28.38 -13.83
CA ALA H 238 11.05 -28.86 -13.71
C ALA H 238 11.04 -30.05 -12.78
N SER H 239 11.76 -31.09 -13.20
CA SER H 239 11.86 -32.33 -12.44
C SER H 239 11.72 -32.00 -10.98
N ARG H 240 12.78 -31.43 -10.42
CA ARG H 240 12.75 -31.03 -9.02
C ARG H 240 11.50 -30.17 -9.02
N PHE H 241 10.43 -30.73 -8.46
CA PHE H 241 9.15 -30.04 -8.40
C PHE H 241 8.08 -31.04 -8.74
N HIS H 242 8.27 -31.77 -9.81
CA HIS H 242 7.29 -32.78 -10.17
C HIS H 242 7.09 -33.44 -8.82
N GLN H 243 8.14 -33.36 -8.02
CA GLN H 243 8.18 -33.90 -6.67
C GLN H 243 7.52 -32.91 -5.74
N ALA H 244 7.90 -31.64 -5.88
CA ALA H 244 7.31 -30.59 -5.07
C ALA H 244 5.82 -30.83 -5.22
N SER H 245 5.36 -30.74 -6.45
CA SER H 245 3.96 -30.97 -6.78
C SER H 245 3.87 -31.74 -8.09
N PRO H 246 3.29 -32.94 -8.02
CA PRO H 246 3.11 -33.83 -9.18
C PRO H 246 2.04 -33.26 -10.11
N ILE H 247 0.97 -32.74 -9.52
CA ILE H 247 -0.11 -32.13 -10.29
C ILE H 247 0.54 -31.05 -11.15
N GLY H 248 1.78 -30.74 -10.80
CA GLY H 248 2.52 -29.74 -11.53
C GLY H 248 2.63 -30.08 -13.00
N SER H 249 1.84 -29.38 -13.80
CA SER H 249 1.85 -29.56 -15.24
C SER H 249 2.51 -28.31 -15.76
N VAL H 250 2.96 -28.35 -17.00
CA VAL H 250 3.61 -27.19 -17.57
C VAL H 250 3.46 -27.12 -19.05
N ILE H 251 4.13 -26.11 -19.60
CA ILE H 251 4.16 -25.81 -21.02
C ILE H 251 5.57 -25.27 -21.31
N ILE H 252 5.92 -25.17 -22.59
CA ILE H 252 7.24 -24.66 -22.95
C ILE H 252 7.14 -23.37 -23.71
N THR H 253 7.59 -22.30 -23.06
CA THR H 253 7.55 -21.01 -23.69
C THR H 253 8.33 -21.07 -24.99
N LYS H 254 7.96 -20.19 -25.91
CA LYS H 254 8.59 -20.07 -27.21
C LYS H 254 8.95 -21.33 -27.97
N MET H 255 8.29 -21.49 -29.12
CA MET H 255 8.55 -22.60 -30.01
C MET H 255 9.33 -21.97 -31.12
N ASP H 256 8.67 -21.05 -31.81
CA ASP H 256 9.31 -20.33 -32.88
C ASP H 256 10.37 -19.46 -32.22
N GLY H 257 10.40 -19.54 -30.88
CA GLY H 257 11.36 -18.77 -30.12
C GLY H 257 12.61 -19.50 -29.65
N THR H 258 13.28 -20.22 -30.55
CA THR H 258 14.50 -20.94 -30.20
C THR H 258 15.20 -21.54 -31.41
N ALA H 259 14.97 -22.85 -31.60
CA ALA H 259 15.55 -23.65 -32.70
C ALA H 259 15.89 -25.04 -32.15
N LYS H 260 15.96 -25.14 -30.83
CA LYS H 260 16.32 -26.35 -30.12
C LYS H 260 15.13 -27.26 -29.81
N GLY H 261 14.07 -26.65 -29.29
CA GLY H 261 12.87 -27.38 -28.94
C GLY H 261 13.10 -28.75 -28.37
N GLY H 262 12.77 -29.76 -29.17
CA GLY H 262 12.93 -31.15 -28.78
C GLY H 262 13.40 -31.31 -27.35
N GLY H 263 14.69 -31.61 -27.21
CA GLY H 263 15.27 -31.79 -25.88
C GLY H 263 14.41 -31.15 -24.82
N ALA H 264 14.04 -29.88 -25.06
CA ALA H 264 13.19 -29.17 -24.12
C ALA H 264 12.09 -30.15 -23.77
N LEU H 265 11.07 -30.17 -24.60
CA LEU H 265 9.91 -31.03 -24.43
C LEU H 265 10.31 -32.48 -24.15
N SER H 266 11.42 -32.88 -24.74
CA SER H 266 11.93 -34.23 -24.54
C SER H 266 12.11 -34.44 -23.05
N ALA H 267 13.17 -33.82 -22.53
CA ALA H 267 13.54 -33.88 -21.13
C ALA H 267 12.27 -33.95 -20.31
N VAL H 268 11.47 -32.92 -20.47
CA VAL H 268 10.19 -32.80 -19.81
C VAL H 268 9.68 -34.20 -19.60
N VAL H 269 8.96 -34.66 -20.62
CA VAL H 269 8.38 -35.98 -20.64
C VAL H 269 9.12 -36.89 -19.68
N ALA H 270 10.33 -37.25 -20.10
CA ALA H 270 11.20 -38.14 -19.35
C ALA H 270 11.39 -37.80 -17.88
N THR H 271 10.28 -37.63 -17.18
CA THR H 271 10.32 -37.29 -15.77
C THR H 271 8.92 -37.58 -15.32
N GLY H 272 8.08 -37.89 -16.29
CA GLY H 272 6.69 -38.14 -16.01
C GLY H 272 6.09 -36.75 -16.10
N ALA H 273 6.97 -35.81 -16.49
CA ALA H 273 6.60 -34.41 -16.62
C ALA H 273 5.21 -34.27 -17.22
N THR H 274 4.55 -33.14 -16.96
CA THR H 274 3.21 -32.95 -17.48
C THR H 274 3.00 -31.62 -18.21
N ILE H 275 2.68 -31.70 -19.50
CA ILE H 275 2.48 -30.50 -20.29
C ILE H 275 1.00 -30.35 -20.55
N LYS H 276 0.66 -29.31 -21.28
CA LYS H 276 -0.71 -29.02 -21.62
C LYS H 276 -0.79 -28.22 -22.90
N PHE H 277 0.17 -27.33 -23.06
CA PHE H 277 0.22 -26.46 -24.23
C PHE H 277 1.62 -26.30 -24.72
N ILE H 278 1.80 -25.26 -25.53
CA ILE H 278 3.12 -24.94 -26.06
C ILE H 278 3.25 -23.58 -26.75
N GLY H 279 2.24 -23.19 -27.54
CA GLY H 279 2.26 -21.90 -28.22
C GLY H 279 3.53 -21.45 -28.92
N THR H 280 3.52 -21.54 -30.26
CA THR H 280 4.66 -21.17 -31.09
C THR H 280 5.48 -19.98 -30.59
N GLY H 281 4.82 -19.00 -29.99
CA GLY H 281 5.55 -17.85 -29.50
C GLY H 281 4.68 -16.61 -29.43
N GLU H 282 5.06 -15.57 -30.18
CA GLU H 282 4.34 -14.29 -30.19
C GLU H 282 2.83 -14.42 -30.39
N LYS H 283 2.21 -13.31 -30.78
CA LYS H 283 0.77 -13.28 -31.04
C LYS H 283 -0.07 -13.83 -29.92
N ILE H 284 -1.03 -13.02 -29.50
CA ILE H 284 -1.94 -13.36 -28.41
C ILE H 284 -2.66 -14.71 -28.48
N ASP H 285 -2.42 -15.49 -29.52
CA ASP H 285 -3.10 -16.76 -29.61
C ASP H 285 -2.23 -17.97 -29.91
N GLU H 286 -1.04 -17.73 -30.48
CA GLU H 286 -0.10 -18.80 -30.84
C GLU H 286 -0.04 -19.98 -29.88
N LEU H 287 -0.54 -19.76 -28.68
CA LEU H 287 -0.58 -20.82 -27.69
C LEU H 287 -1.53 -21.86 -28.22
N GLU H 288 -1.27 -23.12 -27.87
CA GLU H 288 -2.13 -24.19 -28.31
C GLU H 288 -2.17 -25.23 -27.22
N THR H 289 -3.17 -26.09 -27.31
CA THR H 289 -3.34 -27.16 -26.34
C THR H 289 -2.12 -28.03 -26.45
N PHE H 290 -2.34 -29.34 -26.40
CA PHE H 290 -1.26 -30.29 -26.53
C PHE H 290 -1.57 -31.76 -26.26
N ASN H 291 -1.13 -32.61 -27.19
CA ASN H 291 -1.25 -34.06 -27.08
C ASN H 291 -0.37 -34.75 -28.08
N ALA H 292 0.87 -34.99 -27.67
CA ALA H 292 1.87 -35.65 -28.50
C ALA H 292 1.37 -35.76 -29.92
N LYS H 293 0.58 -36.80 -30.15
CA LYS H 293 -0.02 -37.06 -31.44
C LYS H 293 -0.20 -35.70 -32.06
N ARG H 294 -1.18 -34.99 -31.52
CA ARG H 294 -1.52 -33.65 -31.94
C ARG H 294 -0.32 -33.12 -32.70
N PHE H 295 0.82 -33.10 -32.02
CA PHE H 295 2.05 -32.62 -32.59
C PHE H 295 2.80 -33.65 -33.39
N VAL H 296 3.23 -34.71 -32.71
CA VAL H 296 3.97 -35.76 -33.37
C VAL H 296 3.34 -35.86 -34.73
N SER H 297 2.10 -36.28 -34.71
CA SER H 297 1.33 -36.41 -35.92
C SER H 297 1.67 -35.17 -36.71
N ARG H 298 1.42 -34.02 -36.10
CA ARG H 298 1.69 -32.76 -36.74
C ARG H 298 3.01 -32.71 -37.49
N ILE H 299 4.04 -33.36 -36.97
CA ILE H 299 5.29 -33.33 -37.73
C ILE H 299 5.37 -34.51 -38.70
N LEU H 300 4.21 -34.90 -39.22
CA LEU H 300 4.09 -36.01 -40.14
C LEU H 300 2.81 -35.68 -40.89
N GLY H 301 2.09 -34.74 -40.29
CA GLY H 301 0.83 -34.23 -40.82
C GLY H 301 -0.11 -35.26 -41.37
N MET H 302 -0.02 -35.47 -42.68
CA MET H 302 -0.89 -36.44 -43.30
C MET H 302 -0.60 -37.84 -42.79
N GLY H 303 -1.44 -38.25 -41.85
CA GLY H 303 -1.36 -39.58 -41.30
C GLY H 303 -2.78 -40.04 -41.47
N ASP H 304 -3.07 -40.59 -42.65
CA ASP H 304 -4.42 -41.07 -42.92
C ASP H 304 -4.46 -42.43 -42.24
N ILE H 305 -3.88 -43.39 -42.94
CA ILE H 305 -3.76 -44.76 -42.49
C ILE H 305 -4.48 -45.01 -41.19
N GLU H 306 -3.97 -44.43 -40.12
CA GLU H 306 -4.56 -44.56 -38.79
C GLU H 306 -6.02 -44.81 -39.03
N SER H 307 -6.55 -43.99 -39.91
CA SER H 307 -7.92 -44.11 -40.31
C SER H 307 -8.10 -45.53 -40.82
N ILE H 308 -7.85 -45.70 -42.13
CA ILE H 308 -7.97 -46.99 -42.82
C ILE H 308 -7.50 -48.06 -41.87
N LEU H 309 -6.51 -47.68 -41.09
CA LEU H 309 -5.93 -48.53 -40.10
C LEU H 309 -7.06 -48.95 -39.17
N GLU H 310 -7.50 -47.99 -38.37
CA GLU H 310 -8.54 -48.24 -37.38
C GLU H 310 -9.73 -49.09 -37.84
N LYS H 311 -9.96 -49.19 -39.16
CA LYS H 311 -11.08 -49.99 -39.66
C LYS H 311 -10.96 -51.45 -39.26
N VAL H 312 -9.72 -51.93 -39.20
CA VAL H 312 -9.45 -53.30 -38.79
C VAL H 312 -10.32 -53.48 -37.58
N LYS H 313 -10.10 -52.62 -36.60
CA LYS H 313 -10.87 -52.65 -35.37
C LYS H 313 -12.33 -52.78 -35.76
N GLY H 314 -12.73 -52.01 -36.76
CA GLY H 314 -14.09 -52.07 -37.22
C GLY H 314 -14.34 -53.55 -37.44
N LEU H 315 -13.72 -54.10 -38.48
CA LEU H 315 -13.90 -55.51 -38.77
C LEU H 315 -13.40 -56.34 -37.61
N GLU H 316 -12.08 -56.51 -37.57
CA GLU H 316 -11.46 -57.27 -36.51
C GLU H 316 -12.01 -56.73 -35.20
N GLU H 317 -12.94 -57.49 -34.61
CA GLU H 317 -13.65 -57.19 -33.35
C GLU H 317 -15.14 -57.00 -33.66
N TYR H 318 -15.54 -57.37 -34.86
CA TYR H 318 -16.93 -57.22 -35.22
C TYR H 318 -17.59 -58.53 -35.51
N ASP H 319 -16.77 -59.42 -36.03
CA ASP H 319 -17.21 -60.77 -36.30
C ASP H 319 -17.73 -61.09 -34.91
N LYS H 320 -17.07 -60.45 -33.96
CA LYS H 320 -17.38 -60.55 -32.56
C LYS H 320 -18.89 -60.68 -32.48
N ILE H 321 -19.59 -59.79 -33.17
CA ILE H 321 -21.04 -59.82 -33.18
C ILE H 321 -21.48 -61.20 -33.65
N GLN H 322 -21.37 -61.37 -34.96
CA GLN H 322 -21.75 -62.59 -35.65
C GLN H 322 -22.08 -63.75 -34.69
N LYS H 323 -21.38 -64.88 -34.80
CA LYS H 323 -21.65 -66.05 -33.95
C LYS H 323 -23.07 -65.97 -33.51
N LYS H 324 -23.22 -65.88 -32.21
CA LYS H 324 -24.51 -65.69 -31.67
C LYS H 324 -24.35 -64.23 -31.36
N MET H 325 -25.47 -63.54 -31.22
CA MET H 325 -25.47 -62.11 -30.93
C MET H 325 -25.95 -61.86 -29.50
N GLU H 326 -26.98 -61.01 -29.35
CA GLU H 326 -27.57 -60.57 -28.07
C GLU H 326 -27.37 -61.38 -26.78
N ASP H 327 -27.32 -60.64 -25.66
CA ASP H 327 -27.12 -61.21 -24.31
C ASP H 327 -28.31 -60.99 -23.38
N VAL H 328 -28.48 -61.93 -22.46
CA VAL H 328 -29.55 -61.89 -21.44
C VAL H 328 -30.98 -61.90 -21.99
N MET H 329 -31.81 -60.98 -21.48
CA MET H 329 -33.22 -60.90 -21.87
C MET H 329 -33.70 -59.44 -22.06
N GLU H 330 -34.98 -59.20 -21.76
CA GLU H 330 -35.69 -57.89 -21.83
C GLU H 330 -35.25 -56.75 -22.81
N GLY H 331 -35.13 -55.53 -22.27
CA GLY H 331 -34.75 -54.31 -23.00
C GLY H 331 -34.09 -54.28 -24.38
N LYS H 332 -34.20 -53.13 -25.05
CA LYS H 332 -33.63 -52.91 -26.40
C LYS H 332 -32.09 -52.87 -26.46
N GLY H 333 -31.55 -53.26 -27.63
CA GLY H 333 -30.10 -53.30 -27.81
C GLY H 333 -29.37 -52.37 -28.78
N LYS H 334 -28.63 -52.96 -29.73
CA LYS H 334 -27.82 -52.22 -30.72
C LYS H 334 -28.21 -52.31 -32.21
N LEU H 335 -27.43 -53.09 -32.96
CA LEU H 335 -27.60 -53.23 -34.40
C LEU H 335 -26.95 -54.55 -34.94
N THR H 336 -27.35 -55.02 -36.13
CA THR H 336 -26.76 -56.25 -36.71
C THR H 336 -26.80 -56.41 -38.24
N LEU H 337 -27.98 -56.63 -38.83
CA LEU H 337 -28.02 -56.79 -40.27
C LEU H 337 -27.79 -55.46 -40.95
N ARG H 338 -27.30 -54.56 -40.11
CA ARG H 338 -26.91 -53.21 -40.48
C ARG H 338 -25.41 -53.43 -40.50
N ASP H 339 -24.95 -53.95 -39.36
CA ASP H 339 -23.55 -54.29 -39.16
C ASP H 339 -23.16 -55.00 -40.43
N VAL H 340 -24.15 -55.64 -41.02
CA VAL H 340 -23.98 -56.33 -42.28
C VAL H 340 -23.21 -55.35 -43.12
N TYR H 341 -23.96 -54.40 -43.66
CA TYR H 341 -23.39 -53.37 -44.49
C TYR H 341 -22.28 -52.68 -43.74
N ALA H 342 -22.37 -52.66 -42.42
CA ALA H 342 -21.33 -52.03 -41.66
C ALA H 342 -20.00 -52.62 -42.11
N GLN H 343 -19.93 -53.95 -42.13
CA GLN H 343 -18.69 -54.62 -42.54
C GLN H 343 -18.11 -53.79 -43.67
N ILE H 344 -18.88 -53.71 -44.75
CA ILE H 344 -18.51 -52.96 -45.94
C ILE H 344 -17.47 -51.91 -45.62
N ILE H 345 -17.98 -50.72 -45.39
CA ILE H 345 -17.20 -49.56 -45.06
C ILE H 345 -15.75 -49.86 -44.76
N ALA H 346 -15.49 -50.08 -43.47
CA ALA H 346 -14.17 -50.38 -42.96
C ALA H 346 -13.20 -50.49 -44.12
N LEU H 347 -13.20 -51.69 -44.69
CA LEU H 347 -12.36 -52.06 -45.81
C LEU H 347 -12.08 -50.97 -46.84
N ARG H 348 -13.08 -50.65 -47.66
CA ARG H 348 -12.91 -49.63 -48.70
C ARG H 348 -12.20 -48.42 -48.13
N LYS H 349 -12.64 -47.99 -46.97
CA LYS H 349 -12.01 -46.87 -46.31
C LYS H 349 -10.67 -47.35 -45.81
N MET H 350 -10.70 -48.58 -45.28
CA MET H 350 -9.53 -49.24 -44.74
C MET H 350 -8.61 -49.56 -45.89
N GLY H 351 -8.27 -48.53 -46.65
CA GLY H 351 -7.42 -48.72 -47.79
C GLY H 351 -8.35 -49.08 -48.94
N PRO H 352 -7.90 -48.92 -50.19
CA PRO H 352 -8.68 -49.21 -51.39
C PRO H 352 -9.31 -50.60 -51.39
N LEU H 353 -9.96 -50.93 -52.50
CA LEU H 353 -10.63 -52.22 -52.62
C LEU H 353 -9.65 -53.31 -53.08
N SER H 354 -10.21 -54.35 -53.70
CA SER H 354 -9.46 -55.49 -54.25
C SER H 354 -8.28 -56.01 -53.44
N LYS H 355 -7.09 -55.50 -53.74
CA LYS H 355 -5.84 -55.90 -53.07
C LYS H 355 -6.08 -56.61 -51.74
N VAL H 356 -7.07 -56.08 -51.02
CA VAL H 356 -7.49 -56.56 -49.73
C VAL H 356 -8.35 -57.83 -49.82
N LEU H 357 -9.43 -57.72 -50.60
CA LEU H 357 -10.33 -58.82 -50.83
C LEU H 357 -9.43 -60.02 -50.93
N GLN H 358 -8.60 -59.98 -51.97
CA GLN H 358 -7.63 -61.03 -52.27
C GLN H 358 -6.89 -61.29 -50.98
N HIS H 359 -6.18 -60.27 -50.56
CA HIS H 359 -5.41 -60.35 -49.35
C HIS H 359 -6.20 -60.93 -48.19
N ILE H 360 -7.53 -60.99 -48.31
CA ILE H 360 -8.30 -61.51 -47.19
C ILE H 360 -9.77 -61.88 -47.39
N PRO H 361 -10.18 -62.99 -46.76
CA PRO H 361 -11.49 -63.65 -46.70
C PRO H 361 -12.76 -62.91 -47.14
N GLY H 362 -13.83 -63.70 -47.26
CA GLY H 362 -15.12 -63.20 -47.68
C GLY H 362 -15.78 -62.30 -46.66
N LEU H 363 -16.99 -62.68 -46.25
CA LEU H 363 -17.76 -61.89 -45.29
C LEU H 363 -18.25 -62.70 -44.11
N GLY H 364 -18.38 -64.00 -44.32
CA GLY H 364 -18.79 -64.86 -43.23
C GLY H 364 -17.57 -64.71 -42.36
N ILE H 365 -16.78 -65.77 -42.26
CA ILE H 365 -15.56 -65.71 -41.47
C ILE H 365 -14.73 -66.98 -41.57
N MET H 366 -15.24 -68.11 -41.05
CA MET H 366 -14.50 -69.39 -41.09
C MET H 366 -15.14 -70.58 -40.33
N LEU H 367 -16.31 -71.00 -40.76
CA LEU H 367 -16.95 -72.10 -40.09
C LEU H 367 -17.37 -73.12 -41.09
N PRO H 368 -18.15 -74.11 -40.64
CA PRO H 368 -18.64 -75.14 -41.57
C PRO H 368 -19.52 -74.45 -42.61
N THR H 369 -18.87 -73.82 -43.58
CA THR H 369 -19.54 -73.03 -44.62
C THR H 369 -19.37 -73.56 -46.04
N PRO H 370 -19.94 -72.85 -47.04
CA PRO H 370 -19.87 -73.22 -48.46
C PRO H 370 -19.05 -72.26 -49.36
N SER H 371 -18.71 -72.78 -50.55
CA SER H 371 -17.97 -72.10 -51.65
C SER H 371 -16.41 -72.21 -51.77
N GLU H 372 -15.98 -73.11 -52.66
CA GLU H 372 -14.57 -73.41 -53.01
C GLU H 372 -13.38 -73.29 -52.03
N ASP H 373 -12.18 -73.24 -52.62
CA ASP H 373 -10.85 -73.15 -51.96
C ASP H 373 -10.61 -71.86 -51.17
N GLN H 374 -11.42 -70.84 -51.45
CA GLN H 374 -11.34 -69.54 -50.78
C GLN H 374 -12.74 -68.85 -50.83
N LEU H 375 -13.23 -68.48 -49.63
CA LEU H 375 -14.56 -67.83 -49.40
C LEU H 375 -14.83 -66.48 -50.06
N LYS H 376 -15.72 -66.47 -51.07
CA LYS H 376 -16.10 -65.25 -51.76
C LYS H 376 -16.83 -65.38 -53.10
N ILE H 377 -16.45 -64.47 -54.01
CA ILE H 377 -17.00 -64.29 -55.35
C ILE H 377 -18.12 -63.26 -55.20
N GLY H 378 -17.72 -62.11 -54.66
CA GLY H 378 -18.59 -60.97 -54.46
C GLY H 378 -17.80 -59.85 -55.13
N GLU H 379 -16.57 -60.22 -55.47
CA GLU H 379 -15.58 -59.40 -56.17
C GLU H 379 -16.01 -58.01 -56.61
N GLU H 380 -17.07 -57.96 -57.40
CA GLU H 380 -17.59 -56.71 -57.94
C GLU H 380 -18.94 -56.42 -57.27
N LYS H 381 -19.81 -57.43 -57.35
CA LYS H 381 -21.14 -57.44 -56.78
C LYS H 381 -21.09 -56.84 -55.37
N ILE H 382 -19.89 -56.84 -54.82
CA ILE H 382 -19.63 -56.31 -53.51
C ILE H 382 -20.14 -54.89 -53.42
N ARG H 383 -19.45 -54.00 -54.14
CA ARG H 383 -19.81 -52.60 -54.17
C ARG H 383 -21.18 -52.48 -54.80
N ARG H 384 -21.99 -53.51 -54.61
CA ARG H 384 -23.32 -53.51 -55.17
C ARG H 384 -24.20 -53.75 -54.00
N TRP H 385 -23.86 -54.78 -53.24
CA TRP H 385 -24.63 -55.07 -52.06
C TRP H 385 -24.79 -53.74 -51.40
N LEU H 386 -23.69 -52.99 -51.42
CA LEU H 386 -23.70 -51.69 -50.82
C LEU H 386 -24.76 -50.83 -51.43
N ALA H 387 -24.72 -50.70 -52.75
CA ALA H 387 -25.67 -49.89 -53.50
C ALA H 387 -26.81 -49.47 -52.60
N ALA H 388 -27.67 -50.41 -52.27
CA ALA H 388 -28.81 -50.14 -51.41
C ALA H 388 -28.30 -49.71 -50.05
N LEU H 389 -28.72 -50.42 -49.01
CA LEU H 389 -28.28 -50.13 -47.66
C LEU H 389 -28.49 -48.65 -47.46
N ASN H 390 -27.47 -47.89 -47.86
CA ASN H 390 -27.51 -46.45 -47.79
C ASN H 390 -28.73 -46.01 -48.60
N SER H 391 -29.33 -46.95 -49.32
CA SER H 391 -30.52 -46.66 -50.11
C SER H 391 -31.70 -47.08 -49.25
N MET H 392 -31.51 -47.06 -47.93
CA MET H 392 -32.55 -47.48 -47.00
C MET H 392 -32.43 -46.93 -45.61
N THR H 393 -33.58 -46.69 -45.00
CA THR H 393 -33.62 -46.19 -43.65
C THR H 393 -32.88 -47.17 -42.76
N TYR H 394 -32.50 -46.67 -41.59
CA TYR H 394 -31.83 -47.45 -40.56
C TYR H 394 -32.68 -48.71 -40.34
N LYS H 395 -33.73 -48.52 -39.54
CA LYS H 395 -34.69 -49.56 -39.15
C LYS H 395 -34.74 -50.74 -40.10
N GLU H 396 -34.83 -50.44 -41.39
CA GLU H 396 -34.87 -51.45 -42.42
C GLU H 396 -34.02 -52.68 -42.09
N LEU H 397 -32.72 -52.45 -42.00
CA LEU H 397 -31.72 -53.50 -41.75
C LEU H 397 -31.73 -54.12 -40.35
N GLU H 398 -32.65 -53.65 -39.52
CA GLU H 398 -32.78 -54.15 -38.17
C GLU H 398 -33.84 -55.21 -38.29
N ASN H 399 -34.88 -54.89 -39.05
CA ASN H 399 -35.92 -55.87 -39.30
C ASN H 399 -35.76 -56.26 -40.75
N PRO H 400 -34.72 -57.04 -41.04
CA PRO H 400 -34.46 -57.48 -42.40
C PRO H 400 -35.53 -58.52 -42.77
N ASN H 401 -36.73 -58.31 -42.28
CA ASN H 401 -37.83 -59.24 -42.52
C ASN H 401 -39.12 -58.44 -42.65
N ILE H 402 -39.06 -57.43 -43.52
CA ILE H 402 -40.18 -56.54 -43.77
C ILE H 402 -39.95 -55.96 -45.16
N ILE H 403 -39.26 -56.76 -45.97
CA ILE H 403 -38.89 -56.41 -47.33
C ILE H 403 -39.96 -56.81 -48.35
N ASP H 404 -41.09 -56.12 -48.30
CA ASP H 404 -42.20 -56.38 -49.20
C ASP H 404 -41.80 -55.96 -50.60
N LYS H 405 -42.30 -56.66 -51.60
CA LYS H 405 -41.98 -56.32 -52.98
C LYS H 405 -42.00 -54.81 -53.05
N SER H 406 -43.08 -54.24 -52.52
CA SER H 406 -43.24 -52.80 -52.51
C SER H 406 -41.98 -52.14 -51.95
N ARG H 407 -41.91 -52.01 -50.63
CA ARG H 407 -40.77 -51.38 -49.97
C ARG H 407 -39.47 -52.08 -50.35
N MET H 408 -38.81 -51.57 -51.39
CA MET H 408 -37.53 -52.09 -51.86
C MET H 408 -37.29 -51.80 -53.33
N ARG H 409 -38.32 -52.01 -54.15
CA ARG H 409 -38.17 -51.74 -55.57
C ARG H 409 -37.65 -50.32 -55.69
N ARG H 410 -38.06 -49.50 -54.75
CA ARG H 410 -37.62 -48.11 -54.67
C ARG H 410 -36.13 -48.10 -54.42
N ILE H 411 -35.71 -48.95 -53.49
CA ILE H 411 -34.31 -49.04 -53.16
C ILE H 411 -33.73 -49.55 -54.47
N ALA H 412 -34.41 -50.55 -55.02
CA ALA H 412 -34.00 -51.15 -56.28
C ALA H 412 -33.67 -50.02 -57.22
N GLU H 413 -34.68 -49.24 -57.58
CA GLU H 413 -34.43 -48.14 -58.48
C GLU H 413 -33.67 -47.04 -57.75
N GLY H 414 -34.14 -46.67 -56.57
CA GLY H 414 -33.49 -45.62 -55.78
C GLY H 414 -31.99 -45.82 -55.70
N SER H 415 -31.56 -47.07 -55.69
CA SER H 415 -30.14 -47.39 -55.65
C SER H 415 -29.67 -47.55 -57.10
N GLY H 416 -30.63 -47.61 -58.01
CA GLY H 416 -30.35 -47.73 -59.43
C GLY H 416 -30.28 -49.12 -60.00
N LEU H 417 -30.49 -50.13 -59.16
CA LEU H 417 -30.41 -51.52 -59.62
C LEU H 417 -31.75 -52.17 -59.94
N GLU H 418 -31.93 -52.57 -61.19
CA GLU H 418 -33.16 -53.22 -61.59
C GLU H 418 -33.44 -54.36 -60.61
N VAL H 419 -34.62 -54.32 -60.00
CA VAL H 419 -35.07 -55.34 -59.04
C VAL H 419 -34.09 -56.48 -58.84
N GLU H 420 -34.45 -57.61 -59.42
CA GLU H 420 -33.69 -58.85 -59.37
C GLU H 420 -32.50 -58.81 -58.42
N GLU H 421 -31.42 -58.16 -58.85
CA GLU H 421 -30.20 -58.03 -58.04
C GLU H 421 -30.47 -58.17 -56.54
N VAL H 422 -31.47 -57.45 -56.07
CA VAL H 422 -31.84 -57.43 -54.68
C VAL H 422 -32.49 -58.69 -54.15
N ARG H 423 -33.72 -58.94 -54.57
CA ARG H 423 -34.40 -60.15 -54.11
C ARG H 423 -33.25 -61.15 -54.12
N GLU H 424 -32.54 -61.15 -55.25
CA GLU H 424 -31.39 -62.00 -55.47
C GLU H 424 -30.25 -61.62 -54.55
N LEU H 425 -30.52 -61.55 -53.26
CA LEU H 425 -29.47 -61.21 -52.32
C LEU H 425 -30.07 -61.27 -50.94
N LEU H 426 -31.26 -60.70 -50.84
CA LEU H 426 -32.00 -60.68 -49.60
C LEU H 426 -31.84 -61.94 -48.77
N GLU H 427 -31.68 -63.06 -49.45
CA GLU H 427 -31.54 -64.36 -48.83
C GLU H 427 -30.10 -64.65 -48.43
N TRP H 428 -29.15 -64.11 -49.20
CA TRP H 428 -27.74 -64.31 -48.92
C TRP H 428 -27.50 -63.60 -47.63
N TYR H 429 -28.62 -63.28 -47.01
CA TYR H 429 -28.65 -62.54 -45.78
C TYR H 429 -29.42 -63.30 -44.74
N ASN H 430 -30.62 -63.70 -45.13
CA ASN H 430 -31.50 -64.45 -44.24
C ASN H 430 -31.15 -65.91 -44.22
N ASN H 431 -30.23 -66.31 -45.10
CA ASN H 431 -29.79 -67.70 -45.11
C ASN H 431 -28.44 -67.71 -44.44
N MET H 432 -27.59 -66.74 -44.77
CA MET H 432 -26.29 -66.65 -44.14
C MET H 432 -26.53 -67.10 -42.69
N ASN H 433 -27.15 -66.20 -41.94
CA ASN H 433 -27.54 -66.44 -40.57
C ASN H 433 -28.00 -67.89 -40.48
N ARG H 434 -29.17 -68.14 -41.05
CA ARG H 434 -29.80 -69.47 -41.08
C ARG H 434 -28.74 -70.49 -40.78
N LEU H 435 -27.86 -70.64 -41.75
CA LEU H 435 -26.76 -71.56 -41.64
C LEU H 435 -25.93 -70.99 -40.51
N LEU H 436 -25.37 -69.82 -40.77
CA LEU H 436 -24.56 -69.09 -39.80
C LEU H 436 -24.98 -69.47 -38.39
N LYS H 437 -26.14 -68.97 -38.02
CA LYS H 437 -26.73 -69.20 -36.73
C LYS H 437 -26.80 -70.66 -36.31
N MET H 438 -26.28 -71.57 -37.14
CA MET H 438 -26.40 -72.95 -36.75
C MET H 438 -25.50 -73.46 -35.65
N VAL H 439 -25.76 -72.96 -34.46
CA VAL H 439 -25.02 -73.33 -33.28
C VAL H 439 -25.76 -74.44 -32.54
N LYS H 440 -25.36 -75.67 -32.82
CA LYS H 440 -25.96 -76.85 -32.20
C LYS H 440 -27.49 -76.85 -32.29
#